data_2CIU
# 
_entry.id   2CIU 
# 
_audit_conform.dict_name       mmcif_pdbx.dic 
_audit_conform.dict_version    5.391 
_audit_conform.dict_location   http://mmcif.pdb.org/dictionaries/ascii/mmcif_pdbx.dic 
# 
loop_
_database_2.database_id 
_database_2.database_code 
_database_2.pdbx_database_accession 
_database_2.pdbx_DOI 
PDB   2CIU         pdb_00002ciu 10.2210/pdb2ciu/pdb 
PDBE  EBI-28197    ?            ?                   
WWPDB D_1290028197 ?            ?                   
# 
loop_
_pdbx_audit_revision_history.ordinal 
_pdbx_audit_revision_history.data_content_type 
_pdbx_audit_revision_history.major_revision 
_pdbx_audit_revision_history.minor_revision 
_pdbx_audit_revision_history.revision_date 
1 'Structure model' 1 0 2006-12-21 
2 'Structure model' 1 1 2011-05-08 
3 'Structure model' 1 2 2011-07-13 
4 'Structure model' 1 3 2024-05-08 
# 
_pdbx_audit_revision_details.ordinal             1 
_pdbx_audit_revision_details.revision_ordinal    1 
_pdbx_audit_revision_details.data_content_type   'Structure model' 
_pdbx_audit_revision_details.provider            repository 
_pdbx_audit_revision_details.type                'Initial release' 
_pdbx_audit_revision_details.description         ? 
_pdbx_audit_revision_details.details             ? 
# 
loop_
_pdbx_audit_revision_group.ordinal 
_pdbx_audit_revision_group.revision_ordinal 
_pdbx_audit_revision_group.data_content_type 
_pdbx_audit_revision_group.group 
1 2 'Structure model' 'Version format compliance' 
2 3 'Structure model' 'Version format compliance' 
3 4 'Structure model' 'Data collection'           
4 4 'Structure model' 'Database references'       
5 4 'Structure model' Other                       
# 
loop_
_pdbx_audit_revision_category.ordinal 
_pdbx_audit_revision_category.revision_ordinal 
_pdbx_audit_revision_category.data_content_type 
_pdbx_audit_revision_category.category 
1 4 'Structure model' chem_comp_atom       
2 4 'Structure model' chem_comp_bond       
3 4 'Structure model' database_2           
4 4 'Structure model' pdbx_database_status 
# 
loop_
_pdbx_audit_revision_item.ordinal 
_pdbx_audit_revision_item.revision_ordinal 
_pdbx_audit_revision_item.data_content_type 
_pdbx_audit_revision_item.item 
1 4 'Structure model' '_database_2.pdbx_DOI'                 
2 4 'Structure model' '_database_2.pdbx_database_accession'  
3 4 'Structure model' '_pdbx_database_status.status_code_sf' 
# 
_pdbx_database_status.status_code                     REL 
_pdbx_database_status.entry_id                        2CIU 
_pdbx_database_status.deposit_site                    PDBE 
_pdbx_database_status.process_site                    PDBE 
_pdbx_database_status.SG_entry                        . 
_pdbx_database_status.recvd_initial_deposition_date   2006-03-24 
_pdbx_database_status.pdb_format_compatible           Y 
_pdbx_database_status.status_code_sf                  REL 
_pdbx_database_status.status_code_mr                  ? 
_pdbx_database_status.status_code_cs                  ? 
_pdbx_database_status.methods_development_category    ? 
_pdbx_database_status.status_code_nmr_data            ? 
# 
loop_
_audit_author.name 
_audit_author.pdbx_ordinal 
'Albrecht, R.' 1 
'Zeth, K.'     2 
'Rehling, P.'  3 
'Pfanner, N.'  4 
# 
_citation.id                        primary 
_citation.title                     'The Tim21 Binding Domain Connects the Preprotein Translocases of Both Mitochondrial Membranes' 
_citation.journal_abbrev            'Embo Rep.' 
_citation.journal_volume            7 
_citation.page_first                1233 
_citation.page_last                 ? 
_citation.year                      2006 
_citation.journal_id_ASTM           ? 
_citation.country                   UK 
_citation.journal_id_ISSN           1469-221X 
_citation.journal_id_CSD            ? 
_citation.book_publisher            ? 
_citation.pdbx_database_id_PubMed   17099692 
_citation.pdbx_database_id_DOI      10.1038/SJ.EMBOR.7400828 
# 
loop_
_citation_author.citation_id 
_citation_author.name 
_citation_author.ordinal 
_citation_author.identifier_ORCID 
primary 'Albrecht, R.'   1 ? 
primary 'Rehling, P.'    2 ? 
primary 'Chacinska, A.'  3 ? 
primary 'Brix, J.'       4 ? 
primary 'Cadamuro, S.A.' 5 ? 
primary 'Volkmer, R.'    6 ? 
primary 'Guiard, B.'     7 ? 
primary 'Pfanner, N.'    8 ? 
primary 'Zeth, K.'       9 ? 
# 
loop_
_entity.id 
_entity.type 
_entity.src_method 
_entity.pdbx_description 
_entity.formula_weight 
_entity.pdbx_number_of_molecules 
_entity.pdbx_ec 
_entity.pdbx_mutation 
_entity.pdbx_fragment 
_entity.details 
1 polymer man 'IMPORT INNER MEMBRANE TRANSLOCASE SUBUNIT TIM21 MITOCHONDRIAL' 14763.003 1   ? ? 'IMS DOMAIN, RESIDUES 103-225' ? 
2 water   nat water                                                           18.015    167 ? ? ?                              ? 
# 
_entity_name_com.entity_id   1 
_entity_name_com.name        TIM21P 
# 
_entity_poly.entity_id                      1 
_entity_poly.type                           'polypeptide(L)' 
_entity_poly.nstd_linkage                   no 
_entity_poly.nstd_monomer                   no 
_entity_poly.pdbx_seq_one_letter_code       
;GAMGSGDTQLFNRAVSMVEKNKDIRSLLQCDDGITGKERLKAYGELITNDKWTRNRPIVSTKKLDKEGRTHHYMRFHVES
KKKIALVHLEAKESKQNYQPDFINMYVDVPGEKRYYLIKPKLHPVSN
;
_entity_poly.pdbx_seq_one_letter_code_can   
;GAMGSGDTQLFNRAVSMVEKNKDIRSLLQCDDGITGKERLKAYGELITNDKWTRNRPIVSTKKLDKEGRTHHYMRFHVES
KKKIALVHLEAKESKQNYQPDFINMYVDVPGEKRYYLIKPKLHPVSN
;
_entity_poly.pdbx_strand_id                 A 
_entity_poly.pdbx_target_identifier         ? 
# 
_pdbx_entity_nonpoly.entity_id   2 
_pdbx_entity_nonpoly.name        water 
_pdbx_entity_nonpoly.comp_id     HOH 
# 
loop_
_entity_poly_seq.entity_id 
_entity_poly_seq.num 
_entity_poly_seq.mon_id 
_entity_poly_seq.hetero 
1 1   GLY n 
1 2   ALA n 
1 3   MET n 
1 4   GLY n 
1 5   SER n 
1 6   GLY n 
1 7   ASP n 
1 8   THR n 
1 9   GLN n 
1 10  LEU n 
1 11  PHE n 
1 12  ASN n 
1 13  ARG n 
1 14  ALA n 
1 15  VAL n 
1 16  SER n 
1 17  MET n 
1 18  VAL n 
1 19  GLU n 
1 20  LYS n 
1 21  ASN n 
1 22  LYS n 
1 23  ASP n 
1 24  ILE n 
1 25  ARG n 
1 26  SER n 
1 27  LEU n 
1 28  LEU n 
1 29  GLN n 
1 30  CYS n 
1 31  ASP n 
1 32  ASP n 
1 33  GLY n 
1 34  ILE n 
1 35  THR n 
1 36  GLY n 
1 37  LYS n 
1 38  GLU n 
1 39  ARG n 
1 40  LEU n 
1 41  LYS n 
1 42  ALA n 
1 43  TYR n 
1 44  GLY n 
1 45  GLU n 
1 46  LEU n 
1 47  ILE n 
1 48  THR n 
1 49  ASN n 
1 50  ASP n 
1 51  LYS n 
1 52  TRP n 
1 53  THR n 
1 54  ARG n 
1 55  ASN n 
1 56  ARG n 
1 57  PRO n 
1 58  ILE n 
1 59  VAL n 
1 60  SER n 
1 61  THR n 
1 62  LYS n 
1 63  LYS n 
1 64  LEU n 
1 65  ASP n 
1 66  LYS n 
1 67  GLU n 
1 68  GLY n 
1 69  ARG n 
1 70  THR n 
1 71  HIS n 
1 72  HIS n 
1 73  TYR n 
1 74  MET n 
1 75  ARG n 
1 76  PHE n 
1 77  HIS n 
1 78  VAL n 
1 79  GLU n 
1 80  SER n 
1 81  LYS n 
1 82  LYS n 
1 83  LYS n 
1 84  ILE n 
1 85  ALA n 
1 86  LEU n 
1 87  VAL n 
1 88  HIS n 
1 89  LEU n 
1 90  GLU n 
1 91  ALA n 
1 92  LYS n 
1 93  GLU n 
1 94  SER n 
1 95  LYS n 
1 96  GLN n 
1 97  ASN n 
1 98  TYR n 
1 99  GLN n 
1 100 PRO n 
1 101 ASP n 
1 102 PHE n 
1 103 ILE n 
1 104 ASN n 
1 105 MET n 
1 106 TYR n 
1 107 VAL n 
1 108 ASP n 
1 109 VAL n 
1 110 PRO n 
1 111 GLY n 
1 112 GLU n 
1 113 LYS n 
1 114 ARG n 
1 115 TYR n 
1 116 TYR n 
1 117 LEU n 
1 118 ILE n 
1 119 LYS n 
1 120 PRO n 
1 121 LYS n 
1 122 LEU n 
1 123 HIS n 
1 124 PRO n 
1 125 VAL n 
1 126 SER n 
1 127 ASN n 
# 
_entity_src_gen.entity_id                          1 
_entity_src_gen.pdbx_src_id                        1 
_entity_src_gen.pdbx_alt_source_flag               sample 
_entity_src_gen.pdbx_seq_type                      ? 
_entity_src_gen.pdbx_beg_seq_num                   ? 
_entity_src_gen.pdbx_end_seq_num                   ? 
_entity_src_gen.gene_src_common_name               
;BAKER'S YEAST
;
_entity_src_gen.gene_src_genus                     ? 
_entity_src_gen.pdbx_gene_src_gene                 ? 
_entity_src_gen.gene_src_species                   ? 
_entity_src_gen.gene_src_strain                    ? 
_entity_src_gen.gene_src_tissue                    ? 
_entity_src_gen.gene_src_tissue_fraction           ? 
_entity_src_gen.gene_src_details                   ? 
_entity_src_gen.pdbx_gene_src_fragment             ? 
_entity_src_gen.pdbx_gene_src_scientific_name      'SACCHAROMYCES CEREVISIAE' 
_entity_src_gen.pdbx_gene_src_ncbi_taxonomy_id     4932 
_entity_src_gen.pdbx_gene_src_variant              ? 
_entity_src_gen.pdbx_gene_src_cell_line            ? 
_entity_src_gen.pdbx_gene_src_atcc                 ? 
_entity_src_gen.pdbx_gene_src_organ                MITOCHONDRIUM 
_entity_src_gen.pdbx_gene_src_organelle            ? 
_entity_src_gen.pdbx_gene_src_cell                 ? 
_entity_src_gen.pdbx_gene_src_cellular_location    ? 
_entity_src_gen.host_org_common_name               ? 
_entity_src_gen.pdbx_host_org_scientific_name      'ESCHERICHIA COLI' 
_entity_src_gen.pdbx_host_org_ncbi_taxonomy_id     469008 
_entity_src_gen.host_org_genus                     ? 
_entity_src_gen.pdbx_host_org_gene                 ? 
_entity_src_gen.pdbx_host_org_organ                ? 
_entity_src_gen.host_org_species                   ? 
_entity_src_gen.pdbx_host_org_tissue               ? 
_entity_src_gen.pdbx_host_org_tissue_fraction      ? 
_entity_src_gen.pdbx_host_org_strain               'BL21(DE3)' 
_entity_src_gen.pdbx_host_org_variant              ? 
_entity_src_gen.pdbx_host_org_cell_line            ? 
_entity_src_gen.pdbx_host_org_atcc                 ? 
_entity_src_gen.pdbx_host_org_culture_collection   ? 
_entity_src_gen.pdbx_host_org_cell                 ? 
_entity_src_gen.pdbx_host_org_organelle            ? 
_entity_src_gen.pdbx_host_org_cellular_location    ? 
_entity_src_gen.pdbx_host_org_vector_type          ? 
_entity_src_gen.pdbx_host_org_vector               ? 
_entity_src_gen.host_org_details                   ? 
_entity_src_gen.expression_system_id               ? 
_entity_src_gen.plasmid_name                       PPROEXHTA 
_entity_src_gen.plasmid_details                    ? 
_entity_src_gen.pdbx_description                   ? 
# 
loop_
_chem_comp.id 
_chem_comp.type 
_chem_comp.mon_nstd_flag 
_chem_comp.name 
_chem_comp.pdbx_synonyms 
_chem_comp.formula 
_chem_comp.formula_weight 
ALA 'L-peptide linking' y ALANINE         ? 'C3 H7 N O2'     89.093  
ARG 'L-peptide linking' y ARGININE        ? 'C6 H15 N4 O2 1' 175.209 
ASN 'L-peptide linking' y ASPARAGINE      ? 'C4 H8 N2 O3'    132.118 
ASP 'L-peptide linking' y 'ASPARTIC ACID' ? 'C4 H7 N O4'     133.103 
CYS 'L-peptide linking' y CYSTEINE        ? 'C3 H7 N O2 S'   121.158 
GLN 'L-peptide linking' y GLUTAMINE       ? 'C5 H10 N2 O3'   146.144 
GLU 'L-peptide linking' y 'GLUTAMIC ACID' ? 'C5 H9 N O4'     147.129 
GLY 'peptide linking'   y GLYCINE         ? 'C2 H5 N O2'     75.067  
HIS 'L-peptide linking' y HISTIDINE       ? 'C6 H10 N3 O2 1' 156.162 
HOH non-polymer         . WATER           ? 'H2 O'           18.015  
ILE 'L-peptide linking' y ISOLEUCINE      ? 'C6 H13 N O2'    131.173 
LEU 'L-peptide linking' y LEUCINE         ? 'C6 H13 N O2'    131.173 
LYS 'L-peptide linking' y LYSINE          ? 'C6 H15 N2 O2 1' 147.195 
MET 'L-peptide linking' y METHIONINE      ? 'C5 H11 N O2 S'  149.211 
PHE 'L-peptide linking' y PHENYLALANINE   ? 'C9 H11 N O2'    165.189 
PRO 'L-peptide linking' y PROLINE         ? 'C5 H9 N O2'     115.130 
SER 'L-peptide linking' y SERINE          ? 'C3 H7 N O3'     105.093 
THR 'L-peptide linking' y THREONINE       ? 'C4 H9 N O3'     119.119 
TRP 'L-peptide linking' y TRYPTOPHAN      ? 'C11 H12 N2 O2'  204.225 
TYR 'L-peptide linking' y TYROSINE        ? 'C9 H11 N O3'    181.189 
VAL 'L-peptide linking' y VALINE          ? 'C5 H11 N O2'    117.146 
# 
loop_
_pdbx_poly_seq_scheme.asym_id 
_pdbx_poly_seq_scheme.entity_id 
_pdbx_poly_seq_scheme.seq_id 
_pdbx_poly_seq_scheme.mon_id 
_pdbx_poly_seq_scheme.ndb_seq_num 
_pdbx_poly_seq_scheme.pdb_seq_num 
_pdbx_poly_seq_scheme.auth_seq_num 
_pdbx_poly_seq_scheme.pdb_mon_id 
_pdbx_poly_seq_scheme.auth_mon_id 
_pdbx_poly_seq_scheme.pdb_strand_id 
_pdbx_poly_seq_scheme.pdb_ins_code 
_pdbx_poly_seq_scheme.hetero 
A 1 1   GLY 1   99  ?   ?   ?   A . n 
A 1 2   ALA 2   100 ?   ?   ?   A . n 
A 1 3   MET 3   101 ?   ?   ?   A . n 
A 1 4   GLY 4   102 ?   ?   ?   A . n 
A 1 5   SER 5   103 103 SER SER A . n 
A 1 6   GLY 6   104 104 GLY GLY A . n 
A 1 7   ASP 7   105 105 ASP ASP A . n 
A 1 8   THR 8   106 106 THR THR A . n 
A 1 9   GLN 9   107 107 GLN GLN A . n 
A 1 10  LEU 10  108 108 LEU LEU A . n 
A 1 11  PHE 11  109 109 PHE PHE A . n 
A 1 12  ASN 12  110 110 ASN ASN A . n 
A 1 13  ARG 13  111 111 ARG ARG A . n 
A 1 14  ALA 14  112 112 ALA ALA A . n 
A 1 15  VAL 15  113 113 VAL VAL A . n 
A 1 16  SER 16  114 114 SER SER A . n 
A 1 17  MET 17  115 115 MET MET A . n 
A 1 18  VAL 18  116 116 VAL VAL A . n 
A 1 19  GLU 19  117 117 GLU GLU A . n 
A 1 20  LYS 20  118 118 LYS LYS A . n 
A 1 21  ASN 21  119 119 ASN ASN A . n 
A 1 22  LYS 22  120 120 LYS LYS A . n 
A 1 23  ASP 23  121 121 ASP ASP A . n 
A 1 24  ILE 24  122 122 ILE ILE A . n 
A 1 25  ARG 25  123 123 ARG ARG A . n 
A 1 26  SER 26  124 124 SER SER A . n 
A 1 27  LEU 27  125 125 LEU LEU A . n 
A 1 28  LEU 28  126 126 LEU LEU A . n 
A 1 29  GLN 29  127 127 GLN GLN A . n 
A 1 30  CYS 30  128 128 CYS CYS A . n 
A 1 31  ASP 31  129 129 ASP ASP A . n 
A 1 32  ASP 32  130 130 ASP ASP A . n 
A 1 33  GLY 33  131 131 GLY GLY A . n 
A 1 34  ILE 34  132 132 ILE ILE A . n 
A 1 35  THR 35  133 133 THR THR A . n 
A 1 36  GLY 36  134 134 GLY GLY A . n 
A 1 37  LYS 37  135 135 LYS LYS A . n 
A 1 38  GLU 38  136 136 GLU GLU A . n 
A 1 39  ARG 39  137 137 ARG ARG A . n 
A 1 40  LEU 40  138 138 LEU LEU A . n 
A 1 41  LYS 41  139 139 LYS LYS A . n 
A 1 42  ALA 42  140 140 ALA ALA A . n 
A 1 43  TYR 43  141 141 TYR TYR A . n 
A 1 44  GLY 44  142 142 GLY GLY A . n 
A 1 45  GLU 45  143 143 GLU GLU A . n 
A 1 46  LEU 46  144 144 LEU LEU A . n 
A 1 47  ILE 47  145 145 ILE ILE A . n 
A 1 48  THR 48  146 146 THR THR A . n 
A 1 49  ASN 49  147 147 ASN ASN A . n 
A 1 50  ASP 50  148 148 ASP ASP A . n 
A 1 51  LYS 51  149 149 LYS LYS A . n 
A 1 52  TRP 52  150 150 TRP TRP A . n 
A 1 53  THR 53  151 151 THR THR A . n 
A 1 54  ARG 54  152 152 ARG ARG A . n 
A 1 55  ASN 55  153 153 ASN ASN A . n 
A 1 56  ARG 56  154 154 ARG ARG A . n 
A 1 57  PRO 57  155 155 PRO PRO A . n 
A 1 58  ILE 58  156 156 ILE ILE A . n 
A 1 59  VAL 59  157 157 VAL VAL A . n 
A 1 60  SER 60  158 158 SER SER A . n 
A 1 61  THR 61  159 159 THR THR A . n 
A 1 62  LYS 62  160 160 LYS LYS A . n 
A 1 63  LYS 63  161 161 LYS LYS A . n 
A 1 64  LEU 64  162 162 LEU LEU A . n 
A 1 65  ASP 65  163 163 ASP ASP A . n 
A 1 66  LYS 66  164 164 LYS LYS A . n 
A 1 67  GLU 67  165 165 GLU GLU A . n 
A 1 68  GLY 68  166 166 GLY GLY A . n 
A 1 69  ARG 69  167 167 ARG ARG A . n 
A 1 70  THR 70  168 168 THR THR A . n 
A 1 71  HIS 71  169 169 HIS HIS A . n 
A 1 72  HIS 72  170 170 HIS HIS A . n 
A 1 73  TYR 73  171 171 TYR TYR A . n 
A 1 74  MET 74  172 172 MET MET A . n 
A 1 75  ARG 75  173 173 ARG ARG A . n 
A 1 76  PHE 76  174 174 PHE PHE A . n 
A 1 77  HIS 77  175 175 HIS HIS A . n 
A 1 78  VAL 78  176 176 VAL VAL A . n 
A 1 79  GLU 79  177 177 GLU GLU A . n 
A 1 80  SER 80  178 178 SER SER A . n 
A 1 81  LYS 81  179 179 LYS LYS A . n 
A 1 82  LYS 82  180 180 LYS LYS A . n 
A 1 83  LYS 83  181 181 LYS LYS A . n 
A 1 84  ILE 84  182 182 ILE ILE A . n 
A 1 85  ALA 85  183 183 ALA ALA A . n 
A 1 86  LEU 86  184 184 LEU LEU A . n 
A 1 87  VAL 87  185 185 VAL VAL A . n 
A 1 88  HIS 88  186 186 HIS HIS A . n 
A 1 89  LEU 89  187 187 LEU LEU A . n 
A 1 90  GLU 90  188 188 GLU GLU A . n 
A 1 91  ALA 91  189 189 ALA ALA A . n 
A 1 92  LYS 92  190 190 LYS LYS A . n 
A 1 93  GLU 93  191 191 GLU GLU A . n 
A 1 94  SER 94  192 192 SER SER A . n 
A 1 95  LYS 95  193 193 LYS LYS A . n 
A 1 96  GLN 96  194 194 GLN GLN A . n 
A 1 97  ASN 97  195 195 ASN ASN A . n 
A 1 98  TYR 98  196 196 TYR TYR A . n 
A 1 99  GLN 99  197 197 GLN GLN A . n 
A 1 100 PRO 100 198 198 PRO PRO A . n 
A 1 101 ASP 101 199 199 ASP ASP A . n 
A 1 102 PHE 102 200 200 PHE PHE A . n 
A 1 103 ILE 103 201 201 ILE ILE A . n 
A 1 104 ASN 104 202 202 ASN ASN A . n 
A 1 105 MET 105 203 203 MET MET A . n 
A 1 106 TYR 106 204 204 TYR TYR A . n 
A 1 107 VAL 107 205 205 VAL VAL A . n 
A 1 108 ASP 108 206 206 ASP ASP A . n 
A 1 109 VAL 109 207 207 VAL VAL A . n 
A 1 110 PRO 110 208 208 PRO PRO A . n 
A 1 111 GLY 111 209 209 GLY GLY A . n 
A 1 112 GLU 112 210 210 GLU GLU A . n 
A 1 113 LYS 113 211 211 LYS LYS A . n 
A 1 114 ARG 114 212 212 ARG ARG A . n 
A 1 115 TYR 115 213 213 TYR TYR A . n 
A 1 116 TYR 116 214 214 TYR TYR A . n 
A 1 117 LEU 117 215 215 LEU LEU A . n 
A 1 118 ILE 118 216 216 ILE ILE A . n 
A 1 119 LYS 119 217 217 LYS LYS A . n 
A 1 120 PRO 120 218 218 PRO PRO A . n 
A 1 121 LYS 121 219 219 LYS LYS A . n 
A 1 122 LEU 122 220 220 LEU LEU A . n 
A 1 123 HIS 123 221 221 HIS HIS A . n 
A 1 124 PRO 124 222 222 PRO PRO A . n 
A 1 125 VAL 125 223 223 VAL VAL A . n 
A 1 126 SER 126 224 224 SER SER A . n 
A 1 127 ASN 127 225 225 ASN ASN A . n 
# 
loop_
_pdbx_nonpoly_scheme.asym_id 
_pdbx_nonpoly_scheme.entity_id 
_pdbx_nonpoly_scheme.mon_id 
_pdbx_nonpoly_scheme.ndb_seq_num 
_pdbx_nonpoly_scheme.pdb_seq_num 
_pdbx_nonpoly_scheme.auth_seq_num 
_pdbx_nonpoly_scheme.pdb_mon_id 
_pdbx_nonpoly_scheme.auth_mon_id 
_pdbx_nonpoly_scheme.pdb_strand_id 
_pdbx_nonpoly_scheme.pdb_ins_code 
B 2 HOH 1   2001 2001 HOH HOH A . 
B 2 HOH 2   2002 2002 HOH HOH A . 
B 2 HOH 3   2003 2003 HOH HOH A . 
B 2 HOH 4   2004 2004 HOH HOH A . 
B 2 HOH 5   2005 2005 HOH HOH A . 
B 2 HOH 6   2006 2006 HOH HOH A . 
B 2 HOH 7   2007 2007 HOH HOH A . 
B 2 HOH 8   2008 2008 HOH HOH A . 
B 2 HOH 9   2009 2009 HOH HOH A . 
B 2 HOH 10  2010 2010 HOH HOH A . 
B 2 HOH 11  2011 2011 HOH HOH A . 
B 2 HOH 12  2012 2012 HOH HOH A . 
B 2 HOH 13  2013 2013 HOH HOH A . 
B 2 HOH 14  2014 2014 HOH HOH A . 
B 2 HOH 15  2015 2015 HOH HOH A . 
B 2 HOH 16  2016 2016 HOH HOH A . 
B 2 HOH 17  2017 2017 HOH HOH A . 
B 2 HOH 18  2018 2018 HOH HOH A . 
B 2 HOH 19  2019 2019 HOH HOH A . 
B 2 HOH 20  2020 2020 HOH HOH A . 
B 2 HOH 21  2021 2021 HOH HOH A . 
B 2 HOH 22  2022 2022 HOH HOH A . 
B 2 HOH 23  2023 2023 HOH HOH A . 
B 2 HOH 24  2024 2024 HOH HOH A . 
B 2 HOH 25  2025 2025 HOH HOH A . 
B 2 HOH 26  2026 2026 HOH HOH A . 
B 2 HOH 27  2027 2027 HOH HOH A . 
B 2 HOH 28  2028 2028 HOH HOH A . 
B 2 HOH 29  2029 2029 HOH HOH A . 
B 2 HOH 30  2030 2030 HOH HOH A . 
B 2 HOH 31  2031 2031 HOH HOH A . 
B 2 HOH 32  2032 2032 HOH HOH A . 
B 2 HOH 33  2033 2033 HOH HOH A . 
B 2 HOH 34  2034 2034 HOH HOH A . 
B 2 HOH 35  2035 2035 HOH HOH A . 
B 2 HOH 36  2036 2036 HOH HOH A . 
B 2 HOH 37  2037 2037 HOH HOH A . 
B 2 HOH 38  2038 2038 HOH HOH A . 
B 2 HOH 39  2039 2039 HOH HOH A . 
B 2 HOH 40  2040 2040 HOH HOH A . 
B 2 HOH 41  2041 2041 HOH HOH A . 
B 2 HOH 42  2042 2042 HOH HOH A . 
B 2 HOH 43  2043 2043 HOH HOH A . 
B 2 HOH 44  2044 2044 HOH HOH A . 
B 2 HOH 45  2045 2045 HOH HOH A . 
B 2 HOH 46  2046 2046 HOH HOH A . 
B 2 HOH 47  2047 2047 HOH HOH A . 
B 2 HOH 48  2048 2048 HOH HOH A . 
B 2 HOH 49  2049 2049 HOH HOH A . 
B 2 HOH 50  2050 2050 HOH HOH A . 
B 2 HOH 51  2051 2051 HOH HOH A . 
B 2 HOH 52  2052 2052 HOH HOH A . 
B 2 HOH 53  2053 2053 HOH HOH A . 
B 2 HOH 54  2054 2054 HOH HOH A . 
B 2 HOH 55  2055 2055 HOH HOH A . 
B 2 HOH 56  2056 2056 HOH HOH A . 
B 2 HOH 57  2057 2057 HOH HOH A . 
B 2 HOH 58  2058 2058 HOH HOH A . 
B 2 HOH 59  2059 2059 HOH HOH A . 
B 2 HOH 60  2060 2060 HOH HOH A . 
B 2 HOH 61  2061 2061 HOH HOH A . 
B 2 HOH 62  2062 2062 HOH HOH A . 
B 2 HOH 63  2063 2063 HOH HOH A . 
B 2 HOH 64  2064 2064 HOH HOH A . 
B 2 HOH 65  2065 2065 HOH HOH A . 
B 2 HOH 66  2066 2066 HOH HOH A . 
B 2 HOH 67  2067 2067 HOH HOH A . 
B 2 HOH 68  2068 2068 HOH HOH A . 
B 2 HOH 69  2069 2069 HOH HOH A . 
B 2 HOH 70  2070 2070 HOH HOH A . 
B 2 HOH 71  2071 2071 HOH HOH A . 
B 2 HOH 72  2072 2072 HOH HOH A . 
B 2 HOH 73  2073 2073 HOH HOH A . 
B 2 HOH 74  2074 2074 HOH HOH A . 
B 2 HOH 75  2075 2075 HOH HOH A . 
B 2 HOH 76  2076 2076 HOH HOH A . 
B 2 HOH 77  2077 2077 HOH HOH A . 
B 2 HOH 78  2078 2078 HOH HOH A . 
B 2 HOH 79  2079 2079 HOH HOH A . 
B 2 HOH 80  2080 2080 HOH HOH A . 
B 2 HOH 81  2081 2081 HOH HOH A . 
B 2 HOH 82  2082 2082 HOH HOH A . 
B 2 HOH 83  2083 2083 HOH HOH A . 
B 2 HOH 84  2084 2084 HOH HOH A . 
B 2 HOH 85  2085 2085 HOH HOH A . 
B 2 HOH 86  2086 2086 HOH HOH A . 
B 2 HOH 87  2087 2087 HOH HOH A . 
B 2 HOH 88  2088 2088 HOH HOH A . 
B 2 HOH 89  2089 2089 HOH HOH A . 
B 2 HOH 90  2090 2090 HOH HOH A . 
B 2 HOH 91  2091 2091 HOH HOH A . 
B 2 HOH 92  2092 2092 HOH HOH A . 
B 2 HOH 93  2093 2093 HOH HOH A . 
B 2 HOH 94  2094 2094 HOH HOH A . 
B 2 HOH 95  2095 2095 HOH HOH A . 
B 2 HOH 96  2096 2096 HOH HOH A . 
B 2 HOH 97  2097 2097 HOH HOH A . 
B 2 HOH 98  2098 2098 HOH HOH A . 
B 2 HOH 99  2099 2099 HOH HOH A . 
B 2 HOH 100 2100 2100 HOH HOH A . 
B 2 HOH 101 2101 2101 HOH HOH A . 
B 2 HOH 102 2102 2102 HOH HOH A . 
B 2 HOH 103 2103 2103 HOH HOH A . 
B 2 HOH 104 2104 2104 HOH HOH A . 
B 2 HOH 105 2105 2105 HOH HOH A . 
B 2 HOH 106 2106 2106 HOH HOH A . 
B 2 HOH 107 2107 2107 HOH HOH A . 
B 2 HOH 108 2108 2108 HOH HOH A . 
B 2 HOH 109 2109 2109 HOH HOH A . 
B 2 HOH 110 2110 2110 HOH HOH A . 
B 2 HOH 111 2111 2111 HOH HOH A . 
B 2 HOH 112 2112 2112 HOH HOH A . 
B 2 HOH 113 2113 2113 HOH HOH A . 
B 2 HOH 114 2114 2114 HOH HOH A . 
B 2 HOH 115 2115 2115 HOH HOH A . 
B 2 HOH 116 2116 2116 HOH HOH A . 
B 2 HOH 117 2117 2117 HOH HOH A . 
B 2 HOH 118 2118 2118 HOH HOH A . 
B 2 HOH 119 2119 2119 HOH HOH A . 
B 2 HOH 120 2120 2120 HOH HOH A . 
B 2 HOH 121 2121 2121 HOH HOH A . 
B 2 HOH 122 2122 2122 HOH HOH A . 
B 2 HOH 123 2123 2123 HOH HOH A . 
B 2 HOH 124 2124 2124 HOH HOH A . 
B 2 HOH 125 2125 2125 HOH HOH A . 
B 2 HOH 126 2126 2126 HOH HOH A . 
B 2 HOH 127 2127 2127 HOH HOH A . 
B 2 HOH 128 2128 2128 HOH HOH A . 
B 2 HOH 129 2129 2129 HOH HOH A . 
B 2 HOH 130 2130 2130 HOH HOH A . 
B 2 HOH 131 2131 2131 HOH HOH A . 
B 2 HOH 132 2132 2132 HOH HOH A . 
B 2 HOH 133 2133 2133 HOH HOH A . 
B 2 HOH 134 2134 2134 HOH HOH A . 
B 2 HOH 135 2135 2135 HOH HOH A . 
B 2 HOH 136 2136 2136 HOH HOH A . 
B 2 HOH 137 2137 2137 HOH HOH A . 
B 2 HOH 138 2138 2138 HOH HOH A . 
B 2 HOH 139 2139 2139 HOH HOH A . 
B 2 HOH 140 2140 2140 HOH HOH A . 
B 2 HOH 141 2141 2141 HOH HOH A . 
B 2 HOH 142 2142 2142 HOH HOH A . 
B 2 HOH 143 2143 2143 HOH HOH A . 
B 2 HOH 144 2144 2144 HOH HOH A . 
B 2 HOH 145 2145 2145 HOH HOH A . 
B 2 HOH 146 2146 2146 HOH HOH A . 
B 2 HOH 147 2147 2147 HOH HOH A . 
B 2 HOH 148 2148 2148 HOH HOH A . 
B 2 HOH 149 2149 2149 HOH HOH A . 
B 2 HOH 150 2150 2150 HOH HOH A . 
B 2 HOH 151 2151 2151 HOH HOH A . 
B 2 HOH 152 2152 2152 HOH HOH A . 
B 2 HOH 153 2153 2153 HOH HOH A . 
B 2 HOH 154 2154 2154 HOH HOH A . 
B 2 HOH 155 2155 2155 HOH HOH A . 
B 2 HOH 156 2156 2156 HOH HOH A . 
B 2 HOH 157 2157 2157 HOH HOH A . 
B 2 HOH 158 2158 2158 HOH HOH A . 
B 2 HOH 159 2159 2159 HOH HOH A . 
B 2 HOH 160 2160 2160 HOH HOH A . 
B 2 HOH 161 2161 2161 HOH HOH A . 
B 2 HOH 162 2162 2162 HOH HOH A . 
B 2 HOH 163 2163 2163 HOH HOH A . 
B 2 HOH 164 2164 2164 HOH HOH A . 
B 2 HOH 165 2165 2165 HOH HOH A . 
B 2 HOH 166 2166 2166 HOH HOH A . 
B 2 HOH 167 2167 2167 HOH HOH A . 
# 
loop_
_pdbx_unobs_or_zero_occ_atoms.id 
_pdbx_unobs_or_zero_occ_atoms.PDB_model_num 
_pdbx_unobs_or_zero_occ_atoms.polymer_flag 
_pdbx_unobs_or_zero_occ_atoms.occupancy_flag 
_pdbx_unobs_or_zero_occ_atoms.auth_asym_id 
_pdbx_unobs_or_zero_occ_atoms.auth_comp_id 
_pdbx_unobs_or_zero_occ_atoms.auth_seq_id 
_pdbx_unobs_or_zero_occ_atoms.PDB_ins_code 
_pdbx_unobs_or_zero_occ_atoms.auth_atom_id 
_pdbx_unobs_or_zero_occ_atoms.label_alt_id 
_pdbx_unobs_or_zero_occ_atoms.label_asym_id 
_pdbx_unobs_or_zero_occ_atoms.label_comp_id 
_pdbx_unobs_or_zero_occ_atoms.label_seq_id 
_pdbx_unobs_or_zero_occ_atoms.label_atom_id 
1  1 Y 1 A LYS 118 ? CG ? A LYS 20 CG 
2  1 Y 1 A LYS 118 ? CD ? A LYS 20 CD 
3  1 Y 1 A LYS 118 ? CE ? A LYS 20 CE 
4  1 Y 1 A LYS 118 ? NZ ? A LYS 20 NZ 
5  1 Y 1 A LYS 120 ? CG ? A LYS 22 CG 
6  1 Y 1 A LYS 120 ? CD ? A LYS 22 CD 
7  1 Y 1 A LYS 120 ? CE ? A LYS 22 CE 
8  1 Y 1 A LYS 120 ? NZ ? A LYS 22 NZ 
9  1 Y 1 A LYS 193 ? CG ? A LYS 95 CG 
10 1 Y 1 A LYS 193 ? CD ? A LYS 95 CD 
11 1 Y 1 A LYS 193 ? CE ? A LYS 95 CE 
12 1 Y 1 A LYS 193 ? NZ ? A LYS 95 NZ 
# 
loop_
_software.name 
_software.classification 
_software.version 
_software.citation_id 
_software.pdbx_ordinal 
CNS    refinement       1.1 ? 1 
XDS    'data reduction' .   ? 2 
XSCALE 'data scaling'   .   ? 3 
SOLVE  phasing          .   ? 4 
# 
_cell.entry_id           2CIU 
_cell.length_a           32.310 
_cell.length_b           58.820 
_cell.length_c           62.550 
_cell.angle_alpha        90.00 
_cell.angle_beta         90.00 
_cell.angle_gamma        90.00 
_cell.Z_PDB              4 
_cell.pdbx_unique_axis   ? 
# 
_symmetry.entry_id                         2CIU 
_symmetry.space_group_name_H-M             'P 21 21 21' 
_symmetry.pdbx_full_space_group_name_H-M   ? 
_symmetry.cell_setting                     ? 
_symmetry.Int_Tables_number                19 
# 
_exptl.entry_id          2CIU 
_exptl.method            'X-RAY DIFFRACTION' 
_exptl.crystals_number   1 
# 
_exptl_crystal.id                    1 
_exptl_crystal.density_meas          ? 
_exptl_crystal.density_Matthews      2.02 
_exptl_crystal.density_percent_sol   39 
_exptl_crystal.description           ? 
# 
_exptl_crystal_grow.crystal_id      1 
_exptl_crystal_grow.method          ? 
_exptl_crystal_grow.temp            ? 
_exptl_crystal_grow.temp_details    ? 
_exptl_crystal_grow.pH              6.00 
_exptl_crystal_grow.pdbx_pH_range   ? 
_exptl_crystal_grow.pdbx_details    '0.2 M LI2SO4, 0.1 M BIS-TRIS PH 6.5, 25% PEG 3350' 
# 
_diffrn.id                     1 
_diffrn.ambient_temp           100.0 
_diffrn.ambient_temp_details   ? 
_diffrn.crystal_id             1 
# 
_diffrn_detector.diffrn_id              1 
_diffrn_detector.detector               CCD 
_diffrn_detector.type                   MARRESEARCH 
_diffrn_detector.pdbx_collection_date   2005-01-29 
_diffrn_detector.details                ? 
# 
_diffrn_radiation.diffrn_id                        1 
_diffrn_radiation.wavelength_id                    1 
_diffrn_radiation.pdbx_monochromatic_or_laue_m_l   M 
_diffrn_radiation.monochromator                    ? 
_diffrn_radiation.pdbx_diffrn_protocol             'SINGLE WAVELENGTH' 
_diffrn_radiation.pdbx_scattering_type             x-ray 
# 
_diffrn_radiation_wavelength.id           1 
_diffrn_radiation_wavelength.wavelength   1.05 
_diffrn_radiation_wavelength.wt           1.0 
# 
_diffrn_source.diffrn_id                   1 
_diffrn_source.source                      SYNCHROTRON 
_diffrn_source.type                        'MPG/DESY, HAMBURG BEAMLINE BW6' 
_diffrn_source.pdbx_synchrotron_site       'MPG/DESY, HAMBURG' 
_diffrn_source.pdbx_synchrotron_beamline   BW6 
_diffrn_source.pdbx_wavelength             1.05 
_diffrn_source.pdbx_wavelength_list        ? 
# 
_reflns.pdbx_diffrn_id               1 
_reflns.pdbx_ordinal                 1 
_reflns.entry_id                     2CIU 
_reflns.observed_criterion_sigma_I   3.720 
_reflns.observed_criterion_sigma_F   ? 
_reflns.d_resolution_low             20.000 
_reflns.d_resolution_high            1.600 
_reflns.number_obs                   16515 
_reflns.number_all                   ? 
_reflns.percent_possible_obs         97.5 
_reflns.pdbx_Rmerge_I_obs            0.06000 
_reflns.pdbx_Rsym_value              ? 
_reflns.pdbx_netI_over_sigmaI        18.0000 
_reflns.B_iso_Wilson_estimate        21.4 
_reflns.pdbx_redundancy              3.330 
# 
_reflns_shell.pdbx_diffrn_id         1 
_reflns_shell.pdbx_ordinal           1 
_reflns_shell.d_res_high             1.58 
_reflns_shell.d_res_low              1.68 
_reflns_shell.percent_possible_all   94.0 
_reflns_shell.Rmerge_I_obs           0.33000 
_reflns_shell.pdbx_Rsym_value        ? 
_reflns_shell.meanI_over_sigI_obs    3.720 
_reflns_shell.pdbx_redundancy        3.27 
# 
_refine.pdbx_refine_id                           'X-RAY DIFFRACTION' 
_refine.entry_id                                 2CIU 
_refine.pdbx_diffrn_id                           1 
_refine.pdbx_TLS_residual_ADP_flag               ? 
_refine.ls_number_reflns_obs                     16047 
_refine.ls_number_reflns_all                     ? 
_refine.pdbx_ls_sigma_I                          ? 
_refine.pdbx_ls_sigma_F                          0.0 
_refine.pdbx_data_cutoff_high_absF               909332.09 
_refine.pdbx_data_cutoff_low_absF                ? 
_refine.pdbx_data_cutoff_high_rms_absF           ? 
_refine.ls_d_res_low                             20.0 
_refine.ls_d_res_high                            1.6 
_refine.ls_percent_reflns_obs                    98.3 
_refine.ls_R_factor_obs                          0.1975 
_refine.ls_R_factor_all                          ? 
_refine.ls_R_factor_R_work                       0.1975 
_refine.ls_R_factor_R_free                       0.2483 
_refine.ls_R_factor_R_free_error                 0.009 
_refine.ls_R_factor_R_free_error_details         ? 
_refine.ls_percent_reflns_R_free                 4.9 
_refine.ls_number_reflns_R_free                  803 
_refine.ls_number_parameters                     ? 
_refine.ls_number_restraints                     ? 
_refine.occupancy_min                            ? 
_refine.occupancy_max                            ? 
_refine.correlation_coeff_Fo_to_Fc               ? 
_refine.correlation_coeff_Fo_to_Fc_free          ? 
_refine.B_iso_mean                               22.9 
_refine.aniso_B[1][1]                            -1.929 
_refine.aniso_B[2][2]                            3.050 
_refine.aniso_B[3][3]                            -1.122 
_refine.aniso_B[1][2]                            0.000 
_refine.aniso_B[1][3]                            0.000 
_refine.aniso_B[2][3]                            0.000 
_refine.solvent_model_details                    ? 
_refine.solvent_model_param_ksol                 0.419383 
_refine.solvent_model_param_bsol                 68.9141 
_refine.pdbx_solvent_vdw_probe_radii             ? 
_refine.pdbx_solvent_ion_probe_radii             ? 
_refine.pdbx_solvent_shrinkage_radii             ? 
_refine.pdbx_ls_cross_valid_method               THROUGHOUT 
_refine.details                                  ? 
_refine.pdbx_starting_model                      ? 
_refine.pdbx_method_to_determine_struct          MAD 
_refine.pdbx_isotropic_thermal_model             ? 
_refine.pdbx_stereochemistry_target_values       ? 
_refine.pdbx_stereochem_target_val_spec_case     ? 
_refine.pdbx_R_Free_selection_details            RANDOM 
_refine.pdbx_overall_ESU_R                       ? 
_refine.pdbx_overall_ESU_R_Free                  ? 
_refine.overall_SU_ML                            ? 
_refine.pdbx_overall_phase_error                 ? 
_refine.overall_SU_B                             ? 
_refine.overall_SU_R_Cruickshank_DPI             ? 
_refine.pdbx_overall_SU_R_free_Cruickshank_DPI   ? 
_refine.pdbx_overall_SU_R_Blow_DPI               ? 
_refine.pdbx_overall_SU_R_free_Blow_DPI          ? 
# 
_refine_analyze.pdbx_refine_id                  'X-RAY DIFFRACTION' 
_refine_analyze.entry_id                        2CIU 
_refine_analyze.Luzzati_coordinate_error_obs    0.18 
_refine_analyze.Luzzati_sigma_a_obs             0.1 
_refine_analyze.Luzzati_d_res_low_obs           5.0 
_refine_analyze.Luzzati_coordinate_error_free   0.23 
_refine_analyze.Luzzati_sigma_a_free            0.11 
_refine_analyze.Luzzati_d_res_low_free          ? 
_refine_analyze.number_disordered_residues      ? 
_refine_analyze.occupancy_sum_hydrogen          ? 
_refine_analyze.occupancy_sum_non_hydrogen      ? 
# 
_refine_hist.pdbx_refine_id                   'X-RAY DIFFRACTION' 
_refine_hist.cycle_id                         LAST 
_refine_hist.pdbx_number_atoms_protein        1003 
_refine_hist.pdbx_number_atoms_nucleic_acid   0 
_refine_hist.pdbx_number_atoms_ligand         0 
_refine_hist.number_atoms_solvent             167 
_refine_hist.number_atoms_total               1170 
_refine_hist.d_res_high                       1.6 
_refine_hist.d_res_low                        20.0 
# 
loop_
_refine_ls_restr.type 
_refine_ls_restr.dev_ideal 
_refine_ls_restr.dev_ideal_target 
_refine_ls_restr.weight 
_refine_ls_restr.number 
_refine_ls_restr.pdbx_refine_id 
_refine_ls_restr.pdbx_restraint_function 
c_bond_d                0.006 ? ? ? 'X-RAY DIFFRACTION' ? 
c_bond_d_na             ?     ? ? ? 'X-RAY DIFFRACTION' ? 
c_bond_d_prot           ?     ? ? ? 'X-RAY DIFFRACTION' ? 
c_angle_d               ?     ? ? ? 'X-RAY DIFFRACTION' ? 
c_angle_d_na            ?     ? ? ? 'X-RAY DIFFRACTION' ? 
c_angle_d_prot          ?     ? ? ? 'X-RAY DIFFRACTION' ? 
c_angle_deg             1.3   ? ? ? 'X-RAY DIFFRACTION' ? 
c_angle_deg_na          ?     ? ? ? 'X-RAY DIFFRACTION' ? 
c_angle_deg_prot        ?     ? ? ? 'X-RAY DIFFRACTION' ? 
c_dihedral_angle_d      24.3  ? ? ? 'X-RAY DIFFRACTION' ? 
c_dihedral_angle_d_na   ?     ? ? ? 'X-RAY DIFFRACTION' ? 
c_dihedral_angle_d_prot ?     ? ? ? 'X-RAY DIFFRACTION' ? 
c_improper_angle_d      0.83  ? ? ? 'X-RAY DIFFRACTION' ? 
c_improper_angle_d_na   ?     ? ? ? 'X-RAY DIFFRACTION' ? 
c_improper_angle_d_prot ?     ? ? ? 'X-RAY DIFFRACTION' ? 
c_mcbond_it             ?     ? ? ? 'X-RAY DIFFRACTION' ? 
c_mcangle_it            ?     ? ? ? 'X-RAY DIFFRACTION' ? 
c_scbond_it             ?     ? ? ? 'X-RAY DIFFRACTION' ? 
c_scangle_it            ?     ? ? ? 'X-RAY DIFFRACTION' ? 
# 
_refine_ls_shell.pdbx_refine_id                   'X-RAY DIFFRACTION' 
_refine_ls_shell.pdbx_total_number_of_bins_used   6 
_refine_ls_shell.d_res_high                       1.60 
_refine_ls_shell.d_res_low                        1.70 
_refine_ls_shell.number_reflns_R_work             2475 
_refine_ls_shell.R_factor_R_work                  0.228 
_refine_ls_shell.percent_reflns_obs               97.8 
_refine_ls_shell.R_factor_R_free                  0.281 
_refine_ls_shell.R_factor_R_free_error            0.025 
_refine_ls_shell.percent_reflns_R_free            5.0 
_refine_ls_shell.number_reflns_R_free             130 
_refine_ls_shell.number_reflns_all                ? 
_refine_ls_shell.R_factor_all                     ? 
# 
loop_
_pdbx_xplor_file.pdbx_refine_id 
_pdbx_xplor_file.serial_no 
_pdbx_xplor_file.param_file 
_pdbx_xplor_file.topol_file 
'X-RAY DIFFRACTION' 1 PROTEIN_REP.PARAM PROTEIN.TOP 
'X-RAY DIFFRACTION' 2 WATER_REP.PARAM   ?           
# 
_struct.entry_id                  2CIU 
_struct.title                     'Structure of the IMS domain of the mitochondrial import protein Tim21 from S. cerevisiae' 
_struct.pdbx_model_details        ? 
_struct.pdbx_CASP_flag            ? 
_struct.pdbx_model_type_details   ? 
# 
_struct_keywords.entry_id        2CIU 
_struct_keywords.pdbx_keywords   'PROTEIN TRANSPORT' 
_struct_keywords.text            
;MITOCHONDRIAL IMPORT, INNER MEMBRANE, MEMBRANE, MITOCHONDRION, PROTEIN TRANSPORT, TRANSIT PEPTIDE, TRANSLOCATION, TRANSMEMBRANE, TRANSPORT
;
# 
loop_
_struct_asym.id 
_struct_asym.pdbx_blank_PDB_chainid_flag 
_struct_asym.pdbx_modified 
_struct_asym.entity_id 
_struct_asym.details 
A N N 1 ? 
B N N 2 ? 
# 
loop_
_struct_ref.id 
_struct_ref.db_name 
_struct_ref.db_code 
_struct_ref.entity_id 
_struct_ref.pdbx_seq_one_letter_code 
_struct_ref.pdbx_align_begin 
_struct_ref.pdbx_db_accession 
_struct_ref.pdbx_db_isoform 
1 PDB 2CIU        1 ? ? 2CIU   ? 
2 UNP TIM21_YEAST 1 ? ? P53220 ? 
# 
loop_
_struct_ref_seq.align_id 
_struct_ref_seq.ref_id 
_struct_ref_seq.pdbx_PDB_id_code 
_struct_ref_seq.pdbx_strand_id 
_struct_ref_seq.seq_align_beg 
_struct_ref_seq.pdbx_seq_align_beg_ins_code 
_struct_ref_seq.seq_align_end 
_struct_ref_seq.pdbx_seq_align_end_ins_code 
_struct_ref_seq.pdbx_db_accession 
_struct_ref_seq.db_align_beg 
_struct_ref_seq.pdbx_db_align_beg_ins_code 
_struct_ref_seq.db_align_end 
_struct_ref_seq.pdbx_db_align_end_ins_code 
_struct_ref_seq.pdbx_auth_seq_align_beg 
_struct_ref_seq.pdbx_auth_seq_align_end 
1 1 2CIU A 1 ? 4   ? 2CIU   99  ? 102 ? 99  102 
2 2 2CIU A 5 ? 127 ? P53220 103 ? 225 ? 103 225 
# 
_pdbx_struct_assembly.id                   1 
_pdbx_struct_assembly.details              author_and_software_defined_assembly 
_pdbx_struct_assembly.method_details       PQS 
_pdbx_struct_assembly.oligomeric_details   monomeric 
_pdbx_struct_assembly.oligomeric_count     1 
# 
_pdbx_struct_assembly_gen.assembly_id       1 
_pdbx_struct_assembly_gen.oper_expression   1 
_pdbx_struct_assembly_gen.asym_id_list      A,B 
# 
_pdbx_struct_oper_list.id                   1 
_pdbx_struct_oper_list.type                 'identity operation' 
_pdbx_struct_oper_list.name                 1_555 
_pdbx_struct_oper_list.symmetry_operation   x,y,z 
_pdbx_struct_oper_list.matrix[1][1]         1.0000000000 
_pdbx_struct_oper_list.matrix[1][2]         0.0000000000 
_pdbx_struct_oper_list.matrix[1][3]         0.0000000000 
_pdbx_struct_oper_list.vector[1]            0.0000000000 
_pdbx_struct_oper_list.matrix[2][1]         0.0000000000 
_pdbx_struct_oper_list.matrix[2][2]         1.0000000000 
_pdbx_struct_oper_list.matrix[2][3]         0.0000000000 
_pdbx_struct_oper_list.vector[2]            0.0000000000 
_pdbx_struct_oper_list.matrix[3][1]         0.0000000000 
_pdbx_struct_oper_list.matrix[3][2]         0.0000000000 
_pdbx_struct_oper_list.matrix[3][3]         1.0000000000 
_pdbx_struct_oper_list.vector[3]            0.0000000000 
# 
_struct_biol.id   1 
# 
loop_
_struct_conf.conf_type_id 
_struct_conf.id 
_struct_conf.pdbx_PDB_helix_id 
_struct_conf.beg_label_comp_id 
_struct_conf.beg_label_asym_id 
_struct_conf.beg_label_seq_id 
_struct_conf.pdbx_beg_PDB_ins_code 
_struct_conf.end_label_comp_id 
_struct_conf.end_label_asym_id 
_struct_conf.end_label_seq_id 
_struct_conf.pdbx_end_PDB_ins_code 
_struct_conf.beg_auth_comp_id 
_struct_conf.beg_auth_asym_id 
_struct_conf.beg_auth_seq_id 
_struct_conf.end_auth_comp_id 
_struct_conf.end_auth_asym_id 
_struct_conf.end_auth_seq_id 
_struct_conf.pdbx_PDB_helix_class 
_struct_conf.details 
_struct_conf.pdbx_PDB_helix_length 
HELX_P HELX_P1 1 SER A 5  ? ASN A 21 ? SER A 103 ASN A 119 1 ? 17 
HELX_P HELX_P2 2 ASN A 21 ? LEU A 28 ? ASN A 119 LEU A 126 1 ? 8  
# 
_struct_conf_type.id          HELX_P 
_struct_conf_type.criteria    ? 
_struct_conf_type.reference   ? 
# 
loop_
_struct_sheet.id 
_struct_sheet.type 
_struct_sheet.number_strands 
_struct_sheet.details 
AA ? 3 ? 
AB ? 5 ? 
AC ? 2 ? 
# 
loop_
_struct_sheet_order.sheet_id 
_struct_sheet_order.range_id_1 
_struct_sheet_order.range_id_2 
_struct_sheet_order.offset 
_struct_sheet_order.sense 
AA 1 2 ? anti-parallel 
AA 2 3 ? anti-parallel 
AB 1 2 ? anti-parallel 
AB 2 3 ? anti-parallel 
AB 3 4 ? anti-parallel 
AB 4 5 ? anti-parallel 
AC 1 2 ? anti-parallel 
# 
loop_
_struct_sheet_range.sheet_id 
_struct_sheet_range.id 
_struct_sheet_range.beg_label_comp_id 
_struct_sheet_range.beg_label_asym_id 
_struct_sheet_range.beg_label_seq_id 
_struct_sheet_range.pdbx_beg_PDB_ins_code 
_struct_sheet_range.end_label_comp_id 
_struct_sheet_range.end_label_asym_id 
_struct_sheet_range.end_label_seq_id 
_struct_sheet_range.pdbx_end_PDB_ins_code 
_struct_sheet_range.beg_auth_comp_id 
_struct_sheet_range.beg_auth_asym_id 
_struct_sheet_range.beg_auth_seq_id 
_struct_sheet_range.end_auth_comp_id 
_struct_sheet_range.end_auth_asym_id 
_struct_sheet_range.end_auth_seq_id 
AA 1 LYS A 41  ? GLY A 44  ? LYS A 139 GLY A 142 
AA 2 THR A 70  ? GLU A 79  ? THR A 168 GLU A 177 
AA 3 SER A 60  ? LEU A 64  ? SER A 158 LEU A 162 
AB 1 LYS A 41  ? GLY A 44  ? LYS A 139 GLY A 142 
AB 2 THR A 70  ? GLU A 79  ? THR A 168 GLU A 177 
AB 3 ILE A 84  ? LYS A 92  ? ILE A 182 LYS A 190 
AB 4 ASP A 101 ? ASP A 108 ? ASP A 199 ASP A 206 
AB 5 TYR A 115 ? ILE A 118 ? TYR A 213 ILE A 216 
AC 1 LEU A 46  ? THR A 48  ? LEU A 144 THR A 146 
AC 2 THR A 53  ? ASN A 55  ? THR A 151 ASN A 153 
# 
loop_
_pdbx_struct_sheet_hbond.sheet_id 
_pdbx_struct_sheet_hbond.range_id_1 
_pdbx_struct_sheet_hbond.range_id_2 
_pdbx_struct_sheet_hbond.range_1_label_atom_id 
_pdbx_struct_sheet_hbond.range_1_label_comp_id 
_pdbx_struct_sheet_hbond.range_1_label_asym_id 
_pdbx_struct_sheet_hbond.range_1_label_seq_id 
_pdbx_struct_sheet_hbond.range_1_PDB_ins_code 
_pdbx_struct_sheet_hbond.range_1_auth_atom_id 
_pdbx_struct_sheet_hbond.range_1_auth_comp_id 
_pdbx_struct_sheet_hbond.range_1_auth_asym_id 
_pdbx_struct_sheet_hbond.range_1_auth_seq_id 
_pdbx_struct_sheet_hbond.range_2_label_atom_id 
_pdbx_struct_sheet_hbond.range_2_label_comp_id 
_pdbx_struct_sheet_hbond.range_2_label_asym_id 
_pdbx_struct_sheet_hbond.range_2_label_seq_id 
_pdbx_struct_sheet_hbond.range_2_PDB_ins_code 
_pdbx_struct_sheet_hbond.range_2_auth_atom_id 
_pdbx_struct_sheet_hbond.range_2_auth_comp_id 
_pdbx_struct_sheet_hbond.range_2_auth_asym_id 
_pdbx_struct_sheet_hbond.range_2_auth_seq_id 
AA 1 2 N TYR A 43  ? N TYR A 141 O HIS A 77  ? O HIS A 175 
AA 2 3 N TYR A 73  ? N TYR A 171 O THR A 61  ? O THR A 159 
AB 1 2 N TYR A 43  ? N TYR A 141 O HIS A 77  ? O HIS A 175 
AB 2 3 N VAL A 78  ? N VAL A 176 O ALA A 85  ? O ALA A 183 
AB 3 4 N LYS A 92  ? N LYS A 190 O ASP A 101 ? O ASP A 199 
AB 4 5 N VAL A 107 ? N VAL A 205 O TYR A 115 ? O TYR A 213 
AC 1 2 N ILE A 47  ? N ILE A 145 O ARG A 54  ? O ARG A 152 
# 
_pdbx_database_remark.id     700 
_pdbx_database_remark.text   
;
SHEET
THE SHEET STRUCTURE OF THIS MOLECULE IS BIFURCATED. IN
ORDER TO REPRESENT THIS FEATURE IN THE SHEET RECORDS BELOW,
TWO SHEETS ARE DEFINED.
;
# 
_pdbx_entry_details.entry_id                 2CIU 
_pdbx_entry_details.compound_details         
;ESSENTIAL COMPONENT OF THE TIM23 COMPLEX, A COMPLEX THAT
 MEDIATES THE TRANSLOCATION OF TRANSIT PEPTIDE-CONTAINING
 PROTEINS ACROSS THE MITOCHONDRIAL INNER MEMBRANE
;
_pdbx_entry_details.source_details           ? 
_pdbx_entry_details.nonpolymer_details       ? 
_pdbx_entry_details.sequence_details         ? 
_pdbx_entry_details.has_ligand_of_interest   ? 
# 
_pdbx_distant_solvent_atoms.id                                1 
_pdbx_distant_solvent_atoms.PDB_model_num                     1 
_pdbx_distant_solvent_atoms.auth_atom_id                      O 
_pdbx_distant_solvent_atoms.label_alt_id                      ? 
_pdbx_distant_solvent_atoms.auth_asym_id                      A 
_pdbx_distant_solvent_atoms.auth_comp_id                      HOH 
_pdbx_distant_solvent_atoms.auth_seq_id                       2079 
_pdbx_distant_solvent_atoms.PDB_ins_code                      ? 
_pdbx_distant_solvent_atoms.neighbor_macromolecule_distance   6.01 
_pdbx_distant_solvent_atoms.neighbor_ligand_distance          . 
# 
loop_
_pdbx_unobs_or_zero_occ_residues.id 
_pdbx_unobs_or_zero_occ_residues.PDB_model_num 
_pdbx_unobs_or_zero_occ_residues.polymer_flag 
_pdbx_unobs_or_zero_occ_residues.occupancy_flag 
_pdbx_unobs_or_zero_occ_residues.auth_asym_id 
_pdbx_unobs_or_zero_occ_residues.auth_comp_id 
_pdbx_unobs_or_zero_occ_residues.auth_seq_id 
_pdbx_unobs_or_zero_occ_residues.PDB_ins_code 
_pdbx_unobs_or_zero_occ_residues.label_asym_id 
_pdbx_unobs_or_zero_occ_residues.label_comp_id 
_pdbx_unobs_or_zero_occ_residues.label_seq_id 
1 1 Y 1 A GLY 99  ? A GLY 1 
2 1 Y 1 A ALA 100 ? A ALA 2 
3 1 Y 1 A MET 101 ? A MET 3 
4 1 Y 1 A GLY 102 ? A GLY 4 
# 
loop_
_chem_comp_atom.comp_id 
_chem_comp_atom.atom_id 
_chem_comp_atom.type_symbol 
_chem_comp_atom.pdbx_aromatic_flag 
_chem_comp_atom.pdbx_stereo_config 
_chem_comp_atom.pdbx_ordinal 
ALA N    N N N 1   
ALA CA   C N S 2   
ALA C    C N N 3   
ALA O    O N N 4   
ALA CB   C N N 5   
ALA OXT  O N N 6   
ALA H    H N N 7   
ALA H2   H N N 8   
ALA HA   H N N 9   
ALA HB1  H N N 10  
ALA HB2  H N N 11  
ALA HB3  H N N 12  
ALA HXT  H N N 13  
ARG N    N N N 14  
ARG CA   C N S 15  
ARG C    C N N 16  
ARG O    O N N 17  
ARG CB   C N N 18  
ARG CG   C N N 19  
ARG CD   C N N 20  
ARG NE   N N N 21  
ARG CZ   C N N 22  
ARG NH1  N N N 23  
ARG NH2  N N N 24  
ARG OXT  O N N 25  
ARG H    H N N 26  
ARG H2   H N N 27  
ARG HA   H N N 28  
ARG HB2  H N N 29  
ARG HB3  H N N 30  
ARG HG2  H N N 31  
ARG HG3  H N N 32  
ARG HD2  H N N 33  
ARG HD3  H N N 34  
ARG HE   H N N 35  
ARG HH11 H N N 36  
ARG HH12 H N N 37  
ARG HH21 H N N 38  
ARG HH22 H N N 39  
ARG HXT  H N N 40  
ASN N    N N N 41  
ASN CA   C N S 42  
ASN C    C N N 43  
ASN O    O N N 44  
ASN CB   C N N 45  
ASN CG   C N N 46  
ASN OD1  O N N 47  
ASN ND2  N N N 48  
ASN OXT  O N N 49  
ASN H    H N N 50  
ASN H2   H N N 51  
ASN HA   H N N 52  
ASN HB2  H N N 53  
ASN HB3  H N N 54  
ASN HD21 H N N 55  
ASN HD22 H N N 56  
ASN HXT  H N N 57  
ASP N    N N N 58  
ASP CA   C N S 59  
ASP C    C N N 60  
ASP O    O N N 61  
ASP CB   C N N 62  
ASP CG   C N N 63  
ASP OD1  O N N 64  
ASP OD2  O N N 65  
ASP OXT  O N N 66  
ASP H    H N N 67  
ASP H2   H N N 68  
ASP HA   H N N 69  
ASP HB2  H N N 70  
ASP HB3  H N N 71  
ASP HD2  H N N 72  
ASP HXT  H N N 73  
CYS N    N N N 74  
CYS CA   C N R 75  
CYS C    C N N 76  
CYS O    O N N 77  
CYS CB   C N N 78  
CYS SG   S N N 79  
CYS OXT  O N N 80  
CYS H    H N N 81  
CYS H2   H N N 82  
CYS HA   H N N 83  
CYS HB2  H N N 84  
CYS HB3  H N N 85  
CYS HG   H N N 86  
CYS HXT  H N N 87  
GLN N    N N N 88  
GLN CA   C N S 89  
GLN C    C N N 90  
GLN O    O N N 91  
GLN CB   C N N 92  
GLN CG   C N N 93  
GLN CD   C N N 94  
GLN OE1  O N N 95  
GLN NE2  N N N 96  
GLN OXT  O N N 97  
GLN H    H N N 98  
GLN H2   H N N 99  
GLN HA   H N N 100 
GLN HB2  H N N 101 
GLN HB3  H N N 102 
GLN HG2  H N N 103 
GLN HG3  H N N 104 
GLN HE21 H N N 105 
GLN HE22 H N N 106 
GLN HXT  H N N 107 
GLU N    N N N 108 
GLU CA   C N S 109 
GLU C    C N N 110 
GLU O    O N N 111 
GLU CB   C N N 112 
GLU CG   C N N 113 
GLU CD   C N N 114 
GLU OE1  O N N 115 
GLU OE2  O N N 116 
GLU OXT  O N N 117 
GLU H    H N N 118 
GLU H2   H N N 119 
GLU HA   H N N 120 
GLU HB2  H N N 121 
GLU HB3  H N N 122 
GLU HG2  H N N 123 
GLU HG3  H N N 124 
GLU HE2  H N N 125 
GLU HXT  H N N 126 
GLY N    N N N 127 
GLY CA   C N N 128 
GLY C    C N N 129 
GLY O    O N N 130 
GLY OXT  O N N 131 
GLY H    H N N 132 
GLY H2   H N N 133 
GLY HA2  H N N 134 
GLY HA3  H N N 135 
GLY HXT  H N N 136 
HIS N    N N N 137 
HIS CA   C N S 138 
HIS C    C N N 139 
HIS O    O N N 140 
HIS CB   C N N 141 
HIS CG   C Y N 142 
HIS ND1  N Y N 143 
HIS CD2  C Y N 144 
HIS CE1  C Y N 145 
HIS NE2  N Y N 146 
HIS OXT  O N N 147 
HIS H    H N N 148 
HIS H2   H N N 149 
HIS HA   H N N 150 
HIS HB2  H N N 151 
HIS HB3  H N N 152 
HIS HD1  H N N 153 
HIS HD2  H N N 154 
HIS HE1  H N N 155 
HIS HE2  H N N 156 
HIS HXT  H N N 157 
HOH O    O N N 158 
HOH H1   H N N 159 
HOH H2   H N N 160 
ILE N    N N N 161 
ILE CA   C N S 162 
ILE C    C N N 163 
ILE O    O N N 164 
ILE CB   C N S 165 
ILE CG1  C N N 166 
ILE CG2  C N N 167 
ILE CD1  C N N 168 
ILE OXT  O N N 169 
ILE H    H N N 170 
ILE H2   H N N 171 
ILE HA   H N N 172 
ILE HB   H N N 173 
ILE HG12 H N N 174 
ILE HG13 H N N 175 
ILE HG21 H N N 176 
ILE HG22 H N N 177 
ILE HG23 H N N 178 
ILE HD11 H N N 179 
ILE HD12 H N N 180 
ILE HD13 H N N 181 
ILE HXT  H N N 182 
LEU N    N N N 183 
LEU CA   C N S 184 
LEU C    C N N 185 
LEU O    O N N 186 
LEU CB   C N N 187 
LEU CG   C N N 188 
LEU CD1  C N N 189 
LEU CD2  C N N 190 
LEU OXT  O N N 191 
LEU H    H N N 192 
LEU H2   H N N 193 
LEU HA   H N N 194 
LEU HB2  H N N 195 
LEU HB3  H N N 196 
LEU HG   H N N 197 
LEU HD11 H N N 198 
LEU HD12 H N N 199 
LEU HD13 H N N 200 
LEU HD21 H N N 201 
LEU HD22 H N N 202 
LEU HD23 H N N 203 
LEU HXT  H N N 204 
LYS N    N N N 205 
LYS CA   C N S 206 
LYS C    C N N 207 
LYS O    O N N 208 
LYS CB   C N N 209 
LYS CG   C N N 210 
LYS CD   C N N 211 
LYS CE   C N N 212 
LYS NZ   N N N 213 
LYS OXT  O N N 214 
LYS H    H N N 215 
LYS H2   H N N 216 
LYS HA   H N N 217 
LYS HB2  H N N 218 
LYS HB3  H N N 219 
LYS HG2  H N N 220 
LYS HG3  H N N 221 
LYS HD2  H N N 222 
LYS HD3  H N N 223 
LYS HE2  H N N 224 
LYS HE3  H N N 225 
LYS HZ1  H N N 226 
LYS HZ2  H N N 227 
LYS HZ3  H N N 228 
LYS HXT  H N N 229 
MET N    N N N 230 
MET CA   C N S 231 
MET C    C N N 232 
MET O    O N N 233 
MET CB   C N N 234 
MET CG   C N N 235 
MET SD   S N N 236 
MET CE   C N N 237 
MET OXT  O N N 238 
MET H    H N N 239 
MET H2   H N N 240 
MET HA   H N N 241 
MET HB2  H N N 242 
MET HB3  H N N 243 
MET HG2  H N N 244 
MET HG3  H N N 245 
MET HE1  H N N 246 
MET HE2  H N N 247 
MET HE3  H N N 248 
MET HXT  H N N 249 
PHE N    N N N 250 
PHE CA   C N S 251 
PHE C    C N N 252 
PHE O    O N N 253 
PHE CB   C N N 254 
PHE CG   C Y N 255 
PHE CD1  C Y N 256 
PHE CD2  C Y N 257 
PHE CE1  C Y N 258 
PHE CE2  C Y N 259 
PHE CZ   C Y N 260 
PHE OXT  O N N 261 
PHE H    H N N 262 
PHE H2   H N N 263 
PHE HA   H N N 264 
PHE HB2  H N N 265 
PHE HB3  H N N 266 
PHE HD1  H N N 267 
PHE HD2  H N N 268 
PHE HE1  H N N 269 
PHE HE2  H N N 270 
PHE HZ   H N N 271 
PHE HXT  H N N 272 
PRO N    N N N 273 
PRO CA   C N S 274 
PRO C    C N N 275 
PRO O    O N N 276 
PRO CB   C N N 277 
PRO CG   C N N 278 
PRO CD   C N N 279 
PRO OXT  O N N 280 
PRO H    H N N 281 
PRO HA   H N N 282 
PRO HB2  H N N 283 
PRO HB3  H N N 284 
PRO HG2  H N N 285 
PRO HG3  H N N 286 
PRO HD2  H N N 287 
PRO HD3  H N N 288 
PRO HXT  H N N 289 
SER N    N N N 290 
SER CA   C N S 291 
SER C    C N N 292 
SER O    O N N 293 
SER CB   C N N 294 
SER OG   O N N 295 
SER OXT  O N N 296 
SER H    H N N 297 
SER H2   H N N 298 
SER HA   H N N 299 
SER HB2  H N N 300 
SER HB3  H N N 301 
SER HG   H N N 302 
SER HXT  H N N 303 
THR N    N N N 304 
THR CA   C N S 305 
THR C    C N N 306 
THR O    O N N 307 
THR CB   C N R 308 
THR OG1  O N N 309 
THR CG2  C N N 310 
THR OXT  O N N 311 
THR H    H N N 312 
THR H2   H N N 313 
THR HA   H N N 314 
THR HB   H N N 315 
THR HG1  H N N 316 
THR HG21 H N N 317 
THR HG22 H N N 318 
THR HG23 H N N 319 
THR HXT  H N N 320 
TRP N    N N N 321 
TRP CA   C N S 322 
TRP C    C N N 323 
TRP O    O N N 324 
TRP CB   C N N 325 
TRP CG   C Y N 326 
TRP CD1  C Y N 327 
TRP CD2  C Y N 328 
TRP NE1  N Y N 329 
TRP CE2  C Y N 330 
TRP CE3  C Y N 331 
TRP CZ2  C Y N 332 
TRP CZ3  C Y N 333 
TRP CH2  C Y N 334 
TRP OXT  O N N 335 
TRP H    H N N 336 
TRP H2   H N N 337 
TRP HA   H N N 338 
TRP HB2  H N N 339 
TRP HB3  H N N 340 
TRP HD1  H N N 341 
TRP HE1  H N N 342 
TRP HE3  H N N 343 
TRP HZ2  H N N 344 
TRP HZ3  H N N 345 
TRP HH2  H N N 346 
TRP HXT  H N N 347 
TYR N    N N N 348 
TYR CA   C N S 349 
TYR C    C N N 350 
TYR O    O N N 351 
TYR CB   C N N 352 
TYR CG   C Y N 353 
TYR CD1  C Y N 354 
TYR CD2  C Y N 355 
TYR CE1  C Y N 356 
TYR CE2  C Y N 357 
TYR CZ   C Y N 358 
TYR OH   O N N 359 
TYR OXT  O N N 360 
TYR H    H N N 361 
TYR H2   H N N 362 
TYR HA   H N N 363 
TYR HB2  H N N 364 
TYR HB3  H N N 365 
TYR HD1  H N N 366 
TYR HD2  H N N 367 
TYR HE1  H N N 368 
TYR HE2  H N N 369 
TYR HH   H N N 370 
TYR HXT  H N N 371 
VAL N    N N N 372 
VAL CA   C N S 373 
VAL C    C N N 374 
VAL O    O N N 375 
VAL CB   C N N 376 
VAL CG1  C N N 377 
VAL CG2  C N N 378 
VAL OXT  O N N 379 
VAL H    H N N 380 
VAL H2   H N N 381 
VAL HA   H N N 382 
VAL HB   H N N 383 
VAL HG11 H N N 384 
VAL HG12 H N N 385 
VAL HG13 H N N 386 
VAL HG21 H N N 387 
VAL HG22 H N N 388 
VAL HG23 H N N 389 
VAL HXT  H N N 390 
# 
loop_
_chem_comp_bond.comp_id 
_chem_comp_bond.atom_id_1 
_chem_comp_bond.atom_id_2 
_chem_comp_bond.value_order 
_chem_comp_bond.pdbx_aromatic_flag 
_chem_comp_bond.pdbx_stereo_config 
_chem_comp_bond.pdbx_ordinal 
ALA N   CA   sing N N 1   
ALA N   H    sing N N 2   
ALA N   H2   sing N N 3   
ALA CA  C    sing N N 4   
ALA CA  CB   sing N N 5   
ALA CA  HA   sing N N 6   
ALA C   O    doub N N 7   
ALA C   OXT  sing N N 8   
ALA CB  HB1  sing N N 9   
ALA CB  HB2  sing N N 10  
ALA CB  HB3  sing N N 11  
ALA OXT HXT  sing N N 12  
ARG N   CA   sing N N 13  
ARG N   H    sing N N 14  
ARG N   H2   sing N N 15  
ARG CA  C    sing N N 16  
ARG CA  CB   sing N N 17  
ARG CA  HA   sing N N 18  
ARG C   O    doub N N 19  
ARG C   OXT  sing N N 20  
ARG CB  CG   sing N N 21  
ARG CB  HB2  sing N N 22  
ARG CB  HB3  sing N N 23  
ARG CG  CD   sing N N 24  
ARG CG  HG2  sing N N 25  
ARG CG  HG3  sing N N 26  
ARG CD  NE   sing N N 27  
ARG CD  HD2  sing N N 28  
ARG CD  HD3  sing N N 29  
ARG NE  CZ   sing N N 30  
ARG NE  HE   sing N N 31  
ARG CZ  NH1  sing N N 32  
ARG CZ  NH2  doub N N 33  
ARG NH1 HH11 sing N N 34  
ARG NH1 HH12 sing N N 35  
ARG NH2 HH21 sing N N 36  
ARG NH2 HH22 sing N N 37  
ARG OXT HXT  sing N N 38  
ASN N   CA   sing N N 39  
ASN N   H    sing N N 40  
ASN N   H2   sing N N 41  
ASN CA  C    sing N N 42  
ASN CA  CB   sing N N 43  
ASN CA  HA   sing N N 44  
ASN C   O    doub N N 45  
ASN C   OXT  sing N N 46  
ASN CB  CG   sing N N 47  
ASN CB  HB2  sing N N 48  
ASN CB  HB3  sing N N 49  
ASN CG  OD1  doub N N 50  
ASN CG  ND2  sing N N 51  
ASN ND2 HD21 sing N N 52  
ASN ND2 HD22 sing N N 53  
ASN OXT HXT  sing N N 54  
ASP N   CA   sing N N 55  
ASP N   H    sing N N 56  
ASP N   H2   sing N N 57  
ASP CA  C    sing N N 58  
ASP CA  CB   sing N N 59  
ASP CA  HA   sing N N 60  
ASP C   O    doub N N 61  
ASP C   OXT  sing N N 62  
ASP CB  CG   sing N N 63  
ASP CB  HB2  sing N N 64  
ASP CB  HB3  sing N N 65  
ASP CG  OD1  doub N N 66  
ASP CG  OD2  sing N N 67  
ASP OD2 HD2  sing N N 68  
ASP OXT HXT  sing N N 69  
CYS N   CA   sing N N 70  
CYS N   H    sing N N 71  
CYS N   H2   sing N N 72  
CYS CA  C    sing N N 73  
CYS CA  CB   sing N N 74  
CYS CA  HA   sing N N 75  
CYS C   O    doub N N 76  
CYS C   OXT  sing N N 77  
CYS CB  SG   sing N N 78  
CYS CB  HB2  sing N N 79  
CYS CB  HB3  sing N N 80  
CYS SG  HG   sing N N 81  
CYS OXT HXT  sing N N 82  
GLN N   CA   sing N N 83  
GLN N   H    sing N N 84  
GLN N   H2   sing N N 85  
GLN CA  C    sing N N 86  
GLN CA  CB   sing N N 87  
GLN CA  HA   sing N N 88  
GLN C   O    doub N N 89  
GLN C   OXT  sing N N 90  
GLN CB  CG   sing N N 91  
GLN CB  HB2  sing N N 92  
GLN CB  HB3  sing N N 93  
GLN CG  CD   sing N N 94  
GLN CG  HG2  sing N N 95  
GLN CG  HG3  sing N N 96  
GLN CD  OE1  doub N N 97  
GLN CD  NE2  sing N N 98  
GLN NE2 HE21 sing N N 99  
GLN NE2 HE22 sing N N 100 
GLN OXT HXT  sing N N 101 
GLU N   CA   sing N N 102 
GLU N   H    sing N N 103 
GLU N   H2   sing N N 104 
GLU CA  C    sing N N 105 
GLU CA  CB   sing N N 106 
GLU CA  HA   sing N N 107 
GLU C   O    doub N N 108 
GLU C   OXT  sing N N 109 
GLU CB  CG   sing N N 110 
GLU CB  HB2  sing N N 111 
GLU CB  HB3  sing N N 112 
GLU CG  CD   sing N N 113 
GLU CG  HG2  sing N N 114 
GLU CG  HG3  sing N N 115 
GLU CD  OE1  doub N N 116 
GLU CD  OE2  sing N N 117 
GLU OE2 HE2  sing N N 118 
GLU OXT HXT  sing N N 119 
GLY N   CA   sing N N 120 
GLY N   H    sing N N 121 
GLY N   H2   sing N N 122 
GLY CA  C    sing N N 123 
GLY CA  HA2  sing N N 124 
GLY CA  HA3  sing N N 125 
GLY C   O    doub N N 126 
GLY C   OXT  sing N N 127 
GLY OXT HXT  sing N N 128 
HIS N   CA   sing N N 129 
HIS N   H    sing N N 130 
HIS N   H2   sing N N 131 
HIS CA  C    sing N N 132 
HIS CA  CB   sing N N 133 
HIS CA  HA   sing N N 134 
HIS C   O    doub N N 135 
HIS C   OXT  sing N N 136 
HIS CB  CG   sing N N 137 
HIS CB  HB2  sing N N 138 
HIS CB  HB3  sing N N 139 
HIS CG  ND1  sing Y N 140 
HIS CG  CD2  doub Y N 141 
HIS ND1 CE1  doub Y N 142 
HIS ND1 HD1  sing N N 143 
HIS CD2 NE2  sing Y N 144 
HIS CD2 HD2  sing N N 145 
HIS CE1 NE2  sing Y N 146 
HIS CE1 HE1  sing N N 147 
HIS NE2 HE2  sing N N 148 
HIS OXT HXT  sing N N 149 
HOH O   H1   sing N N 150 
HOH O   H2   sing N N 151 
ILE N   CA   sing N N 152 
ILE N   H    sing N N 153 
ILE N   H2   sing N N 154 
ILE CA  C    sing N N 155 
ILE CA  CB   sing N N 156 
ILE CA  HA   sing N N 157 
ILE C   O    doub N N 158 
ILE C   OXT  sing N N 159 
ILE CB  CG1  sing N N 160 
ILE CB  CG2  sing N N 161 
ILE CB  HB   sing N N 162 
ILE CG1 CD1  sing N N 163 
ILE CG1 HG12 sing N N 164 
ILE CG1 HG13 sing N N 165 
ILE CG2 HG21 sing N N 166 
ILE CG2 HG22 sing N N 167 
ILE CG2 HG23 sing N N 168 
ILE CD1 HD11 sing N N 169 
ILE CD1 HD12 sing N N 170 
ILE CD1 HD13 sing N N 171 
ILE OXT HXT  sing N N 172 
LEU N   CA   sing N N 173 
LEU N   H    sing N N 174 
LEU N   H2   sing N N 175 
LEU CA  C    sing N N 176 
LEU CA  CB   sing N N 177 
LEU CA  HA   sing N N 178 
LEU C   O    doub N N 179 
LEU C   OXT  sing N N 180 
LEU CB  CG   sing N N 181 
LEU CB  HB2  sing N N 182 
LEU CB  HB3  sing N N 183 
LEU CG  CD1  sing N N 184 
LEU CG  CD2  sing N N 185 
LEU CG  HG   sing N N 186 
LEU CD1 HD11 sing N N 187 
LEU CD1 HD12 sing N N 188 
LEU CD1 HD13 sing N N 189 
LEU CD2 HD21 sing N N 190 
LEU CD2 HD22 sing N N 191 
LEU CD2 HD23 sing N N 192 
LEU OXT HXT  sing N N 193 
LYS N   CA   sing N N 194 
LYS N   H    sing N N 195 
LYS N   H2   sing N N 196 
LYS CA  C    sing N N 197 
LYS CA  CB   sing N N 198 
LYS CA  HA   sing N N 199 
LYS C   O    doub N N 200 
LYS C   OXT  sing N N 201 
LYS CB  CG   sing N N 202 
LYS CB  HB2  sing N N 203 
LYS CB  HB3  sing N N 204 
LYS CG  CD   sing N N 205 
LYS CG  HG2  sing N N 206 
LYS CG  HG3  sing N N 207 
LYS CD  CE   sing N N 208 
LYS CD  HD2  sing N N 209 
LYS CD  HD3  sing N N 210 
LYS CE  NZ   sing N N 211 
LYS CE  HE2  sing N N 212 
LYS CE  HE3  sing N N 213 
LYS NZ  HZ1  sing N N 214 
LYS NZ  HZ2  sing N N 215 
LYS NZ  HZ3  sing N N 216 
LYS OXT HXT  sing N N 217 
MET N   CA   sing N N 218 
MET N   H    sing N N 219 
MET N   H2   sing N N 220 
MET CA  C    sing N N 221 
MET CA  CB   sing N N 222 
MET CA  HA   sing N N 223 
MET C   O    doub N N 224 
MET C   OXT  sing N N 225 
MET CB  CG   sing N N 226 
MET CB  HB2  sing N N 227 
MET CB  HB3  sing N N 228 
MET CG  SD   sing N N 229 
MET CG  HG2  sing N N 230 
MET CG  HG3  sing N N 231 
MET SD  CE   sing N N 232 
MET CE  HE1  sing N N 233 
MET CE  HE2  sing N N 234 
MET CE  HE3  sing N N 235 
MET OXT HXT  sing N N 236 
PHE N   CA   sing N N 237 
PHE N   H    sing N N 238 
PHE N   H2   sing N N 239 
PHE CA  C    sing N N 240 
PHE CA  CB   sing N N 241 
PHE CA  HA   sing N N 242 
PHE C   O    doub N N 243 
PHE C   OXT  sing N N 244 
PHE CB  CG   sing N N 245 
PHE CB  HB2  sing N N 246 
PHE CB  HB3  sing N N 247 
PHE CG  CD1  doub Y N 248 
PHE CG  CD2  sing Y N 249 
PHE CD1 CE1  sing Y N 250 
PHE CD1 HD1  sing N N 251 
PHE CD2 CE2  doub Y N 252 
PHE CD2 HD2  sing N N 253 
PHE CE1 CZ   doub Y N 254 
PHE CE1 HE1  sing N N 255 
PHE CE2 CZ   sing Y N 256 
PHE CE2 HE2  sing N N 257 
PHE CZ  HZ   sing N N 258 
PHE OXT HXT  sing N N 259 
PRO N   CA   sing N N 260 
PRO N   CD   sing N N 261 
PRO N   H    sing N N 262 
PRO CA  C    sing N N 263 
PRO CA  CB   sing N N 264 
PRO CA  HA   sing N N 265 
PRO C   O    doub N N 266 
PRO C   OXT  sing N N 267 
PRO CB  CG   sing N N 268 
PRO CB  HB2  sing N N 269 
PRO CB  HB3  sing N N 270 
PRO CG  CD   sing N N 271 
PRO CG  HG2  sing N N 272 
PRO CG  HG3  sing N N 273 
PRO CD  HD2  sing N N 274 
PRO CD  HD3  sing N N 275 
PRO OXT HXT  sing N N 276 
SER N   CA   sing N N 277 
SER N   H    sing N N 278 
SER N   H2   sing N N 279 
SER CA  C    sing N N 280 
SER CA  CB   sing N N 281 
SER CA  HA   sing N N 282 
SER C   O    doub N N 283 
SER C   OXT  sing N N 284 
SER CB  OG   sing N N 285 
SER CB  HB2  sing N N 286 
SER CB  HB3  sing N N 287 
SER OG  HG   sing N N 288 
SER OXT HXT  sing N N 289 
THR N   CA   sing N N 290 
THR N   H    sing N N 291 
THR N   H2   sing N N 292 
THR CA  C    sing N N 293 
THR CA  CB   sing N N 294 
THR CA  HA   sing N N 295 
THR C   O    doub N N 296 
THR C   OXT  sing N N 297 
THR CB  OG1  sing N N 298 
THR CB  CG2  sing N N 299 
THR CB  HB   sing N N 300 
THR OG1 HG1  sing N N 301 
THR CG2 HG21 sing N N 302 
THR CG2 HG22 sing N N 303 
THR CG2 HG23 sing N N 304 
THR OXT HXT  sing N N 305 
TRP N   CA   sing N N 306 
TRP N   H    sing N N 307 
TRP N   H2   sing N N 308 
TRP CA  C    sing N N 309 
TRP CA  CB   sing N N 310 
TRP CA  HA   sing N N 311 
TRP C   O    doub N N 312 
TRP C   OXT  sing N N 313 
TRP CB  CG   sing N N 314 
TRP CB  HB2  sing N N 315 
TRP CB  HB3  sing N N 316 
TRP CG  CD1  doub Y N 317 
TRP CG  CD2  sing Y N 318 
TRP CD1 NE1  sing Y N 319 
TRP CD1 HD1  sing N N 320 
TRP CD2 CE2  doub Y N 321 
TRP CD2 CE3  sing Y N 322 
TRP NE1 CE2  sing Y N 323 
TRP NE1 HE1  sing N N 324 
TRP CE2 CZ2  sing Y N 325 
TRP CE3 CZ3  doub Y N 326 
TRP CE3 HE3  sing N N 327 
TRP CZ2 CH2  doub Y N 328 
TRP CZ2 HZ2  sing N N 329 
TRP CZ3 CH2  sing Y N 330 
TRP CZ3 HZ3  sing N N 331 
TRP CH2 HH2  sing N N 332 
TRP OXT HXT  sing N N 333 
TYR N   CA   sing N N 334 
TYR N   H    sing N N 335 
TYR N   H2   sing N N 336 
TYR CA  C    sing N N 337 
TYR CA  CB   sing N N 338 
TYR CA  HA   sing N N 339 
TYR C   O    doub N N 340 
TYR C   OXT  sing N N 341 
TYR CB  CG   sing N N 342 
TYR CB  HB2  sing N N 343 
TYR CB  HB3  sing N N 344 
TYR CG  CD1  doub Y N 345 
TYR CG  CD2  sing Y N 346 
TYR CD1 CE1  sing Y N 347 
TYR CD1 HD1  sing N N 348 
TYR CD2 CE2  doub Y N 349 
TYR CD2 HD2  sing N N 350 
TYR CE1 CZ   doub Y N 351 
TYR CE1 HE1  sing N N 352 
TYR CE2 CZ   sing Y N 353 
TYR CE2 HE2  sing N N 354 
TYR CZ  OH   sing N N 355 
TYR OH  HH   sing N N 356 
TYR OXT HXT  sing N N 357 
VAL N   CA   sing N N 358 
VAL N   H    sing N N 359 
VAL N   H2   sing N N 360 
VAL CA  C    sing N N 361 
VAL CA  CB   sing N N 362 
VAL CA  HA   sing N N 363 
VAL C   O    doub N N 364 
VAL C   OXT  sing N N 365 
VAL CB  CG1  sing N N 366 
VAL CB  CG2  sing N N 367 
VAL CB  HB   sing N N 368 
VAL CG1 HG11 sing N N 369 
VAL CG1 HG12 sing N N 370 
VAL CG1 HG13 sing N N 371 
VAL CG2 HG21 sing N N 372 
VAL CG2 HG22 sing N N 373 
VAL CG2 HG23 sing N N 374 
VAL OXT HXT  sing N N 375 
# 
_atom_sites.entry_id                    2CIU 
_atom_sites.fract_transf_matrix[1][1]   0.01802816 
_atom_sites.fract_transf_matrix[1][2]   -0.02398490 
_atom_sites.fract_transf_matrix[1][3]   0.00759029 
_atom_sites.fract_transf_matrix[2][1]   -0.01219184 
_atom_sites.fract_transf_matrix[2][2]   -0.01074458 
_atom_sites.fract_transf_matrix[2][3]   -0.00499470 
_atom_sites.fract_transf_matrix[3][1]   0.00611769 
_atom_sites.fract_transf_matrix[3][2]   -0.00007579 
_atom_sites.fract_transf_matrix[3][3]   -0.01476998 
_atom_sites.fract_transf_vector[1]      0.998418 
_atom_sites.fract_transf_vector[2]      0.939994 
_atom_sites.fract_transf_vector[3]      0.039352 
# 
loop_
_atom_type.symbol 
C 
N 
O 
S 
# 
loop_
_atom_site.group_PDB 
_atom_site.id 
_atom_site.type_symbol 
_atom_site.label_atom_id 
_atom_site.label_alt_id 
_atom_site.label_comp_id 
_atom_site.label_asym_id 
_atom_site.label_entity_id 
_atom_site.label_seq_id 
_atom_site.pdbx_PDB_ins_code 
_atom_site.Cartn_x 
_atom_site.Cartn_y 
_atom_site.Cartn_z 
_atom_site.occupancy 
_atom_site.B_iso_or_equiv 
_atom_site.pdbx_formal_charge 
_atom_site.auth_seq_id 
_atom_site.auth_comp_id 
_atom_site.auth_asym_id 
_atom_site.auth_atom_id 
_atom_site.pdbx_PDB_model_num 
ATOM   1    N N   . SER A 1 5   ? -9.756  11.486  -10.504 1.00 42.02 ? 103  SER A N   1 
ATOM   2    C CA  . SER A 1 5   ? -9.624  10.009  -10.345 1.00 40.58 ? 103  SER A CA  1 
ATOM   3    C C   . SER A 1 5   ? -8.182  9.618   -10.041 1.00 37.28 ? 103  SER A C   1 
ATOM   4    O O   . SER A 1 5   ? -7.869  8.435   -9.955  1.00 35.66 ? 103  SER A O   1 
ATOM   5    C CB  . SER A 1 5   ? -10.080 9.301   -11.621 1.00 43.04 ? 103  SER A CB  1 
ATOM   6    O OG  . SER A 1 5   ? -10.077 7.896   -11.444 1.00 47.61 ? 103  SER A OG  1 
ATOM   7    N N   . GLY A 1 6   ? -7.318  10.622  -9.877  1.00 33.94 ? 104  GLY A N   1 
ATOM   8    C CA  . GLY A 1 6   ? -5.909  10.387  -9.593  1.00 23.69 ? 104  GLY A CA  1 
ATOM   9    C C   . GLY A 1 6   ? -5.660  9.439   -8.438  1.00 18.84 ? 104  GLY A C   1 
ATOM   10   O O   . GLY A 1 6   ? -5.061  8.379   -8.614  1.00 16.64 ? 104  GLY A O   1 
ATOM   11   N N   . ASP A 1 7   ? -6.119  9.824   -7.251  1.00 17.91 ? 105  ASP A N   1 
ATOM   12   C CA  . ASP A 1 7   ? -5.950  9.006   -6.058  1.00 14.36 ? 105  ASP A CA  1 
ATOM   13   C C   . ASP A 1 7   ? -6.787  7.728   -6.103  1.00 15.73 ? 105  ASP A C   1 
ATOM   14   O O   . ASP A 1 7   ? -6.382  6.702   -5.576  1.00 15.73 ? 105  ASP A O   1 
ATOM   15   C CB  . ASP A 1 7   ? -6.320  9.802   -4.803  1.00 16.70 ? 105  ASP A CB  1 
ATOM   16   C CG  . ASP A 1 7   ? -5.268  10.823  -4.432  1.00 20.02 ? 105  ASP A CG  1 
ATOM   17   O OD1 . ASP A 1 7   ? -4.131  10.686  -4.912  1.00 16.50 ? 105  ASP A OD1 1 
ATOM   18   O OD2 . ASP A 1 7   ? -5.576  11.748  -3.651  1.00 17.41 ? 105  ASP A OD2 1 
ATOM   19   N N   . THR A 1 8   ? -7.955  7.799   -6.732  1.00 17.27 ? 106  THR A N   1 
ATOM   20   C CA  . THR A 1 8   ? -8.807  6.627   -6.811  1.00 19.99 ? 106  THR A CA  1 
ATOM   21   C C   . THR A 1 8   ? -8.113  5.530   -7.613  1.00 14.89 ? 106  THR A C   1 
ATOM   22   O O   . THR A 1 8   ? -8.050  4.382   -7.177  1.00 18.64 ? 106  THR A O   1 
ATOM   23   C CB  . THR A 1 8   ? -10.164 6.971   -7.456  1.00 21.01 ? 106  THR A CB  1 
ATOM   24   O OG1 . THR A 1 8   ? -10.869 7.890   -6.612  1.00 26.77 ? 106  THR A OG1 1 
ATOM   25   C CG2 . THR A 1 8   ? -11.005 5.708   -7.638  1.00 24.09 ? 106  THR A CG2 1 
ATOM   26   N N   . GLN A 1 9   ? -7.573  5.882   -8.775  1.00 17.71 ? 107  GLN A N   1 
ATOM   27   C CA  . GLN A 1 9   ? -6.882  4.889   -9.592  1.00 16.47 ? 107  GLN A CA  1 
ATOM   28   C C   . GLN A 1 9   ? -5.608  4.419   -8.912  1.00 16.25 ? 107  GLN A C   1 
ATOM   29   O O   . GLN A 1 9   ? -5.258  3.247   -8.979  1.00 16.99 ? 107  GLN A O   1 
ATOM   30   C CB  . GLN A 1 9   ? -6.567  5.449   -10.987 1.00 20.24 ? 107  GLN A CB  1 
ATOM   31   C CG  . GLN A 1 9   ? -7.824  5.860   -11.734 1.00 21.53 ? 107  GLN A CG  1 
ATOM   32   C CD  . GLN A 1 9   ? -7.644  6.003   -13.239 1.00 24.72 ? 107  GLN A CD  1 
ATOM   33   O OE1 . GLN A 1 9   ? -8.426  6.690   -13.890 1.00 29.68 ? 107  GLN A OE1 1 
ATOM   34   N NE2 . GLN A 1 9   ? -6.633  5.346   -13.797 1.00 15.04 ? 107  GLN A NE2 1 
ATOM   35   N N   . LEU A 1 10  ? -4.923  5.329   -8.234  1.00 15.69 ? 108  LEU A N   1 
ATOM   36   C CA  . LEU A 1 10  ? -3.688  4.972   -7.555  1.00 15.35 ? 108  LEU A CA  1 
ATOM   37   C C   . LEU A 1 10  ? -3.974  3.915   -6.484  1.00 12.84 ? 108  LEU A C   1 
ATOM   38   O O   . LEU A 1 10  ? -3.265  2.913   -6.369  1.00 13.83 ? 108  LEU A O   1 
ATOM   39   C CB  . LEU A 1 10  ? -3.072  6.228   -6.928  1.00 16.87 ? 108  LEU A CB  1 
ATOM   40   C CG  . LEU A 1 10  ? -1.599  6.177   -6.537  1.00 24.85 ? 108  LEU A CG  1 
ATOM   41   C CD1 . LEU A 1 10  ? -0.752  5.924   -7.774  1.00 17.76 ? 108  LEU A CD1 1 
ATOM   42   C CD2 . LEU A 1 10  ? -1.210  7.499   -5.887  1.00 25.23 ? 108  LEU A CD2 1 
ATOM   43   N N   . PHE A 1 11  ? -5.030  4.149   -5.712  1.00 14.01 ? 109  PHE A N   1 
ATOM   44   C CA  . PHE A 1 11  ? -5.441  3.224   -4.666  1.00 13.69 ? 109  PHE A CA  1 
ATOM   45   C C   . PHE A 1 11  ? -5.953  1.900   -5.249  1.00 13.22 ? 109  PHE A C   1 
ATOM   46   O O   . PHE A 1 11  ? -5.570  0.830   -4.793  1.00 14.00 ? 109  PHE A O   1 
ATOM   47   C CB  . PHE A 1 11  ? -6.540  3.856   -3.810  1.00 14.74 ? 109  PHE A CB  1 
ATOM   48   C CG  . PHE A 1 11  ? -7.248  2.875   -2.916  1.00 15.89 ? 109  PHE A CG  1 
ATOM   49   C CD1 . PHE A 1 11  ? -6.632  2.362   -1.778  1.00 15.12 ? 109  PHE A CD1 1 
ATOM   50   C CD2 . PHE A 1 11  ? -8.520  2.424   -3.246  1.00 15.20 ? 109  PHE A CD2 1 
ATOM   51   C CE1 . PHE A 1 11  ? -7.272  1.409   -0.980  1.00 16.86 ? 109  PHE A CE1 1 
ATOM   52   C CE2 . PHE A 1 11  ? -9.165  1.473   -2.456  1.00 14.48 ? 109  PHE A CE2 1 
ATOM   53   C CZ  . PHE A 1 11  ? -8.546  0.963   -1.324  1.00 19.97 ? 109  PHE A CZ  1 
ATOM   54   N N   . ASN A 1 12  ? -6.816  1.974   -6.256  1.00 15.78 ? 110  ASN A N   1 
ATOM   55   C CA  . ASN A 1 12  ? -7.349  0.741   -6.839  1.00 15.24 ? 110  ASN A CA  1 
ATOM   56   C C   . ASN A 1 12  ? -6.238  -0.156  -7.368  1.00 16.25 ? 110  ASN A C   1 
ATOM   57   O O   . ASN A 1 12  ? -6.236  -1.371  -7.179  1.00 16.43 ? 110  ASN A O   1 
ATOM   58   C CB  . ASN A 1 12  ? -8.325  1.060   -7.979  1.00 15.65 ? 110  ASN A CB  1 
ATOM   59   C CG  . ASN A 1 12  ? -9.653  1.610   -7.480  1.00 17.41 ? 110  ASN A CG  1 
ATOM   60   O OD1 . ASN A 1 12  ? -9.980  1.520   -6.291  1.00 18.47 ? 110  ASN A OD1 1 
ATOM   61   N ND2 . ASN A 1 12  ? -10.433 2.176   -8.398  1.00 20.64 ? 110  ASN A ND2 1 
ATOM   62   N N   . ARG A 1 13  ? -5.277  0.462   -8.035  1.00 15.88 ? 111  ARG A N   1 
ATOM   63   C CA  . ARG A 1 13  ? -4.160  -0.255  -8.597  1.00 14.06 ? 111  ARG A CA  1 
ATOM   64   C C   . ARG A 1 13  ? -3.297  -0.885  -7.499  1.00 12.47 ? 111  ARG A C   1 
ATOM   65   O O   . ARG A 1 13  ? -2.910  -2.054  -7.572  1.00 15.03 ? 111  ARG A O   1 
ATOM   66   C CB  . ARG A 1 13  ? -3.352  0.735   -9.432  1.00 17.09 ? 111  ARG A CB  1 
ATOM   67   C CG  . ARG A 1 13  ? -2.094  0.215   -10.038 1.00 19.42 ? 111  ARG A CG  1 
ATOM   68   C CD  . ARG A 1 13  ? -1.509  1.369   -10.819 1.00 17.75 ? 111  ARG A CD  1 
ATOM   69   N NE  . ARG A 1 13  ? -0.161  1.111   -11.280 1.00 22.54 ? 111  ARG A NE  1 
ATOM   70   C CZ  . ARG A 1 13  ? 0.648   2.068   -11.712 1.00 15.67 ? 111  ARG A CZ  1 
ATOM   71   N NH1 . ARG A 1 13  ? 0.225   3.328   -11.731 1.00 17.02 ? 111  ARG A NH1 1 
ATOM   72   N NH2 . ARG A 1 13  ? 1.871   1.764   -12.114 1.00 20.11 ? 111  ARG A NH2 1 
ATOM   73   N N   . ALA A 1 14  ? -3.010  -0.097  -6.467  1.00 12.86 ? 112  ALA A N   1 
ATOM   74   C CA  . ALA A 1 14  ? -2.182  -0.560  -5.371  1.00 14.43 ? 112  ALA A CA  1 
ATOM   75   C C   . ALA A 1 14  ? -2.824  -1.646  -4.514  1.00 14.70 ? 112  ALA A C   1 
ATOM   76   O O   . ALA A 1 14  ? -2.195  -2.654  -4.218  1.00 12.92 ? 112  ALA A O   1 
ATOM   77   C CB  . ALA A 1 14  ? -1.780  0.631   -4.499  1.00 12.26 ? 112  ALA A CB  1 
ATOM   78   N N   . VAL A 1 15  ? -4.077  -1.446  -4.125  1.00 16.38 ? 113  VAL A N   1 
ATOM   79   C CA  . VAL A 1 15  ? -4.736  -2.428  -3.281  1.00 15.54 ? 113  VAL A CA  1 
ATOM   80   C C   . VAL A 1 15  ? -4.928  -3.735  -4.048  1.00 14.97 ? 113  VAL A C   1 
ATOM   81   O O   . VAL A 1 15  ? -4.896  -4.819  -3.462  1.00 14.43 ? 113  VAL A O   1 
ATOM   82   C CB  . VAL A 1 15  ? -6.088  -1.885  -2.739  1.00 15.58 ? 113  VAL A CB  1 
ATOM   83   C CG1 . VAL A 1 15  ? -7.135  -1.834  -3.853  1.00 15.69 ? 113  VAL A CG1 1 
ATOM   84   C CG2 . VAL A 1 15  ? -6.552  -2.737  -1.577  1.00 18.94 ? 113  VAL A CG2 1 
ATOM   85   N N   . SER A 1 16  ? -5.098  -3.637  -5.361  1.00 17.11 ? 114  SER A N   1 
ATOM   86   C CA  . SER A 1 16  ? -5.264  -4.845  -6.156  1.00 17.48 ? 114  SER A CA  1 
ATOM   87   C C   . SER A 1 16  ? -3.984  -5.667  -6.155  1.00 16.89 ? 114  SER A C   1 
ATOM   88   O O   . SER A 1 16  ? -4.026  -6.896  -6.087  1.00 19.78 ? 114  SER A O   1 
ATOM   89   C CB  . SER A 1 16  ? -5.683  -4.489  -7.580  1.00 20.96 ? 114  SER A CB  1 
ATOM   90   O OG  . SER A 1 16  ? -6.981  -3.924  -7.566  1.00 30.52 ? 114  SER A OG  1 
ATOM   91   N N   . MET A 1 17  ? -2.834  -4.996  -6.210  1.00 14.09 ? 115  MET A N   1 
ATOM   92   C CA  . MET A 1 17  ? -1.552  -5.690  -6.180  1.00 16.41 ? 115  MET A CA  1 
ATOM   93   C C   . MET A 1 17  ? -1.348  -6.408  -4.851  1.00 16.83 ? 115  MET A C   1 
ATOM   94   O O   . MET A 1 17  ? -0.859  -7.532  -4.800  1.00 18.09 ? 115  MET A O   1 
ATOM   95   C CB  . MET A 1 17  ? -0.405  -4.703  -6.345  1.00 23.87 ? 115  MET A CB  1 
ATOM   96   C CG  . MET A 1 17  ? -0.314  -4.027  -7.677  1.00 28.47 ? 115  MET A CG  1 
ATOM   97   S SD  . MET A 1 17  ? 0.999   -2.795  -7.564  1.00 35.22 ? 115  MET A SD  1 
ATOM   98   C CE  . MET A 1 17  ? 2.327   -3.825  -7.080  1.00 17.11 ? 115  MET A CE  1 
ATOM   99   N N   . VAL A 1 18  ? -1.696  -5.728  -3.767  1.00 16.40 ? 116  VAL A N   1 
ATOM   100  C CA  . VAL A 1 18  ? -1.545  -6.284  -2.437  1.00 16.50 ? 116  VAL A CA  1 
ATOM   101  C C   . VAL A 1 18  ? -2.412  -7.518  -2.236  1.00 15.67 ? 116  VAL A C   1 
ATOM   102  O O   . VAL A 1 18  ? -1.953  -8.546  -1.743  1.00 17.67 ? 116  VAL A O   1 
ATOM   103  C CB  . VAL A 1 18  ? -1.925  -5.229  -1.380  1.00 15.24 ? 116  VAL A CB  1 
ATOM   104  C CG1 . VAL A 1 18  ? -1.838  -5.826  0.022   1.00 17.31 ? 116  VAL A CG1 1 
ATOM   105  C CG2 . VAL A 1 18  ? -1.018  -4.016  -1.530  1.00 15.55 ? 116  VAL A CG2 1 
ATOM   106  N N   . GLU A 1 19  ? -3.671  -7.390  -2.628  1.00 17.28 ? 117  GLU A N   1 
ATOM   107  C CA  . GLU A 1 19  ? -4.653  -8.456  -2.480  1.00 23.90 ? 117  GLU A CA  1 
ATOM   108  C C   . GLU A 1 19  ? -4.307  -9.722  -3.249  1.00 23.61 ? 117  GLU A C   1 
ATOM   109  O O   . GLU A 1 19  ? -4.608  -10.828 -2.800  1.00 20.85 ? 117  GLU A O   1 
ATOM   110  C CB  . GLU A 1 19  ? -6.021  -7.940  -2.926  1.00 23.27 ? 117  GLU A CB  1 
ATOM   111  C CG  . GLU A 1 19  ? -7.129  -8.966  -2.891  1.00 32.38 ? 117  GLU A CG  1 
ATOM   112  C CD  . GLU A 1 19  ? -8.406  -8.414  -3.461  1.00 24.43 ? 117  GLU A CD  1 
ATOM   113  O OE1 . GLU A 1 19  ? -8.389  -7.978  -4.632  1.00 29.76 ? 117  GLU A OE1 1 
ATOM   114  O OE2 . GLU A 1 19  ? -9.424  -8.410  -2.740  1.00 39.53 ? 117  GLU A OE2 1 
ATOM   115  N N   . LYS A 1 20  ? -3.673  -9.563  -4.406  1.00 24.31 ? 118  LYS A N   1 
ATOM   116  C CA  . LYS A 1 20  ? -3.319  -10.716 -5.232  1.00 24.90 ? 118  LYS A CA  1 
ATOM   117  C C   . LYS A 1 20  ? -1.968  -11.327 -4.886  1.00 23.38 ? 118  LYS A C   1 
ATOM   118  O O   . LYS A 1 20  ? -1.593  -12.365 -5.427  1.00 27.38 ? 118  LYS A O   1 
ATOM   119  C CB  . LYS A 1 20  ? -3.335  -10.328 -6.715  1.00 24.52 ? 118  LYS A CB  1 
ATOM   120  N N   . ASN A 1 21  ? -1.235  -10.700 -3.972  1.00 17.97 ? 119  ASN A N   1 
ATOM   121  C CA  . ASN A 1 21  ? 0.078   -11.213 -3.610  1.00 18.90 ? 119  ASN A CA  1 
ATOM   122  C C   . ASN A 1 21  ? -0.005  -12.353 -2.603  1.00 22.08 ? 119  ASN A C   1 
ATOM   123  O O   . ASN A 1 21  ? -0.413  -12.152 -1.459  1.00 19.00 ? 119  ASN A O   1 
ATOM   124  C CB  . ASN A 1 21  ? 0.945   -10.082 -3.049  1.00 19.81 ? 119  ASN A CB  1 
ATOM   125  C CG  . ASN A 1 21  ? 2.351   -10.531 -2.755  1.00 22.34 ? 119  ASN A CG  1 
ATOM   126  O OD1 . ASN A 1 21  ? 2.598   -11.249 -1.789  1.00 23.19 ? 119  ASN A OD1 1 
ATOM   127  N ND2 . ASN A 1 21  ? 3.291   -10.117 -3.602  1.00 32.50 ? 119  ASN A ND2 1 
ATOM   128  N N   . LYS A 1 22  ? 0.393   -13.549 -3.033  1.00 22.79 ? 120  LYS A N   1 
ATOM   129  C CA  . LYS A 1 22  ? 0.358   -14.727 -2.171  1.00 22.09 ? 120  LYS A CA  1 
ATOM   130  C C   . LYS A 1 22  ? 1.065   -14.556 -0.829  1.00 21.64 ? 120  LYS A C   1 
ATOM   131  O O   . LYS A 1 22  ? 0.535   -14.953 0.213   1.00 20.60 ? 120  LYS A O   1 
ATOM   132  C CB  . LYS A 1 22  ? 0.955   -15.936 -2.903  1.00 25.46 ? 120  LYS A CB  1 
ATOM   133  N N   . ASP A 1 23  ? 2.261   -13.977 -0.849  1.00 21.81 ? 121  ASP A N   1 
ATOM   134  C CA  . ASP A 1 23  ? 3.005   -13.778 0.393   1.00 18.71 ? 121  ASP A CA  1 
ATOM   135  C C   . ASP A 1 23  ? 2.270   -12.855 1.353   1.00 15.80 ? 121  ASP A C   1 
ATOM   136  O O   . ASP A 1 23  ? 2.234   -13.116 2.553   1.00 19.41 ? 121  ASP A O   1 
ATOM   137  C CB  . ASP A 1 23  ? 4.397   -13.204 0.112   1.00 21.23 ? 121  ASP A CB  1 
ATOM   138  C CG  . ASP A 1 23  ? 5.360   -14.240 -0.444  1.00 31.04 ? 121  ASP A CG  1 
ATOM   139  O OD1 . ASP A 1 23  ? 5.297   -15.410 -0.010  1.00 34.56 ? 121  ASP A OD1 1 
ATOM   140  O OD2 . ASP A 1 23  ? 6.195   -13.882 -1.299  1.00 30.33 ? 121  ASP A OD2 1 
ATOM   141  N N   . ILE A 1 24  ? 1.694   -11.777 0.829   1.00 17.65 ? 122  ILE A N   1 
ATOM   142  C CA  . ILE A 1 24  ? 0.966   -10.831 1.672   1.00 16.11 ? 122  ILE A CA  1 
ATOM   143  C C   . ILE A 1 24  ? -0.278  -11.494 2.257   1.00 17.19 ? 122  ILE A C   1 
ATOM   144  O O   . ILE A 1 24  ? -0.596  -11.309 3.439   1.00 14.21 ? 122  ILE A O   1 
ATOM   145  C CB  . ILE A 1 24  ? 0.533   -9.568  0.890   1.00 18.77 ? 122  ILE A CB  1 
ATOM   146  C CG1 . ILE A 1 24  ? 1.766   -8.810  0.384   1.00 18.96 ? 122  ILE A CG1 1 
ATOM   147  C CG2 . ILE A 1 24  ? -0.304  -8.667  1.793   1.00 17.88 ? 122  ILE A CG2 1 
ATOM   148  C CD1 . ILE A 1 24  ? 2.685   -8.361  1.490   1.00 19.45 ? 122  ILE A CD1 1 
ATOM   149  N N   . ARG A 1 25  ? -0.977  -12.276 1.438   1.00 17.96 ? 123  ARG A N   1 
ATOM   150  C CA  . ARG A 1 25  ? -2.168  -12.956 1.935   1.00 19.33 ? 123  ARG A CA  1 
ATOM   151  C C   . ARG A 1 25  ? -1.782  -13.889 3.078   1.00 15.40 ? 123  ARG A C   1 
ATOM   152  O O   . ARG A 1 25  ? -2.535  -14.059 4.029   1.00 15.41 ? 123  ARG A O   1 
ATOM   153  C CB  . ARG A 1 25  ? -2.851  -13.750 0.817   1.00 17.48 ? 123  ARG A CB  1 
ATOM   154  C CG  . ARG A 1 25  ? -3.445  -12.884 -0.283  1.00 16.88 ? 123  ARG A CG  1 
ATOM   155  C CD  . ARG A 1 25  ? -4.337  -13.711 -1.215  1.00 20.36 ? 123  ARG A CD  1 
ATOM   156  N NE  . ARG A 1 25  ? -5.583  -14.100 -0.560  1.00 18.95 ? 123  ARG A NE  1 
ATOM   157  C CZ  . ARG A 1 25  ? -6.658  -13.326 -0.468  1.00 16.80 ? 123  ARG A CZ  1 
ATOM   158  N NH1 . ARG A 1 25  ? -6.656  -12.108 -0.994  1.00 18.91 ? 123  ARG A NH1 1 
ATOM   159  N NH2 . ARG A 1 25  ? -7.743  -13.766 0.158   1.00 15.35 ? 123  ARG A NH2 1 
ATOM   160  N N   . SER A 1 26  ? -0.597  -14.484 2.985   1.00 19.27 ? 124  SER A N   1 
ATOM   161  C CA  . SER A 1 26  ? -0.123  -15.379 4.027   1.00 19.57 ? 124  SER A CA  1 
ATOM   162  C C   . SER A 1 26  ? 0.185   -14.589 5.296   1.00 18.91 ? 124  SER A C   1 
ATOM   163  O O   . SER A 1 26  ? -0.123  -15.038 6.397   1.00 18.03 ? 124  SER A O   1 
ATOM   164  C CB  . SER A 1 26  ? 1.130   -16.123 3.555   1.00 25.13 ? 124  SER A CB  1 
ATOM   165  O OG  . SER A 1 26  ? 1.585   -17.027 4.545   1.00 33.57 ? 124  SER A OG  1 
ATOM   166  N N   . LEU A 1 27  ? 0.797   -13.414 5.140   1.00 17.19 ? 125  LEU A N   1 
ATOM   167  C CA  . LEU A 1 27  ? 1.112   -12.580 6.295   1.00 15.07 ? 125  LEU A CA  1 
ATOM   168  C C   . LEU A 1 27  ? -0.166  -12.118 6.987   1.00 14.61 ? 125  LEU A C   1 
ATOM   169  O O   . LEU A 1 27  ? -0.196  -11.937 8.204   1.00 16.45 ? 125  LEU A O   1 
ATOM   170  C CB  . LEU A 1 27  ? 1.941   -11.353 5.872   1.00 16.61 ? 125  LEU A CB  1 
ATOM   171  C CG  . LEU A 1 27  ? 3.328   -11.628 5.277   1.00 18.36 ? 125  LEU A CG  1 
ATOM   172  C CD1 . LEU A 1 27  ? 3.997   -10.297 4.913   1.00 18.94 ? 125  LEU A CD1 1 
ATOM   173  C CD2 . LEU A 1 27  ? 4.174   -12.400 6.268   1.00 19.92 ? 125  LEU A CD2 1 
ATOM   174  N N   . LEU A 1 28  ? -1.227  -11.931 6.209   1.00 15.47 ? 126  LEU A N   1 
ATOM   175  C CA  . LEU A 1 28  ? -2.507  -11.495 6.756   1.00 15.52 ? 126  LEU A CA  1 
ATOM   176  C C   . LEU A 1 28  ? -3.295  -12.680 7.308   1.00 14.90 ? 126  LEU A C   1 
ATOM   177  O O   . LEU A 1 28  ? -4.364  -12.498 7.882   1.00 16.55 ? 126  LEU A O   1 
ATOM   178  C CB  . LEU A 1 28  ? -3.335  -10.796 5.679   1.00 15.05 ? 126  LEU A CB  1 
ATOM   179  C CG  . LEU A 1 28  ? -2.888  -9.395  5.255   1.00 16.65 ? 126  LEU A CG  1 
ATOM   180  C CD1 . LEU A 1 28  ? -3.649  -8.981  4.003   1.00 16.83 ? 126  LEU A CD1 1 
ATOM   181  C CD2 . LEU A 1 28  ? -3.131  -8.412  6.393   1.00 19.57 ? 126  LEU A CD2 1 
ATOM   182  N N   . GLN A 1 29  ? -2.743  -13.874 7.134   1.00 15.68 ? 127  GLN A N   1 
ATOM   183  C CA  . GLN A 1 29  ? -3.372  -15.098 7.608   1.00 18.16 ? 127  GLN A CA  1 
ATOM   184  C C   . GLN A 1 29  ? -4.782  -15.225 7.042   1.00 15.69 ? 127  GLN A C   1 
ATOM   185  O O   . GLN A 1 29  ? -5.739  -15.512 7.769   1.00 16.13 ? 127  GLN A O   1 
ATOM   186  C CB  . GLN A 1 29  ? -3.395  -15.116 9.137   1.00 18.94 ? 127  GLN A CB  1 
ATOM   187  C CG  . GLN A 1 29  ? -1.996  -15.197 9.744   1.00 19.20 ? 127  GLN A CG  1 
ATOM   188  C CD  . GLN A 1 29  ? -2.005  -15.185 11.255  1.00 22.82 ? 127  GLN A CD  1 
ATOM   189  O OE1 . GLN A 1 29  ? -2.881  -15.779 11.888  1.00 27.98 ? 127  GLN A OE1 1 
ATOM   190  N NE2 . GLN A 1 29  ? -1.012  -14.521 11.850  1.00 24.15 ? 127  GLN A NE2 1 
ATOM   191  N N   . CYS A 1 30  ? -4.894  -15.006 5.735   1.00 15.69 ? 128  CYS A N   1 
ATOM   192  C CA  . CYS A 1 30  ? -6.181  -15.107 5.046   1.00 14.19 ? 128  CYS A CA  1 
ATOM   193  C C   . CYS A 1 30  ? -6.750  -16.511 5.142   1.00 17.19 ? 128  CYS A C   1 
ATOM   194  O O   . CYS A 1 30  ? -6.012  -17.489 5.104   1.00 20.41 ? 128  CYS A O   1 
ATOM   195  C CB  . CYS A 1 30  ? -6.032  -14.768 3.568   1.00 16.27 ? 128  CYS A CB  1 
ATOM   196  S SG  . CYS A 1 30  ? -5.688  -13.024 3.242   1.00 17.22 ? 128  CYS A SG  1 
ATOM   197  N N   . ASP A 1 31  ? -8.071  -16.577 5.266   1.00 16.88 ? 129  ASP A N   1 
ATOM   198  C CA  . ASP A 1 31  ? -8.796  -17.838 5.329   1.00 20.05 ? 129  ASP A CA  1 
ATOM   199  C C   . ASP A 1 31  ? -9.009  -18.206 3.857   1.00 18.27 ? 129  ASP A C   1 
ATOM   200  O O   . ASP A 1 31  ? -10.085 -17.992 3.309   1.00 19.75 ? 129  ASP A O   1 
ATOM   201  C CB  . ASP A 1 31  ? -10.144 -17.607 6.023   1.00 19.57 ? 129  ASP A CB  1 
ATOM   202  C CG  . ASP A 1 31  ? -10.920 -18.888 6.251   1.00 27.30 ? 129  ASP A CG  1 
ATOM   203  O OD1 . ASP A 1 31  ? -10.443 -19.962 5.835   1.00 32.08 ? 129  ASP A OD1 1 
ATOM   204  O OD2 . ASP A 1 31  ? -12.012 -18.811 6.851   1.00 28.97 ? 129  ASP A OD2 1 
ATOM   205  N N   . ASP A 1 32  ? -7.970  -18.731 3.216   1.00 16.68 ? 130  ASP A N   1 
ATOM   206  C CA  . ASP A 1 32  ? -8.054  -19.109 1.805   1.00 19.91 ? 130  ASP A CA  1 
ATOM   207  C C   . ASP A 1 32  ? -8.117  -20.622 1.703   1.00 20.97 ? 130  ASP A C   1 
ATOM   208  O O   . ASP A 1 32  ? -7.217  -21.322 2.149   1.00 25.42 ? 130  ASP A O   1 
ATOM   209  C CB  . ASP A 1 32  ? -6.835  -18.614 1.019   1.00 19.29 ? 130  ASP A CB  1 
ATOM   210  C CG  . ASP A 1 32  ? -6.742  -17.102 0.962   1.00 19.51 ? 130  ASP A CG  1 
ATOM   211  O OD1 . ASP A 1 32  ? -7.754  -16.416 1.210   1.00 17.94 ? 130  ASP A OD1 1 
ATOM   212  O OD2 . ASP A 1 32  ? -5.640  -16.600 0.647   1.00 20.33 ? 130  ASP A OD2 1 
ATOM   213  N N   . GLY A 1 33  ? -9.183  -21.128 1.106   1.00 21.44 ? 131  GLY A N   1 
ATOM   214  C CA  . GLY A 1 33  ? -9.298  -22.567 0.998   1.00 21.53 ? 131  GLY A CA  1 
ATOM   215  C C   . GLY A 1 33  ? -9.969  -23.016 -0.274  1.00 18.05 ? 131  GLY A C   1 
ATOM   216  O O   . GLY A 1 33  ? -10.199 -22.233 -1.196  1.00 18.07 ? 131  GLY A O   1 
ATOM   217  N N   . ILE A 1 34  ? -10.287 -24.301 -0.301  1.00 18.66 ? 132  ILE A N   1 
ATOM   218  C CA  . ILE A 1 34  ? -10.923 -24.913 -1.447  1.00 17.25 ? 132  ILE A CA  1 
ATOM   219  C C   . ILE A 1 34  ? -12.300 -24.323 -1.761  1.00 20.15 ? 132  ILE A C   1 
ATOM   220  O O   . ILE A 1 34  ? -12.788 -24.452 -2.885  1.00 19.85 ? 132  ILE A O   1 
ATOM   221  C CB  . ILE A 1 34  ? -11.022 -26.439 -1.224  1.00 15.29 ? 132  ILE A CB  1 
ATOM   222  C CG1 . ILE A 1 34  ? -11.220 -27.142 -2.566  1.00 18.30 ? 132  ILE A CG1 1 
ATOM   223  C CG2 . ILE A 1 34  ? -12.145 -26.762 -0.249  1.00 19.87 ? 132  ILE A CG2 1 
ATOM   224  C CD1 . ILE A 1 34  ? -11.037 -28.639 -2.477  1.00 19.92 ? 132  ILE A CD1 1 
ATOM   225  N N   . THR A 1 35  ? -12.922 -23.671 -0.784  1.00 19.26 ? 133  THR A N   1 
ATOM   226  C CA  . THR A 1 35  ? -14.231 -23.072 -1.016  1.00 22.14 ? 133  THR A CA  1 
ATOM   227  C C   . THR A 1 35  ? -14.122 -21.632 -1.518  1.00 22.09 ? 133  THR A C   1 
ATOM   228  O O   . THR A 1 35  ? -15.128 -21.014 -1.869  1.00 25.92 ? 133  THR A O   1 
ATOM   229  C CB  . THR A 1 35  ? -15.105 -23.080 0.262   1.00 21.28 ? 133  THR A CB  1 
ATOM   230  O OG1 . THR A 1 35  ? -14.479 -22.292 1.284   1.00 27.61 ? 133  THR A OG1 1 
ATOM   231  C CG2 . THR A 1 35  ? -15.293 -24.503 0.775   1.00 25.04 ? 133  THR A CG2 1 
ATOM   232  N N   . GLY A 1 36  ? -12.900 -21.105 -1.558  1.00 21.34 ? 134  GLY A N   1 
ATOM   233  C CA  . GLY A 1 36  ? -12.708 -19.743 -2.026  1.00 22.24 ? 134  GLY A CA  1 
ATOM   234  C C   . GLY A 1 36  ? -11.709 -18.960 -1.194  1.00 18.23 ? 134  GLY A C   1 
ATOM   235  O O   . GLY A 1 36  ? -11.282 -19.418 -0.137  1.00 18.77 ? 134  GLY A O   1 
ATOM   236  N N   . LYS A 1 37  ? -11.338 -17.781 -1.682  1.00 19.62 ? 135  LYS A N   1 
ATOM   237  C CA  . LYS A 1 37  ? -10.382 -16.920 -0.981  1.00 20.90 ? 135  LYS A CA  1 
ATOM   238  C C   . LYS A 1 37  ? -11.135 -15.918 -0.123  1.00 17.83 ? 135  LYS A C   1 
ATOM   239  O O   . LYS A 1 37  ? -12.207 -15.455 -0.497  1.00 19.27 ? 135  LYS A O   1 
ATOM   240  C CB  . LYS A 1 37  ? -9.507  -16.160 -1.991  1.00 23.07 ? 135  LYS A CB  1 
ATOM   241  C CG  . LYS A 1 37  ? -8.727  -17.055 -2.938  1.00 30.41 ? 135  LYS A CG  1 
ATOM   242  C CD  . LYS A 1 37  ? -7.999  -16.262 -4.029  1.00 36.73 ? 135  LYS A CD  1 
ATOM   243  C CE  . LYS A 1 37  ? -6.791  -15.509 -3.485  1.00 42.46 ? 135  LYS A CE  1 
ATOM   244  N NZ  . LYS A 1 37  ? -6.039  -14.793 -4.563  1.00 42.50 ? 135  LYS A NZ  1 
ATOM   245  N N   . GLU A 1 38  ? -10.567 -15.577 1.029   1.00 17.64 ? 136  GLU A N   1 
ATOM   246  C CA  . GLU A 1 38  ? -11.200 -14.610 1.907   1.00 13.71 ? 136  GLU A CA  1 
ATOM   247  C C   . GLU A 1 38  ? -11.322 -13.264 1.208   1.00 16.87 ? 136  GLU A C   1 
ATOM   248  O O   . GLU A 1 38  ? -10.409 -12.835 0.486   1.00 18.59 ? 136  GLU A O   1 
ATOM   249  C CB  . GLU A 1 38  ? -10.377 -14.433 3.186   1.00 15.61 ? 136  GLU A CB  1 
ATOM   250  C CG  . GLU A 1 38  ? -10.961 -13.404 4.151   1.00 15.86 ? 136  GLU A CG  1 
ATOM   251  C CD  . GLU A 1 38  ? -10.144 -13.239 5.428   1.00 15.33 ? 136  GLU A CD  1 
ATOM   252  O OE1 . GLU A 1 38  ? -9.276  -14.086 5.716   1.00 16.72 ? 136  GLU A OE1 1 
ATOM   253  O OE2 . GLU A 1 38  ? -10.396 -12.259 6.155   1.00 16.44 ? 136  GLU A OE2 1 
ATOM   254  N N   . ARG A 1 39  ? -12.453 -12.599 1.418   1.00 16.28 ? 137  ARG A N   1 
ATOM   255  C CA  . ARG A 1 39  ? -12.676 -11.286 0.832   1.00 19.04 ? 137  ARG A CA  1 
ATOM   256  C C   . ARG A 1 39  ? -12.069 -10.261 1.784   1.00 16.87 ? 137  ARG A C   1 
ATOM   257  O O   . ARG A 1 39  ? -12.624 -9.986  2.845   1.00 21.23 ? 137  ARG A O   1 
ATOM   258  C CB  . ARG A 1 39  ? -14.173 -11.018 0.672   1.00 23.54 ? 137  ARG A CB  1 
ATOM   259  C CG  . ARG A 1 39  ? -14.824 -11.877 -0.402  1.00 32.88 ? 137  ARG A CG  1 
ATOM   260  C CD  . ARG A 1 39  ? -16.286 -11.509 -0.592  1.00 40.46 ? 137  ARG A CD  1 
ATOM   261  N NE  . ARG A 1 39  ? -17.115 -11.909 0.541   1.00 48.66 ? 137  ARG A NE  1 
ATOM   262  C CZ  . ARG A 1 39  ? -17.451 -13.166 0.814   1.00 50.57 ? 137  ARG A CZ  1 
ATOM   263  N NH1 . ARG A 1 39  ? -17.030 -14.153 0.033   1.00 56.90 ? 137  ARG A NH1 1 
ATOM   264  N NH2 . ARG A 1 39  ? -18.211 -13.438 1.866   1.00 55.08 ? 137  ARG A NH2 1 
ATOM   265  N N   . LEU A 1 40  ? -10.923 -9.714  1.406   1.00 16.85 ? 138  LEU A N   1 
ATOM   266  C CA  . LEU A 1 40  ? -10.259 -8.716  2.234   1.00 15.69 ? 138  LEU A CA  1 
ATOM   267  C C   . LEU A 1 40  ? -10.974 -7.372  2.157   1.00 16.13 ? 138  LEU A C   1 
ATOM   268  O O   . LEU A 1 40  ? -11.746 -7.105  1.231   1.00 21.86 ? 138  LEU A O   1 
ATOM   269  C CB  . LEU A 1 40  ? -8.802  -8.569  1.798   1.00 15.68 ? 138  LEU A CB  1 
ATOM   270  C CG  . LEU A 1 40  ? -7.904  -9.789  2.005   1.00 20.11 ? 138  LEU A CG  1 
ATOM   271  C CD1 . LEU A 1 40  ? -6.506  -9.505  1.467   1.00 21.10 ? 138  LEU A CD1 1 
ATOM   272  C CD2 . LEU A 1 40  ? -7.852  -10.136 3.483   1.00 20.29 ? 138  LEU A CD2 1 
ATOM   273  N N   . LYS A 1 41  ? -10.707 -6.527  3.148   1.00 13.86 ? 139  LYS A N   1 
ATOM   274  C CA  . LYS A 1 41  ? -11.302 -5.209  3.261   1.00 12.17 ? 139  LYS A CA  1 
ATOM   275  C C   . LYS A 1 41  ? -10.173 -4.172  3.209   1.00 12.92 ? 139  LYS A C   1 
ATOM   276  O O   . LYS A 1 41  ? -9.062  -4.453  3.652   1.00 16.55 ? 139  LYS A O   1 
ATOM   277  C CB  . LYS A 1 41  ? -12.038 -5.130  4.593   1.00 15.34 ? 139  LYS A CB  1 
ATOM   278  C CG  . LYS A 1 41  ? -12.737 -3.826  4.873   1.00 19.33 ? 139  LYS A CG  1 
ATOM   279  C CD  . LYS A 1 41  ? -13.429 -3.900  6.227   1.00 19.68 ? 139  LYS A CD  1 
ATOM   280  C CE  . LYS A 1 41  ? -14.227 -2.655  6.521   1.00 19.72 ? 139  LYS A CE  1 
ATOM   281  N NZ  . LYS A 1 41  ? -15.024 -2.845  7.773   1.00 19.83 ? 139  LYS A NZ  1 
ATOM   282  N N   . ALA A 1 42  ? -10.456 -3.005  2.642   1.00 13.68 ? 140  ALA A N   1 
ATOM   283  C CA  . ALA A 1 42  ? -9.452  -1.950  2.538   1.00 14.10 ? 140  ALA A CA  1 
ATOM   284  C C   . ALA A 1 42  ? -10.061 -0.584  2.811   1.00 16.48 ? 140  ALA A C   1 
ATOM   285  O O   . ALA A 1 42  ? -11.232 -0.338  2.530   1.00 18.09 ? 140  ALA A O   1 
ATOM   286  C CB  . ALA A 1 42  ? -8.799  -1.969  1.139   1.00 13.18 ? 140  ALA A CB  1 
ATOM   287  N N   . TYR A 1 43  ? -9.251  0.312   3.364   1.00 12.42 ? 141  TYR A N   1 
ATOM   288  C CA  . TYR A 1 43  ? -9.703  1.655   3.680   1.00 13.09 ? 141  TYR A CA  1 
ATOM   289  C C   . TYR A 1 43  ? -8.491  2.533   3.903   1.00 15.55 ? 141  TYR A C   1 
ATOM   290  O O   . TYR A 1 43  ? -7.360  2.032   3.932   1.00 13.81 ? 141  TYR A O   1 
ATOM   291  C CB  . TYR A 1 43  ? -10.610 1.665   4.925   1.00 11.90 ? 141  TYR A CB  1 
ATOM   292  C CG  . TYR A 1 43  ? -10.191 0.725   6.033   1.00 13.46 ? 141  TYR A CG  1 
ATOM   293  C CD1 . TYR A 1 43  ? -9.082  1.010   6.836   1.00 13.26 ? 141  TYR A CD1 1 
ATOM   294  C CD2 . TYR A 1 43  ? -10.880 -0.477  6.266   1.00 14.66 ? 141  TYR A CD2 1 
ATOM   295  C CE1 . TYR A 1 43  ? -8.667  0.132   7.839   1.00 11.91 ? 141  TYR A CE1 1 
ATOM   296  C CE2 . TYR A 1 43  ? -10.461 -1.368  7.267   1.00 15.90 ? 141  TYR A CE2 1 
ATOM   297  C CZ  . TYR A 1 43  ? -9.350  -1.050  8.050   1.00 13.79 ? 141  TYR A CZ  1 
ATOM   298  O OH  . TYR A 1 43  ? -8.902  -1.913  9.024   1.00 15.48 ? 141  TYR A OH  1 
ATOM   299  N N   . GLY A 1 44  ? -8.746  3.829   4.047   1.00 16.34 ? 142  GLY A N   1 
ATOM   300  C CA  . GLY A 1 44  ? -7.682  4.797   4.248   1.00 14.80 ? 142  GLY A CA  1 
ATOM   301  C C   . GLY A 1 44  ? -6.941  4.625   5.554   1.00 14.44 ? 142  GLY A C   1 
ATOM   302  O O   . GLY A 1 44  ? -7.277  3.809   6.392   1.00 12.88 ? 142  GLY A O   1 
ATOM   303  N N   . GLU A 1 45  ? -5.909  5.435   5.725   1.00 14.83 ? 143  GLU A N   1 
ATOM   304  C CA  . GLU A 1 45  ? -5.084  5.394   6.920   1.00 14.18 ? 143  GLU A CA  1 
ATOM   305  C C   . GLU A 1 45  ? -5.873  5.540   8.222   1.00 13.15 ? 143  GLU A C   1 
ATOM   306  O O   . GLU A 1 45  ? -6.691  6.447   8.366   1.00 15.31 ? 143  GLU A O   1 
ATOM   307  C CB  . GLU A 1 45  ? -4.039  6.503   6.798   1.00 20.04 ? 143  GLU A CB  1 
ATOM   308  C CG  . GLU A 1 45  ? -3.055  6.622   7.916   1.00 26.72 ? 143  GLU A CG  1 
ATOM   309  C CD  . GLU A 1 45  ? -1.968  7.614   7.563   1.00 27.66 ? 143  GLU A CD  1 
ATOM   310  O OE1 . GLU A 1 45  ? -2.300  8.671   6.987   1.00 29.65 ? 143  GLU A OE1 1 
ATOM   311  O OE2 . GLU A 1 45  ? -0.790  7.341   7.862   1.00 35.68 ? 143  GLU A OE2 1 
ATOM   312  N N   . LEU A 1 46  ? -5.616  4.642   9.166   1.00 13.38 ? 144  LEU A N   1 
ATOM   313  C CA  . LEU A 1 46  ? -6.286  4.678   10.460  1.00 15.21 ? 144  LEU A CA  1 
ATOM   314  C C   . LEU A 1 46  ? -5.663  5.749   11.332  1.00 18.37 ? 144  LEU A C   1 
ATOM   315  O O   . LEU A 1 46  ? -4.443  5.784   11.506  1.00 15.66 ? 144  LEU A O   1 
ATOM   316  C CB  . LEU A 1 46  ? -6.175  3.330   11.172  1.00 17.23 ? 144  LEU A CB  1 
ATOM   317  C CG  . LEU A 1 46  ? -6.957  2.195   10.506  1.00 16.10 ? 144  LEU A CG  1 
ATOM   318  C CD1 . LEU A 1 46  ? -6.677  0.885   11.237  1.00 21.13 ? 144  LEU A CD1 1 
ATOM   319  C CD2 . LEU A 1 46  ? -8.449  2.520   10.529  1.00 16.64 ? 144  LEU A CD2 1 
ATOM   320  N N   . ILE A 1 47  ? -6.506  6.625   11.861  1.00 15.35 ? 145  ILE A N   1 
ATOM   321  C CA  . ILE A 1 47  ? -6.041  7.695   12.732  1.00 16.99 ? 145  ILE A CA  1 
ATOM   322  C C   . ILE A 1 47  ? -6.849  7.631   14.020  1.00 16.93 ? 145  ILE A C   1 
ATOM   323  O O   . ILE A 1 47  ? -7.959  7.087   14.058  1.00 18.74 ? 145  ILE A O   1 
ATOM   324  C CB  . ILE A 1 47  ? -6.206  9.078   12.059  1.00 18.45 ? 145  ILE A CB  1 
ATOM   325  C CG1 . ILE A 1 47  ? -7.665  9.306   11.662  1.00 23.23 ? 145  ILE A CG1 1 
ATOM   326  C CG2 . ILE A 1 47  ? -5.313  9.150   10.811  1.00 21.07 ? 145  ILE A CG2 1 
ATOM   327  C CD1 . ILE A 1 47  ? -7.945  10.702  11.118  1.00 24.78 ? 145  ILE A CD1 1 
ATOM   328  N N   . THR A 1 48  ? -6.291  8.180   15.085  1.00 18.27 ? 146  THR A N   1 
ATOM   329  C CA  . THR A 1 48  ? -6.977  8.141   16.363  1.00 16.09 ? 146  THR A CA  1 
ATOM   330  C C   . THR A 1 48  ? -6.669  9.373   17.190  1.00 23.13 ? 146  THR A C   1 
ATOM   331  O O   . THR A 1 48  ? -5.621  9.997   17.020  1.00 19.02 ? 146  THR A O   1 
ATOM   332  C CB  . THR A 1 48  ? -6.546  6.895   17.156  1.00 19.86 ? 146  THR A CB  1 
ATOM   333  O OG1 . THR A 1 48  ? -7.176  6.890   18.440  1.00 21.53 ? 146  THR A OG1 1 
ATOM   334  C CG2 . THR A 1 48  ? -5.037  6.889   17.345  1.00 19.43 ? 146  THR A CG2 1 
ATOM   335  N N   . ASN A 1 49  ? -7.607  9.727   18.063  1.00 20.78 ? 147  ASN A N   1 
ATOM   336  C CA  . ASN A 1 49  ? -7.450  10.851  18.978  1.00 24.28 ? 147  ASN A CA  1 
ATOM   337  C C   . ASN A 1 49  ? -7.292  10.233  20.363  1.00 23.23 ? 147  ASN A C   1 
ATOM   338  O O   . ASN A 1 49  ? -7.462  10.905  21.383  1.00 29.30 ? 147  ASN A O   1 
ATOM   339  C CB  . ASN A 1 49  ? -8.683  11.761  18.950  1.00 22.51 ? 147  ASN A CB  1 
ATOM   340  C CG  . ASN A 1 49  ? -9.978  11.007  19.229  1.00 20.48 ? 147  ASN A CG  1 
ATOM   341  O OD1 . ASN A 1 49  ? -9.960  9.821   19.555  1.00 22.99 ? 147  ASN A OD1 1 
ATOM   342  N ND2 . ASN A 1 49  ? -11.105 11.700  19.104  1.00 26.21 ? 147  ASN A ND2 1 
ATOM   343  N N   . ASP A 1 50  ? -6.959  8.944   20.375  1.00 24.11 ? 148  ASP A N   1 
ATOM   344  C CA  . ASP A 1 50  ? -6.774  8.160   21.593  1.00 26.46 ? 148  ASP A CA  1 
ATOM   345  C C   . ASP A 1 50  ? -8.095  7.816   22.275  1.00 27.35 ? 148  ASP A C   1 
ATOM   346  O O   . ASP A 1 50  ? -8.110  7.224   23.356  1.00 31.38 ? 148  ASP A O   1 
ATOM   347  C CB  . ASP A 1 50  ? -5.845  8.888   22.573  1.00 33.96 ? 148  ASP A CB  1 
ATOM   348  C CG  . ASP A 1 50  ? -4.441  9.053   22.022  1.00 38.59 ? 148  ASP A CG  1 
ATOM   349  O OD1 . ASP A 1 50  ? -3.862  8.043   21.566  1.00 37.08 ? 148  ASP A OD1 1 
ATOM   350  O OD2 . ASP A 1 50  ? -3.918  10.189  22.044  1.00 40.85 ? 148  ASP A OD2 1 
ATOM   351  N N   . LYS A 1 51  ? -9.202  8.182   21.634  1.00 26.33 ? 149  LYS A N   1 
ATOM   352  C CA  . LYS A 1 51  ? -10.537 7.903   22.158  1.00 24.67 ? 149  LYS A CA  1 
ATOM   353  C C   . LYS A 1 51  ? -11.171 6.826   21.260  1.00 22.55 ? 149  LYS A C   1 
ATOM   354  O O   . LYS A 1 51  ? -11.728 5.831   21.738  1.00 19.79 ? 149  LYS A O   1 
ATOM   355  C CB  . LYS A 1 51  ? -11.390 9.175   22.142  1.00 27.24 ? 149  LYS A CB  1 
ATOM   356  C CG  . LYS A 1 51  ? -10.771 10.380  22.848  1.00 31.76 ? 149  LYS A CG  1 
ATOM   357  C CD  . LYS A 1 51  ? -10.528 10.116  24.317  1.00 38.06 ? 149  LYS A CD  1 
ATOM   358  C CE  . LYS A 1 51  ? -9.908  11.338  24.984  1.00 39.36 ? 149  LYS A CE  1 
ATOM   359  N NZ  . LYS A 1 51  ? -9.577  11.104  26.417  1.00 45.79 ? 149  LYS A NZ  1 
ATOM   360  N N   . TRP A 1 52  ? -11.093 7.035   19.952  1.00 22.37 ? 150  TRP A N   1 
ATOM   361  C CA  . TRP A 1 52  ? -11.613 6.052   19.009  1.00 17.92 ? 150  TRP A CA  1 
ATOM   362  C C   . TRP A 1 52  ? -10.872 6.158   17.693  1.00 18.25 ? 150  TRP A C   1 
ATOM   363  O O   . TRP A 1 52  ? -10.390 7.227   17.318  1.00 23.18 ? 150  TRP A O   1 
ATOM   364  C CB  . TRP A 1 52  ? -13.134 6.208   18.811  1.00 18.88 ? 150  TRP A CB  1 
ATOM   365  C CG  . TRP A 1 52  ? -13.579 7.425   18.082  1.00 19.86 ? 150  TRP A CG  1 
ATOM   366  C CD1 . TRP A 1 52  ? -13.791 7.549   16.739  1.00 21.74 ? 150  TRP A CD1 1 
ATOM   367  C CD2 . TRP A 1 52  ? -13.878 8.703   18.657  1.00 20.17 ? 150  TRP A CD2 1 
ATOM   368  N NE1 . TRP A 1 52  ? -14.205 8.825   16.444  1.00 26.97 ? 150  TRP A NE1 1 
ATOM   369  C CE2 . TRP A 1 52  ? -14.266 9.554   17.601  1.00 23.13 ? 150  TRP A CE2 1 
ATOM   370  C CE3 . TRP A 1 52  ? -13.855 9.210   19.962  1.00 28.97 ? 150  TRP A CE3 1 
ATOM   371  C CZ2 . TRP A 1 52  ? -14.630 10.891  17.807  1.00 28.10 ? 150  TRP A CZ2 1 
ATOM   372  C CZ3 . TRP A 1 52  ? -14.219 10.543  20.170  1.00 30.00 ? 150  TRP A CZ3 1 
ATOM   373  C CH2 . TRP A 1 52  ? -14.601 11.365  19.093  1.00 32.55 ? 150  TRP A CH2 1 
ATOM   374  N N   . THR A 1 53  ? -10.769 5.032   17.003  1.00 15.10 ? 151  THR A N   1 
ATOM   375  C CA  . THR A 1 53  ? -10.064 4.957   15.738  1.00 17.83 ? 151  THR A CA  1 
ATOM   376  C C   . THR A 1 53  ? -11.010 5.011   14.544  1.00 16.26 ? 151  THR A C   1 
ATOM   377  O O   . THR A 1 53  ? -12.153 4.568   14.630  1.00 17.66 ? 151  THR A O   1 
ATOM   378  C CB  . THR A 1 53  ? -9.254  3.654   15.673  1.00 17.45 ? 151  THR A CB  1 
ATOM   379  O OG1 . THR A 1 53  ? -8.350  3.613   16.788  1.00 19.68 ? 151  THR A OG1 1 
ATOM   380  C CG2 . THR A 1 53  ? -8.463  3.570   14.368  1.00 17.47 ? 151  THR A CG2 1 
ATOM   381  N N   . ARG A 1 54  ? -10.529 5.577   13.443  1.00 14.83 ? 152  ARG A N   1 
ATOM   382  C CA  . ARG A 1 54  ? -11.317 5.665   12.218  1.00 17.11 ? 152  ARG A CA  1 
ATOM   383  C C   . ARG A 1 54  ? -10.394 5.798   11.017  1.00 17.38 ? 152  ARG A C   1 
ATOM   384  O O   . ARG A 1 54  ? -9.231  6.190   11.163  1.00 17.47 ? 152  ARG A O   1 
ATOM   385  C CB  . ARG A 1 54  ? -12.279 6.855   12.265  1.00 20.76 ? 152  ARG A CB  1 
ATOM   386  C CG  . ARG A 1 54  ? -11.622 8.226   12.339  1.00 25.86 ? 152  ARG A CG  1 
ATOM   387  C CD  . ARG A 1 54  ? -11.210 8.572   13.760  1.00 36.34 ? 152  ARG A CD  1 
ATOM   388  N NE  . ARG A 1 54  ? -11.592 9.943   14.089  1.00 38.23 ? 152  ARG A NE  1 
ATOM   389  C CZ  . ARG A 1 54  ? -11.507 10.479  15.301  1.00 36.40 ? 152  ARG A CZ  1 
ATOM   390  N NH1 . ARG A 1 54  ? -11.048 9.766   16.321  1.00 31.52 ? 152  ARG A NH1 1 
ATOM   391  N NH2 . ARG A 1 54  ? -11.889 11.735  15.494  1.00 38.20 ? 152  ARG A NH2 1 
ATOM   392  N N   . ASN A 1 55  ? -10.890 5.447   9.833   1.00 16.86 ? 153  ASN A N   1 
ATOM   393  C CA  . ASN A 1 55  ? -10.067 5.578   8.637   1.00 17.70 ? 153  ASN A CA  1 
ATOM   394  C C   . ASN A 1 55  ? -10.252 6.940   7.987   1.00 21.76 ? 153  ASN A C   1 
ATOM   395  O O   . ASN A 1 55  ? -11.366 7.464   7.913   1.00 20.52 ? 153  ASN A O   1 
ATOM   396  C CB  . ASN A 1 55  ? -10.393 4.486   7.610   1.00 18.43 ? 153  ASN A CB  1 
ATOM   397  C CG  . ASN A 1 55  ? -11.869 4.398   7.302   1.00 18.83 ? 153  ASN A CG  1 
ATOM   398  O OD1 . ASN A 1 55  ? -12.653 3.939   8.125   1.00 21.60 ? 153  ASN A OD1 1 
ATOM   399  N ND2 . ASN A 1 55  ? -12.259 4.845   6.111   1.00 21.13 ? 153  ASN A ND2 1 
ATOM   400  N N   . ARG A 1 56  ? -9.142  7.521   7.545   1.00 17.52 ? 154  ARG A N   1 
ATOM   401  C CA  . ARG A 1 56  ? -9.166  8.794   6.842   1.00 19.17 ? 154  ARG A CA  1 
ATOM   402  C C   . ARG A 1 56  ? -9.584  8.467   5.419   1.00 17.56 ? 154  ARG A C   1 
ATOM   403  O O   . ARG A 1 56  ? -9.527  7.309   4.989   1.00 14.92 ? 154  ARG A O   1 
ATOM   404  C CB  . ARG A 1 56  ? -7.759  9.404   6.749   1.00 23.72 ? 154  ARG A CB  1 
ATOM   405  C CG  . ARG A 1 56  ? -7.238  10.127  7.964   1.00 36.63 ? 154  ARG A CG  1 
ATOM   406  C CD  . ARG A 1 56  ? -5.838  10.665  7.668   1.00 42.94 ? 154  ARG A CD  1 
ATOM   407  N NE  . ARG A 1 56  ? -5.292  11.450  8.775   1.00 48.92 ? 154  ARG A NE  1 
ATOM   408  C CZ  . ARG A 1 56  ? -4.057  11.942  8.808   1.00 50.73 ? 154  ARG A CZ  1 
ATOM   409  N NH1 . ARG A 1 56  ? -3.228  11.732  7.794   1.00 51.35 ? 154  ARG A NH1 1 
ATOM   410  N NH2 . ARG A 1 56  ? -3.650  12.642  9.858   1.00 52.98 ? 154  ARG A NH2 1 
ATOM   411  N N   . PRO A 1 57  ? -10.036 9.477   4.671   1.00 17.51 ? 155  PRO A N   1 
ATOM   412  C CA  . PRO A 1 57  ? -10.421 9.203   3.290   1.00 20.58 ? 155  PRO A CA  1 
ATOM   413  C C   . PRO A 1 57  ? -9.126  8.807   2.565   1.00 16.17 ? 155  PRO A C   1 
ATOM   414  O O   . PRO A 1 57  ? -8.031  9.191   2.986   1.00 17.66 ? 155  PRO A O   1 
ATOM   415  C CB  . PRO A 1 57  ? -10.942 10.554  2.809   1.00 24.81 ? 155  PRO A CB  1 
ATOM   416  C CG  . PRO A 1 57  ? -11.538 11.134  4.047   1.00 24.60 ? 155  PRO A CG  1 
ATOM   417  C CD  . PRO A 1 57  ? -10.490 10.814  5.093   1.00 21.17 ? 155  PRO A CD  1 
ATOM   418  N N   . ILE A 1 58  ? -9.254  8.030   1.497   1.00 19.96 ? 156  ILE A N   1 
ATOM   419  C CA  . ILE A 1 58  ? -8.099  7.613   0.718   1.00 18.26 ? 156  ILE A CA  1 
ATOM   420  C C   . ILE A 1 58  ? -7.597  8.827   -0.069  1.00 14.67 ? 156  ILE A C   1 
ATOM   421  O O   . ILE A 1 58  ? -8.333  9.425   -0.857  1.00 20.10 ? 156  ILE A O   1 
ATOM   422  C CB  . ILE A 1 58  ? -8.478  6.468   -0.243  1.00 22.17 ? 156  ILE A CB  1 
ATOM   423  C CG1 . ILE A 1 58  ? -8.819  5.219   0.574   1.00 26.05 ? 156  ILE A CG1 1 
ATOM   424  C CG2 . ILE A 1 58  ? -7.328  6.168   -1.193  1.00 24.41 ? 156  ILE A CG2 1 
ATOM   425  C CD1 . ILE A 1 58  ? -9.501  4.123   -0.221  1.00 29.97 ? 156  ILE A CD1 1 
ATOM   426  N N   . VAL A 1 59  ? -6.340  9.195   0.160   1.00 15.99 ? 157  VAL A N   1 
ATOM   427  C CA  . VAL A 1 59  ? -5.748  10.350  -0.514  1.00 14.09 ? 157  VAL A CA  1 
ATOM   428  C C   . VAL A 1 59  ? -4.233  10.201  -0.562  1.00 12.13 ? 157  VAL A C   1 
ATOM   429  O O   . VAL A 1 59  ? -3.660  9.389   0.154   1.00 14.46 ? 157  VAL A O   1 
ATOM   430  C CB  . VAL A 1 59  ? -6.020  11.673  0.259   1.00 18.10 ? 157  VAL A CB  1 
ATOM   431  C CG1 . VAL A 1 59  ? -7.524  11.921  0.402   1.00 22.60 ? 157  VAL A CG1 1 
ATOM   432  C CG2 . VAL A 1 59  ? -5.347  11.613  1.622   1.00 22.12 ? 157  VAL A CG2 1 
ATOM   433  N N   . SER A 1 60  ? -3.589  10.998  -1.409  1.00 13.86 ? 158  SER A N   1 
ATOM   434  C CA  . SER A 1 60  ? -2.134  10.987  -1.467  1.00 13.01 ? 158  SER A CA  1 
ATOM   435  C C   . SER A 1 60  ? -1.692  12.384  -1.079  1.00 14.38 ? 158  SER A C   1 
ATOM   436  O O   . SER A 1 60  ? -2.482  13.326  -1.111  1.00 17.80 ? 158  SER A O   1 
ATOM   437  C CB  . SER A 1 60  ? -1.608  10.677  -2.873  1.00 13.51 ? 158  SER A CB  1 
ATOM   438  O OG  . SER A 1 60  ? -1.956  11.688  -3.795  1.00 15.63 ? 158  SER A OG  1 
ATOM   439  N N   . THR A 1 61  ? -0.439  12.497  -0.667  1.00 11.65 ? 159  THR A N   1 
ATOM   440  C CA  . THR A 1 61  ? 0.132   13.798  -0.334  1.00 14.54 ? 159  THR A CA  1 
ATOM   441  C C   . THR A 1 61  ? 1.276   13.996  -1.325  1.00 13.44 ? 159  THR A C   1 
ATOM   442  O O   . THR A 1 61  ? 1.907   13.025  -1.758  1.00 15.15 ? 159  THR A O   1 
ATOM   443  C CB  . THR A 1 61  ? 0.663   13.851  1.117   1.00 14.68 ? 159  THR A CB  1 
ATOM   444  O OG1 . THR A 1 61  ? 1.073   15.198  1.410   1.00 15.70 ? 159  THR A OG1 1 
ATOM   445  C CG2 . THR A 1 61  ? 1.850   12.911  1.307   1.00 16.02 ? 159  THR A CG2 1 
ATOM   446  N N   . LYS A 1 62  ? 1.540   15.246  -1.701  1.00 15.72 ? 160  LYS A N   1 
ATOM   447  C CA  . LYS A 1 62  ? 2.596   15.524  -2.669  1.00 15.27 ? 160  LYS A CA  1 
ATOM   448  C C   . LYS A 1 62  ? 3.833   16.136  -2.034  1.00 15.26 ? 160  LYS A C   1 
ATOM   449  O O   . LYS A 1 62  ? 3.725   16.912  -1.092  1.00 16.85 ? 160  LYS A O   1 
ATOM   450  C CB  . LYS A 1 62  ? 2.089   16.486  -3.736  1.00 16.58 ? 160  LYS A CB  1 
ATOM   451  C CG  . LYS A 1 62  ? 0.834   16.035  -4.451  1.00 22.40 ? 160  LYS A CG  1 
ATOM   452  C CD  . LYS A 1 62  ? 0.301   17.185  -5.288  1.00 29.93 ? 160  LYS A CD  1 
ATOM   453  C CE  . LYS A 1 62  ? -1.104  16.937  -5.803  1.00 34.20 ? 160  LYS A CE  1 
ATOM   454  N NZ  . LYS A 1 62  ? -2.095  17.091  -4.709  1.00 32.62 ? 160  LYS A NZ  1 
ATOM   455  N N   . LYS A 1 63  ? 5.000   15.789  -2.567  1.00 12.79 ? 161  LYS A N   1 
ATOM   456  C CA  . LYS A 1 63  ? 6.257   16.339  -2.057  1.00 15.31 ? 161  LYS A CA  1 
ATOM   457  C C   . LYS A 1 63  ? 7.261   16.424  -3.211  1.00 15.25 ? 161  LYS A C   1 
ATOM   458  O O   . LYS A 1 63  ? 7.440   15.464  -3.967  1.00 18.58 ? 161  LYS A O   1 
ATOM   459  C CB  . LYS A 1 63  ? 6.805   15.463  -0.922  1.00 16.21 ? 161  LYS A CB  1 
ATOM   460  C CG  . LYS A 1 63  ? 7.935   16.116  -0.115  1.00 15.74 ? 161  LYS A CG  1 
ATOM   461  C CD  . LYS A 1 63  ? 8.355   15.224  1.046   1.00 18.71 ? 161  LYS A CD  1 
ATOM   462  C CE  . LYS A 1 63  ? 9.418   15.878  1.911   1.00 15.16 ? 161  LYS A CE  1 
ATOM   463  N NZ  . LYS A 1 63  ? 10.618  16.230  1.106   1.00 17.21 ? 161  LYS A NZ  1 
ATOM   464  N N   . LEU A 1 64  ? 7.908   17.580  -3.352  1.00 16.78 ? 162  LEU A N   1 
ATOM   465  C CA  . LEU A 1 64  ? 8.891   17.782  -4.422  1.00 17.56 ? 162  LEU A CA  1 
ATOM   466  C C   . LEU A 1 64  ? 10.235  17.116  -4.164  1.00 16.65 ? 162  LEU A C   1 
ATOM   467  O O   . LEU A 1 64  ? 10.700  17.087  -3.027  1.00 16.86 ? 162  LEU A O   1 
ATOM   468  C CB  . LEU A 1 64  ? 9.161   19.277  -4.619  1.00 22.41 ? 162  LEU A CB  1 
ATOM   469  C CG  . LEU A 1 64  ? 8.307   20.139  -5.541  1.00 30.37 ? 162  LEU A CG  1 
ATOM   470  C CD1 . LEU A 1 64  ? 8.897   21.554  -5.553  1.00 31.04 ? 162  LEU A CD1 1 
ATOM   471  C CD2 . LEU A 1 64  ? 8.302   19.560  -6.946  1.00 25.00 ? 162  LEU A CD2 1 
ATOM   472  N N   . ASP A 1 65  ? 10.861  16.581  -5.213  1.00 19.22 ? 163  ASP A N   1 
ATOM   473  C CA  . ASP A 1 65  ? 12.186  16.000  -5.029  1.00 18.74 ? 163  ASP A CA  1 
ATOM   474  C C   . ASP A 1 65  ? 13.217  17.048  -5.457  1.00 21.88 ? 163  ASP A C   1 
ATOM   475  O O   . ASP A 1 65  ? 12.852  18.151  -5.860  1.00 21.98 ? 163  ASP A O   1 
ATOM   476  C CB  . ASP A 1 65  ? 12.381  14.681  -5.812  1.00 18.85 ? 163  ASP A CB  1 
ATOM   477  C CG  . ASP A 1 65  ? 12.271  14.839  -7.327  1.00 20.44 ? 163  ASP A CG  1 
ATOM   478  O OD1 . ASP A 1 65  ? 12.488  15.945  -7.860  1.00 21.92 ? 163  ASP A OD1 1 
ATOM   479  O OD2 . ASP A 1 65  ? 11.987  13.823  -7.995  1.00 21.39 ? 163  ASP A OD2 1 
ATOM   480  N N   . LYS A 1 66  ? 14.497  16.705  -5.352  1.00 22.17 ? 164  LYS A N   1 
ATOM   481  C CA  . LYS A 1 66  ? 15.574  17.625  -5.711  1.00 23.96 ? 164  LYS A CA  1 
ATOM   482  C C   . LYS A 1 66  ? 15.597  18.042  -7.178  1.00 24.95 ? 164  LYS A C   1 
ATOM   483  O O   . LYS A 1 66  ? 16.241  19.028  -7.536  1.00 28.45 ? 164  LYS A O   1 
ATOM   484  C CB  . LYS A 1 66  ? 16.922  17.010  -5.357  1.00 21.69 ? 164  LYS A CB  1 
ATOM   485  C CG  . LYS A 1 66  ? 17.178  16.877  -3.872  1.00 28.05 ? 164  LYS A CG  1 
ATOM   486  C CD  . LYS A 1 66  ? 18.547  16.267  -3.637  1.00 36.21 ? 164  LYS A CD  1 
ATOM   487  C CE  . LYS A 1 66  ? 18.761  15.904  -2.185  1.00 39.21 ? 164  LYS A CE  1 
ATOM   488  N NZ  . LYS A 1 66  ? 20.066  15.210  -2.002  1.00 39.46 ? 164  LYS A NZ  1 
ATOM   489  N N   . GLU A 1 67  ? 14.908  17.292  -8.027  1.00 26.39 ? 165  GLU A N   1 
ATOM   490  C CA  . GLU A 1 67  ? 14.872  17.605  -9.445  1.00 28.53 ? 165  GLU A CA  1 
ATOM   491  C C   . GLU A 1 67  ? 13.638  18.418  -9.812  1.00 28.93 ? 165  GLU A C   1 
ATOM   492  O O   . GLU A 1 67  ? 13.393  18.693  -10.982 1.00 29.87 ? 165  GLU A O   1 
ATOM   493  C CB  . GLU A 1 67  ? 14.918  16.315  -10.266 1.00 29.97 ? 165  GLU A CB  1 
ATOM   494  C CG  . GLU A 1 67  ? 16.252  15.584  -10.173 1.00 33.31 ? 165  GLU A CG  1 
ATOM   495  C CD  . GLU A 1 67  ? 16.267  14.298  -10.978 1.00 40.89 ? 165  GLU A CD  1 
ATOM   496  O OE1 . GLU A 1 67  ? 15.821  14.321  -12.146 1.00 45.12 ? 165  GLU A OE1 1 
ATOM   497  O OE2 . GLU A 1 67  ? 16.733  13.266  -10.450 1.00 47.14 ? 165  GLU A OE2 1 
ATOM   498  N N   . GLY A 1 68  ? 12.863  18.805  -8.806  1.00 26.87 ? 166  GLY A N   1 
ATOM   499  C CA  . GLY A 1 68  ? 11.672  19.589  -9.069  1.00 26.32 ? 166  GLY A CA  1 
ATOM   500  C C   . GLY A 1 68  ? 10.486  18.763  -9.511  1.00 26.00 ? 166  GLY A C   1 
ATOM   501  O O   . GLY A 1 68  ? 9.502   19.311  -10.006 1.00 27.11 ? 166  GLY A O   1 
ATOM   502  N N   . ARG A 1 69  ? 10.576  17.447  -9.337  1.00 24.93 ? 167  ARG A N   1 
ATOM   503  C CA  . ARG A 1 69  ? 9.491   16.545  -9.713  1.00 21.67 ? 167  ARG A CA  1 
ATOM   504  C C   . ARG A 1 69  ? 8.657   16.191  -8.484  1.00 22.13 ? 167  ARG A C   1 
ATOM   505  O O   . ARG A 1 69  ? 9.189   15.990  -7.394  1.00 20.55 ? 167  ARG A O   1 
ATOM   506  C CB  . ARG A 1 69  ? 10.042  15.261  -10.337 1.00 26.82 ? 167  ARG A CB  1 
ATOM   507  C CG  . ARG A 1 69  ? 10.597  15.420  -11.744 1.00 33.95 ? 167  ARG A CG  1 
ATOM   508  C CD  . ARG A 1 69  ? 11.207  14.113  -12.239 1.00 42.63 ? 167  ARG A CD  1 
ATOM   509  N NE  . ARG A 1 69  ? 10.444  13.477  -13.316 1.00 48.97 ? 167  ARG A NE  1 
ATOM   510  C CZ  . ARG A 1 69  ? 9.214   12.986  -13.187 1.00 51.27 ? 167  ARG A CZ  1 
ATOM   511  N NH1 . ARG A 1 69  ? 8.586   13.051  -12.022 1.00 55.43 ? 167  ARG A NH1 1 
ATOM   512  N NH2 . ARG A 1 69  ? 8.614   12.420  -14.226 1.00 53.88 ? 167  ARG A NH2 1 
ATOM   513  N N   . THR A 1 70  ? 7.348   16.110  -8.667  1.00 20.54 ? 168  THR A N   1 
ATOM   514  C CA  . THR A 1 70  ? 6.454   15.789  -7.559  1.00 18.74 ? 168  THR A CA  1 
ATOM   515  C C   . THR A 1 70  ? 6.292   14.286  -7.331  1.00 18.83 ? 168  THR A C   1 
ATOM   516  O O   . THR A 1 70  ? 6.102   13.522  -8.276  1.00 18.16 ? 168  THR A O   1 
ATOM   517  C CB  . THR A 1 70  ? 5.068   16.404  -7.802  1.00 19.13 ? 168  THR A CB  1 
ATOM   518  O OG1 . THR A 1 70  ? 5.191   17.831  -7.881  1.00 24.11 ? 168  THR A OG1 1 
ATOM   519  C CG2 . THR A 1 70  ? 4.106   16.051  -6.671  1.00 23.09 ? 168  THR A CG2 1 
ATOM   520  N N   . HIS A 1 71  ? 6.397   13.864  -6.075  1.00 16.87 ? 169  HIS A N   1 
ATOM   521  C CA  . HIS A 1 71  ? 6.190   12.459  -5.730  1.00 16.78 ? 169  HIS A CA  1 
ATOM   522  C C   . HIS A 1 71  ? 4.893   12.397  -4.930  1.00 17.89 ? 169  HIS A C   1 
ATOM   523  O O   . HIS A 1 71  ? 4.594   13.306  -4.154  1.00 15.80 ? 169  HIS A O   1 
ATOM   524  C CB  . HIS A 1 71  ? 7.327   11.911  -4.860  1.00 16.69 ? 169  HIS A CB  1 
ATOM   525  C CG  . HIS A 1 71  ? 8.641   11.806  -5.567  1.00 16.15 ? 169  HIS A CG  1 
ATOM   526  N ND1 . HIS A 1 71  ? 9.528   10.778  -5.336  1.00 16.69 ? 169  HIS A ND1 1 
ATOM   527  C CD2 . HIS A 1 71  ? 9.231   12.615  -6.479  1.00 20.52 ? 169  HIS A CD2 1 
ATOM   528  C CE1 . HIS A 1 71  ? 10.608  10.957  -6.076  1.00 19.08 ? 169  HIS A CE1 1 
ATOM   529  N NE2 . HIS A 1 71  ? 10.454  12.064  -6.778  1.00 18.66 ? 169  HIS A NE2 1 
ATOM   530  N N   . HIS A 1 72  ? 4.114   11.339  -5.130  1.00 13.31 ? 170  HIS A N   1 
ATOM   531  C CA  . HIS A 1 72  ? 2.867   11.163  -4.397  1.00 14.48 ? 170  HIS A CA  1 
ATOM   532  C C   . HIS A 1 72  ? 3.052   10.040  -3.389  1.00 17.33 ? 170  HIS A C   1 
ATOM   533  O O   . HIS A 1 72  ? 3.581   8.979   -3.719  1.00 16.63 ? 170  HIS A O   1 
ATOM   534  C CB  . HIS A 1 72  ? 1.718   10.780  -5.345  1.00 14.64 ? 170  HIS A CB  1 
ATOM   535  C CG  . HIS A 1 72  ? 1.329   11.868  -6.294  1.00 27.52 ? 170  HIS A CG  1 
ATOM   536  N ND1 . HIS A 1 72  ? 0.130   12.544  -6.198  1.00 32.45 ? 170  HIS A ND1 1 
ATOM   537  C CD2 . HIS A 1 72  ? 1.983   12.407  -7.349  1.00 27.27 ? 170  HIS A CD2 1 
ATOM   538  C CE1 . HIS A 1 72  ? 0.065   13.453  -7.154  1.00 31.44 ? 170  HIS A CE1 1 
ATOM   539  N NE2 . HIS A 1 72  ? 1.176   13.390  -7.866  1.00 31.74 ? 170  HIS A NE2 1 
ATOM   540  N N   . TYR A 1 73  ? 2.624   10.279  -2.156  1.00 12.73 ? 171  TYR A N   1 
ATOM   541  C CA  . TYR A 1 73  ? 2.734   9.277   -1.110  1.00 13.45 ? 171  TYR A CA  1 
ATOM   542  C C   . TYR A 1 73  ? 1.324   8.938   -0.650  1.00 13.12 ? 171  TYR A C   1 
ATOM   543  O O   . TYR A 1 73  ? 0.500   9.823   -0.445  1.00 14.59 ? 171  TYR A O   1 
ATOM   544  C CB  . TYR A 1 73  ? 3.550   9.819   0.063   1.00 11.45 ? 171  TYR A CB  1 
ATOM   545  C CG  . TYR A 1 73  ? 4.969   10.147  -0.319  1.00 10.75 ? 171  TYR A CG  1 
ATOM   546  C CD1 . TYR A 1 73  ? 5.988   9.218   -0.158  1.00 14.95 ? 171  TYR A CD1 1 
ATOM   547  C CD2 . TYR A 1 73  ? 5.280   11.390  -0.864  1.00 13.57 ? 171  TYR A CD2 1 
ATOM   548  C CE1 . TYR A 1 73  ? 7.297   9.519   -0.524  1.00 17.35 ? 171  TYR A CE1 1 
ATOM   549  C CE2 . TYR A 1 73  ? 6.576   11.704  -1.238  1.00 14.68 ? 171  TYR A CE2 1 
ATOM   550  C CZ  . TYR A 1 73  ? 7.580   10.768  -1.063  1.00 16.66 ? 171  TYR A CZ  1 
ATOM   551  O OH  . TYR A 1 73  ? 8.871   11.093  -1.412  1.00 18.96 ? 171  TYR A OH  1 
ATOM   552  N N   . MET A 1 74  ? 1.051   7.650   -0.503  1.00 12.30 ? 172  MET A N   1 
ATOM   553  C CA  . MET A 1 74  ? -0.267  7.216   -0.079  1.00 11.61 ? 172  MET A CA  1 
ATOM   554  C C   . MET A 1 74  ? -0.160  6.061   0.895   1.00 12.88 ? 172  MET A C   1 
ATOM   555  O O   . MET A 1 74  ? 0.634   5.136   0.693   1.00 13.49 ? 172  MET A O   1 
ATOM   556  C CB  . MET A 1 74  ? -1.092  6.775   -1.290  1.00 12.20 ? 172  MET A CB  1 
ATOM   557  C CG  . MET A 1 74  ? -2.471  6.224   -0.913  1.00 14.39 ? 172  MET A CG  1 
ATOM   558  S SD  . MET A 1 74  ? -3.426  5.670   -2.368  1.00 14.68 ? 172  MET A SD  1 
ATOM   559  C CE  . MET A 1 74  ? -4.105  7.207   -2.894  1.00 13.07 ? 172  MET A CE  1 
ATOM   560  N N   . ARG A 1 75  ? -0.948  6.128   1.961   1.00 12.60 ? 173  ARG A N   1 
ATOM   561  C CA  . ARG A 1 75  ? -0.976  5.051   2.930   1.00 11.72 ? 173  ARG A CA  1 
ATOM   562  C C   . ARG A 1 75  ? -2.409  4.578   3.080   1.00 10.79 ? 173  ARG A C   1 
ATOM   563  O O   . ARG A 1 75  ? -3.337  5.378   3.084   1.00 14.07 ? 173  ARG A O   1 
ATOM   564  C CB  . ARG A 1 75  ? -0.423  5.511   4.281   1.00 15.92 ? 173  ARG A CB  1 
ATOM   565  C CG  . ARG A 1 75  ? 1.071   5.676   4.194   1.00 15.71 ? 173  ARG A CG  1 
ATOM   566  C CD  . ARG A 1 75  ? 1.737   5.958   5.503   1.00 22.45 ? 173  ARG A CD  1 
ATOM   567  N NE  . ARG A 1 75  ? 3.177   5.917   5.280   1.00 23.69 ? 173  ARG A NE  1 
ATOM   568  C CZ  . ARG A 1 75  ? 4.095   6.185   6.199   1.00 26.32 ? 173  ARG A CZ  1 
ATOM   569  N NH1 . ARG A 1 75  ? 3.735   6.525   7.429   1.00 30.08 ? 173  ARG A NH1 1 
ATOM   570  N NH2 . ARG A 1 75  ? 5.377   6.109   5.874   1.00 23.94 ? 173  ARG A NH2 1 
ATOM   571  N N   . PHE A 1 76  ? -2.583  3.264   3.168   1.00 11.43 ? 174  PHE A N   1 
ATOM   572  C CA  . PHE A 1 76  ? -3.917  2.708   3.365   1.00 11.50 ? 174  PHE A CA  1 
ATOM   573  C C   . PHE A 1 76  ? -3.776  1.359   4.047   1.00 10.84 ? 174  PHE A C   1 
ATOM   574  O O   . PHE A 1 76  ? -2.669  0.875   4.259   1.00 12.13 ? 174  PHE A O   1 
ATOM   575  C CB  . PHE A 1 76  ? -4.687  2.597   2.029   1.00 11.08 ? 174  PHE A CB  1 
ATOM   576  C CG  . PHE A 1 76  ? -4.062  1.679   1.022   1.00 11.31 ? 174  PHE A CG  1 
ATOM   577  C CD1 . PHE A 1 76  ? -4.344  0.310   1.025   1.00 11.42 ? 174  PHE A CD1 1 
ATOM   578  C CD2 . PHE A 1 76  ? -3.203  2.182   0.050   1.00 13.75 ? 174  PHE A CD2 1 
ATOM   579  C CE1 . PHE A 1 76  ? -3.780  -0.533  0.068   1.00 14.34 ? 174  PHE A CE1 1 
ATOM   580  C CE2 . PHE A 1 76  ? -2.637  1.346   -0.906  1.00 13.90 ? 174  PHE A CE2 1 
ATOM   581  C CZ  . PHE A 1 76  ? -2.925  -0.015  -0.902  1.00 14.88 ? 174  PHE A CZ  1 
ATOM   582  N N   . HIS A 1 77  ? -4.895  0.752   4.420   1.00 10.66 ? 175  HIS A N   1 
ATOM   583  C CA  . HIS A 1 77  ? -4.829  -0.525  5.092   1.00 11.67 ? 175  HIS A CA  1 
ATOM   584  C C   . HIS A 1 77  ? -5.588  -1.589  4.348   1.00 11.40 ? 175  HIS A C   1 
ATOM   585  O O   . HIS A 1 77  ? -6.490  -1.282  3.577   1.00 11.85 ? 175  HIS A O   1 
ATOM   586  C CB  . HIS A 1 77  ? -5.442  -0.444  6.491   1.00 13.41 ? 175  HIS A CB  1 
ATOM   587  C CG  . HIS A 1 77  ? -4.676  0.415   7.449   1.00 13.62 ? 175  HIS A CG  1 
ATOM   588  N ND1 . HIS A 1 77  ? -4.907  1.767   7.593   1.00 19.81 ? 175  HIS A ND1 1 
ATOM   589  C CD2 . HIS A 1 77  ? -3.692  0.106   8.325   1.00 11.28 ? 175  HIS A CD2 1 
ATOM   590  C CE1 . HIS A 1 77  ? -4.097  2.251   8.522   1.00 13.19 ? 175  HIS A CE1 1 
ATOM   591  N NE2 . HIS A 1 77  ? -3.354  1.262   8.982   1.00 20.69 ? 175  HIS A NE2 1 
ATOM   592  N N   . VAL A 1 78  ? -5.201  -2.835  4.604   1.00 12.22 ? 176  VAL A N   1 
ATOM   593  C CA  . VAL A 1 78  ? -5.871  -4.006  4.049   1.00 11.66 ? 176  VAL A CA  1 
ATOM   594  C C   . VAL A 1 78  ? -6.078  -4.877  5.279   1.00 13.98 ? 176  VAL A C   1 
ATOM   595  O O   . VAL A 1 78  ? -5.137  -5.167  6.026   1.00 15.30 ? 176  VAL A O   1 
ATOM   596  C CB  . VAL A 1 78  ? -5.022  -4.736  2.989   1.00 12.24 ? 176  VAL A CB  1 
ATOM   597  C CG1 . VAL A 1 78  ? -5.730  -6.028  2.558   1.00 15.87 ? 176  VAL A CG1 1 
ATOM   598  C CG2 . VAL A 1 78  ? -4.825  -3.829  1.769   1.00 13.65 ? 176  VAL A CG2 1 
ATOM   599  N N   . GLU A 1 79  ? -7.324  -5.280  5.501   1.00 12.78 ? 177  GLU A N   1 
ATOM   600  C CA  . GLU A 1 79  ? -7.675  -6.049  6.682   1.00 11.96 ? 177  GLU A CA  1 
ATOM   601  C C   . GLU A 1 79  ? -8.292  -7.412  6.413   1.00 13.04 ? 177  GLU A C   1 
ATOM   602  O O   . GLU A 1 79  ? -9.188  -7.532  5.580   1.00 14.11 ? 177  GLU A O   1 
ATOM   603  C CB  . GLU A 1 79  ? -8.659  -5.236  7.531   1.00 11.98 ? 177  GLU A CB  1 
ATOM   604  C CG  . GLU A 1 79  ? -9.173  -5.991  8.758   1.00 14.11 ? 177  GLU A CG  1 
ATOM   605  C CD  . GLU A 1 79  ? -10.210 -5.232  9.561   1.00 16.94 ? 177  GLU A CD  1 
ATOM   606  O OE1 . GLU A 1 79  ? -10.747 -5.819  10.523  1.00 21.95 ? 177  GLU A OE1 1 
ATOM   607  O OE2 . GLU A 1 79  ? -10.501 -4.058  9.254   1.00 17.14 ? 177  GLU A OE2 1 
ATOM   608  N N   . SER A 1 80  ? -7.797  -8.426  7.115   1.00 11.78 ? 178  SER A N   1 
ATOM   609  C CA  . SER A 1 80  ? -8.362  -9.777  7.019   1.00 12.23 ? 178  SER A CA  1 
ATOM   610  C C   . SER A 1 80  ? -9.055  -9.980  8.359   1.00 12.99 ? 178  SER A C   1 
ATOM   611  O O   . SER A 1 80  ? -8.986  -9.121  9.234   1.00 15.73 ? 178  SER A O   1 
ATOM   612  C CB  . SER A 1 80  ? -7.272  -10.836 6.854   1.00 14.14 ? 178  SER A CB  1 
ATOM   613  O OG  . SER A 1 80  ? -6.468  -10.926 8.022   1.00 15.91 ? 178  SER A OG  1 
ATOM   614  N N   . LYS A 1 81  ? -9.726  -11.114 8.532   1.00 13.60 ? 179  LYS A N   1 
ATOM   615  C CA  . LYS A 1 81  ? -10.395 -11.376 9.803   1.00 15.97 ? 179  LYS A CA  1 
ATOM   616  C C   . LYS A 1 81  ? -9.395  -11.497 10.964  1.00 17.72 ? 179  LYS A C   1 
ATOM   617  O O   . LYS A 1 81  ? -9.778  -11.421 12.134  1.00 18.93 ? 179  LYS A O   1 
ATOM   618  C CB  . LYS A 1 81  ? -11.212 -12.670 9.710   1.00 17.34 ? 179  LYS A CB  1 
ATOM   619  C CG  . LYS A 1 81  ? -12.381 -12.600 8.744   1.00 24.27 ? 179  LYS A CG  1 
ATOM   620  C CD  . LYS A 1 81  ? -12.970 -13.988 8.516   1.00 31.37 ? 179  LYS A CD  1 
ATOM   621  C CE  . LYS A 1 81  ? -13.993 -13.977 7.391   1.00 40.17 ? 179  LYS A CE  1 
ATOM   622  N NZ  . LYS A 1 81  ? -14.350 -15.361 6.971   1.00 39.32 ? 179  LYS A NZ  1 
ATOM   623  N N   . LYS A 1 82  ? -8.116  -11.680 10.648  1.00 17.88 ? 180  LYS A N   1 
ATOM   624  C CA  . LYS A 1 82  ? -7.117  -11.841 11.698  1.00 18.53 ? 180  LYS A CA  1 
ATOM   625  C C   . LYS A 1 82  ? -6.053  -10.754 11.814  1.00 16.06 ? 180  LYS A C   1 
ATOM   626  O O   . LYS A 1 82  ? -5.466  -10.587 12.883  1.00 17.63 ? 180  LYS A O   1 
ATOM   627  C CB  . LYS A 1 82  ? -6.410  -13.188 11.536  1.00 23.92 ? 180  LYS A CB  1 
ATOM   628  C CG  . LYS A 1 82  ? -7.364  -14.366 11.428  1.00 26.68 ? 180  LYS A CG  1 
ATOM   629  C CD  . LYS A 1 82  ? -6.652  -15.697 11.544  1.00 33.75 ? 180  LYS A CD  1 
ATOM   630  C CE  . LYS A 1 82  ? -6.280  -15.983 12.991  1.00 42.22 ? 180  LYS A CE  1 
ATOM   631  N NZ  . LYS A 1 82  ? -5.955  -17.421 13.211  1.00 46.00 ? 180  LYS A NZ  1 
ATOM   632  N N   . LYS A 1 83  ? -5.811  -10.015 10.739  1.00 16.48 ? 181  LYS A N   1 
ATOM   633  C CA  . LYS A 1 83  ? -4.755  -9.000  10.764  1.00 15.10 ? 181  LYS A CA  1 
ATOM   634  C C   . LYS A 1 83  ? -5.066  -7.741  9.969   1.00 13.68 ? 181  LYS A C   1 
ATOM   635  O O   . LYS A 1 83  ? -5.910  -7.737  9.075   1.00 13.63 ? 181  LYS A O   1 
ATOM   636  C CB  . LYS A 1 83  ? -3.471  -9.606  10.192  1.00 17.08 ? 181  LYS A CB  1 
ATOM   637  C CG  . LYS A 1 83  ? -2.992  -10.881 10.862  1.00 22.43 ? 181  LYS A CG  1 
ATOM   638  C CD  . LYS A 1 83  ? -2.453  -10.637 12.263  1.00 27.71 ? 181  LYS A CD  1 
ATOM   639  C CE  . LYS A 1 83  ? -1.127  -9.905  12.233  1.00 33.67 ? 181  LYS A CE  1 
ATOM   640  N NZ  . LYS A 1 83  ? -0.512  -9.849  13.593  1.00 41.40 ? 181  LYS A NZ  1 
ATOM   641  N N   . ILE A 1 84  ? -4.365  -6.658  10.299  1.00 14.77 ? 182  ILE A N   1 
ATOM   642  C CA  . ILE A 1 84  ? -4.515  -5.417  9.562   1.00 14.31 ? 182  ILE A CA  1 
ATOM   643  C C   . ILE A 1 84  ? -3.121  -5.018  9.088   1.00 15.88 ? 182  ILE A C   1 
ATOM   644  O O   . ILE A 1 84  ? -2.179  -4.962  9.885   1.00 19.03 ? 182  ILE A O   1 
ATOM   645  C CB  . ILE A 1 84  ? -5.093  -4.289  10.430  1.00 15.26 ? 182  ILE A CB  1 
ATOM   646  C CG1 . ILE A 1 84  ? -6.544  -4.608  10.792  1.00 16.70 ? 182  ILE A CG1 1 
ATOM   647  C CG2 . ILE A 1 84  ? -5.022  -2.965  9.680   1.00 16.79 ? 182  ILE A CG2 1 
ATOM   648  C CD1 . ILE A 1 84  ? -7.211  -3.555  11.662  1.00 22.04 ? 182  ILE A CD1 1 
ATOM   649  N N   . ALA A 1 85  ? -2.986  -4.771  7.791   1.00 12.48 ? 183  ALA A N   1 
ATOM   650  C CA  . ALA A 1 85  ? -1.700  -4.365  7.237   1.00 12.42 ? 183  ALA A CA  1 
ATOM   651  C C   . ALA A 1 85  ? -1.747  -2.881  6.913   1.00 12.60 ? 183  ALA A C   1 
ATOM   652  O O   . ALA A 1 85  ? -2.808  -2.333  6.622   1.00 13.87 ? 183  ALA A O   1 
ATOM   653  C CB  . ALA A 1 85  ? -1.397  -5.158  5.957   1.00 15.03 ? 183  ALA A CB  1 
ATOM   654  N N   . LEU A 1 86  ? -0.592  -2.225  7.009   1.00 10.13 ? 184  LEU A N   1 
ATOM   655  C CA  . LEU A 1 86  ? -0.473  -0.832  6.622   1.00 10.26 ? 184  LEU A CA  1 
ATOM   656  C C   . LEU A 1 86  ? 0.328   -0.888  5.331   1.00 13.60 ? 184  LEU A C   1 
ATOM   657  O O   . LEU A 1 86  ? 1.381   -1.511  5.286   1.00 14.98 ? 184  LEU A O   1 
ATOM   658  C CB  . LEU A 1 86  ? 0.292   -0.021  7.678   1.00 9.62  ? 184  LEU A CB  1 
ATOM   659  C CG  . LEU A 1 86  ? 0.642   1.420   7.271   1.00 14.54 ? 184  LEU A CG  1 
ATOM   660  C CD1 . LEU A 1 86  ? -0.597  2.206   6.876   1.00 19.24 ? 184  LEU A CD1 1 
ATOM   661  C CD2 . LEU A 1 86  ? 1.316   2.090   8.444   1.00 22.46 ? 184  LEU A CD2 1 
ATOM   662  N N   . VAL A 1 87  ? -0.179  -0.261  4.279   1.00 10.88 ? 185  VAL A N   1 
ATOM   663  C CA  . VAL A 1 87  ? 0.491   -0.254  2.982   1.00 10.43 ? 185  VAL A CA  1 
ATOM   664  C C   . VAL A 1 87  ? 0.984   1.155   2.713   1.00 10.35 ? 185  VAL A C   1 
ATOM   665  O O   . VAL A 1 87  ? 0.249   2.122   2.904   1.00 11.63 ? 185  VAL A O   1 
ATOM   666  C CB  . VAL A 1 87  ? -0.484  -0.659  1.841   1.00 10.48 ? 185  VAL A CB  1 
ATOM   667  C CG1 . VAL A 1 87  ? 0.237   -0.683  0.501   1.00 10.30 ? 185  VAL A CG1 1 
ATOM   668  C CG2 . VAL A 1 87  ? -1.090  -2.028  2.142   1.00 14.20 ? 185  VAL A CG2 1 
ATOM   669  N N   . HIS A 1 88  ? 2.243   1.265   2.297   1.00 10.40 ? 186  HIS A N   1 
ATOM   670  C CA  . HIS A 1 88  ? 2.832   2.557   1.978   1.00 10.17 ? 186  HIS A CA  1 
ATOM   671  C C   . HIS A 1 88  ? 3.201   2.533   0.501   1.00 11.68 ? 186  HIS A C   1 
ATOM   672  O O   . HIS A 1 88  ? 3.826   1.586   0.034   1.00 13.84 ? 186  HIS A O   1 
ATOM   673  C CB  . HIS A 1 88  ? 4.106   2.779   2.800   1.00 11.18 ? 186  HIS A CB  1 
ATOM   674  C CG  . HIS A 1 88  ? 4.924   3.939   2.324   1.00 15.66 ? 186  HIS A CG  1 
ATOM   675  N ND1 . HIS A 1 88  ? 4.702   5.231   2.747   1.00 17.56 ? 186  HIS A ND1 1 
ATOM   676  C CD2 . HIS A 1 88  ? 5.920   4.007   1.409   1.00 14.85 ? 186  HIS A CD2 1 
ATOM   677  C CE1 . HIS A 1 88  ? 5.525   6.047   2.111   1.00 18.67 ? 186  HIS A CE1 1 
ATOM   678  N NE2 . HIS A 1 88  ? 6.273   5.329   1.294   1.00 14.58 ? 186  HIS A NE2 1 
ATOM   679  N N   . LEU A 1 89  ? 2.816   3.578   -0.219  1.00 9.52  ? 187  LEU A N   1 
ATOM   680  C CA  . LEU A 1 89  ? 3.100   3.694   -1.637  1.00 11.42 ? 187  LEU A CA  1 
ATOM   681  C C   . LEU A 1 89  ? 3.659   5.064   -1.984  1.00 12.81 ? 187  LEU A C   1 
ATOM   682  O O   . LEU A 1 89  ? 3.185   6.082   -1.480  1.00 13.48 ? 187  LEU A O   1 
ATOM   683  C CB  . LEU A 1 89  ? 1.806   3.471   -2.444  1.00 16.53 ? 187  LEU A CB  1 
ATOM   684  C CG  . LEU A 1 89  ? 1.819   3.753   -3.948  1.00 21.95 ? 187  LEU A CG  1 
ATOM   685  C CD1 . LEU A 1 89  ? 2.737   2.763   -4.649  1.00 20.37 ? 187  LEU A CD1 1 
ATOM   686  C CD2 . LEU A 1 89  ? 0.386   3.653   -4.505  1.00 19.82 ? 187  LEU A CD2 1 
ATOM   687  N N   . GLU A 1 90  ? 4.698   5.060   -2.816  1.00 10.96 ? 188  GLU A N   1 
ATOM   688  C CA  . GLU A 1 90  ? 5.302   6.275   -3.343  1.00 10.36 ? 188  GLU A CA  1 
ATOM   689  C C   . GLU A 1 90  ? 5.217   6.135   -4.861  1.00 11.15 ? 188  GLU A C   1 
ATOM   690  O O   . GLU A 1 90  ? 5.658   5.127   -5.416  1.00 14.55 ? 188  GLU A O   1 
ATOM   691  C CB  . GLU A 1 90  ? 6.775   6.394   -2.951  1.00 10.17 ? 188  GLU A CB  1 
ATOM   692  C CG  . GLU A 1 90  ? 7.376   7.717   -3.429  1.00 16.46 ? 188  GLU A CG  1 
ATOM   693  C CD  . GLU A 1 90  ? 8.873   7.812   -3.186  1.00 16.38 ? 188  GLU A CD  1 
ATOM   694  O OE1 . GLU A 1 90  ? 9.393   7.057   -2.344  1.00 17.61 ? 188  GLU A OE1 1 
ATOM   695  O OE2 . GLU A 1 90  ? 9.528   8.656   -3.839  1.00 18.01 ? 188  GLU A OE2 1 
ATOM   696  N N   . ALA A 1 91  ? 4.644   7.126   -5.526  1.00 10.75 ? 189  ALA A N   1 
ATOM   697  C CA  . ALA A 1 91  ? 4.538   7.094   -6.979  1.00 14.26 ? 189  ALA A CA  1 
ATOM   698  C C   . ALA A 1 91  ? 4.965   8.429   -7.568  1.00 14.18 ? 189  ALA A C   1 
ATOM   699  O O   . ALA A 1 91  ? 5.090   9.426   -6.854  1.00 14.90 ? 189  ALA A O   1 
ATOM   700  C CB  . ALA A 1 91  ? 3.093   6.770   -7.396  1.00 16.77 ? 189  ALA A CB  1 
ATOM   701  N N   . LYS A 1 92  ? 5.204   8.453   -8.873  1.00 14.89 ? 190  LYS A N   1 
ATOM   702  C CA  . LYS A 1 92  ? 5.582   9.696   -9.521  1.00 17.95 ? 190  LYS A CA  1 
ATOM   703  C C   . LYS A 1 92  ? 5.112   9.672   -10.958 1.00 19.31 ? 190  LYS A C   1 
ATOM   704  O O   . LYS A 1 92  ? 5.100   8.620   -11.604 1.00 18.39 ? 190  LYS A O   1 
ATOM   705  C CB  . LYS A 1 92  ? 7.101   9.913   -9.459  1.00 22.60 ? 190  LYS A CB  1 
ATOM   706  C CG  . LYS A 1 92  ? 7.929   9.175   -10.486 1.00 30.78 ? 190  LYS A CG  1 
ATOM   707  C CD  . LYS A 1 92  ? 9.382   9.650   -10.414 1.00 38.98 ? 190  LYS A CD  1 
ATOM   708  C CE  . LYS A 1 92  ? 10.243  9.019   -11.492 1.00 40.66 ? 190  LYS A CE  1 
ATOM   709  N NZ  . LYS A 1 92  ? 11.655  9.486   -11.412 1.00 46.00 ? 190  LYS A NZ  1 
ATOM   710  N N   . GLU A 1 93  ? 4.708   10.832  -11.453 1.00 20.56 ? 191  GLU A N   1 
ATOM   711  C CA  . GLU A 1 93  ? 4.249   10.937  -12.829 1.00 24.20 ? 191  GLU A CA  1 
ATOM   712  C C   . GLU A 1 93  ? 5.298   10.316  -13.749 1.00 20.60 ? 191  GLU A C   1 
ATOM   713  O O   . GLU A 1 93  ? 6.502   10.491  -13.556 1.00 20.40 ? 191  GLU A O   1 
ATOM   714  C CB  . GLU A 1 93  ? 4.044   12.408  -13.192 1.00 29.52 ? 191  GLU A CB  1 
ATOM   715  C CG  . GLU A 1 93  ? 3.198   12.640  -14.431 1.00 38.85 ? 191  GLU A CG  1 
ATOM   716  C CD  . GLU A 1 93  ? 3.053   14.115  -14.760 1.00 41.82 ? 191  GLU A CD  1 
ATOM   717  O OE1 . GLU A 1 93  ? 2.775   14.908  -13.832 1.00 46.28 ? 191  GLU A OE1 1 
ATOM   718  O OE2 . GLU A 1 93  ? 3.210   14.482  -15.943 1.00 43.73 ? 191  GLU A OE2 1 
ATOM   719  N N   . SER A 1 94  ? 4.834   9.569   -14.742 1.00 21.23 ? 192  SER A N   1 
ATOM   720  C CA  . SER A 1 94  ? 5.718   8.931   -15.698 1.00 20.85 ? 192  SER A CA  1 
ATOM   721  C C   . SER A 1 94  ? 5.781   9.832   -16.921 1.00 23.80 ? 192  SER A C   1 
ATOM   722  O O   . SER A 1 94  ? 4.776   10.406  -17.324 1.00 20.68 ? 192  SER A O   1 
ATOM   723  C CB  . SER A 1 94  ? 5.157   7.560   -16.096 1.00 20.87 ? 192  SER A CB  1 
ATOM   724  O OG  . SER A 1 94  ? 5.912   6.977   -17.143 1.00 26.15 ? 192  SER A OG  1 
ATOM   725  N N   . LYS A 1 95  ? 6.961   9.987   -17.503 1.00 26.79 ? 193  LYS A N   1 
ATOM   726  C CA  . LYS A 1 95  ? 7.065   10.826  -18.684 1.00 25.87 ? 193  LYS A CA  1 
ATOM   727  C C   . LYS A 1 95  ? 6.778   9.978   -19.917 1.00 25.57 ? 193  LYS A C   1 
ATOM   728  O O   . LYS A 1 95  ? 6.626   10.499  -21.020 1.00 28.82 ? 193  LYS A O   1 
ATOM   729  C CB  . LYS A 1 95  ? 8.460   11.459  -18.776 1.00 30.71 ? 193  LYS A CB  1 
ATOM   730  N N   . GLN A 1 96  ? 6.686   8.668   -19.716 1.00 25.97 ? 194  GLN A N   1 
ATOM   731  C CA  . GLN A 1 96  ? 6.428   7.743   -20.812 1.00 25.63 ? 194  GLN A CA  1 
ATOM   732  C C   . GLN A 1 96  ? 5.044   7.096   -20.783 1.00 26.88 ? 194  GLN A C   1 
ATOM   733  O O   . GLN A 1 96  ? 4.426   6.888   -21.829 1.00 23.49 ? 194  GLN A O   1 
ATOM   734  C CB  . GLN A 1 96  ? 7.484   6.641   -20.812 1.00 29.34 ? 194  GLN A CB  1 
ATOM   735  C CG  . GLN A 1 96  ? 7.199   5.505   -21.781 1.00 43.24 ? 194  GLN A CG  1 
ATOM   736  C CD  . GLN A 1 96  ? 8.281   4.443   -21.764 1.00 47.14 ? 194  GLN A CD  1 
ATOM   737  O OE1 . GLN A 1 96  ? 8.626   3.910   -20.708 1.00 53.26 ? 194  GLN A OE1 1 
ATOM   738  N NE2 . GLN A 1 96  ? 8.820   4.128   -22.936 1.00 51.00 ? 194  GLN A NE2 1 
ATOM   739  N N   . ASN A 1 97  ? 4.568   6.772   -19.586 1.00 20.19 ? 195  ASN A N   1 
ATOM   740  C CA  . ASN A 1 97  ? 3.271   6.109   -19.430 1.00 18.77 ? 195  ASN A CA  1 
ATOM   741  C C   . ASN A 1 97  ? 2.174   7.022   -18.929 1.00 15.57 ? 195  ASN A C   1 
ATOM   742  O O   . ASN A 1 97  ? 2.430   8.080   -18.360 1.00 16.18 ? 195  ASN A O   1 
ATOM   743  C CB  . ASN A 1 97  ? 3.389   4.956   -18.436 1.00 21.46 ? 195  ASN A CB  1 
ATOM   744  C CG  . ASN A 1 97  ? 4.367   3.900   -18.876 1.00 24.97 ? 195  ASN A CG  1 
ATOM   745  O OD1 . ASN A 1 97  ? 5.020   3.263   -18.045 1.00 31.29 ? 195  ASN A OD1 1 
ATOM   746  N ND2 . ASN A 1 97  ? 4.466   3.690   -20.180 1.00 19.56 ? 195  ASN A ND2 1 
ATOM   747  N N   . TYR A 1 98  ? 0.933   6.594   -19.143 1.00 16.67 ? 196  TYR A N   1 
ATOM   748  C CA  . TYR A 1 98  ? -0.209  7.338   -18.659 1.00 15.53 ? 196  TYR A CA  1 
ATOM   749  C C   . TYR A 1 98  ? -0.230  7.190   -17.135 1.00 15.16 ? 196  TYR A C   1 
ATOM   750  O O   . TYR A 1 98  ? -0.252  8.181   -16.397 1.00 15.15 ? 196  TYR A O   1 
ATOM   751  C CB  . TYR A 1 98  ? -1.501  6.755   -19.235 1.00 14.51 ? 196  TYR A CB  1 
ATOM   752  C CG  . TYR A 1 98  ? -2.743  7.357   -18.623 1.00 16.52 ? 196  TYR A CG  1 
ATOM   753  C CD1 . TYR A 1 98  ? -3.273  8.549   -19.098 1.00 16.85 ? 196  TYR A CD1 1 
ATOM   754  C CD2 . TYR A 1 98  ? -3.371  6.742   -17.537 1.00 15.27 ? 196  TYR A CD2 1 
ATOM   755  C CE1 . TYR A 1 98  ? -4.398  9.119   -18.513 1.00 18.55 ? 196  TYR A CE1 1 
ATOM   756  C CE2 . TYR A 1 98  ? -4.495  7.305   -16.945 1.00 16.04 ? 196  TYR A CE2 1 
ATOM   757  C CZ  . TYR A 1 98  ? -5.005  8.490   -17.438 1.00 19.93 ? 196  TYR A CZ  1 
ATOM   758  O OH  . TYR A 1 98  ? -6.135  9.028   -16.871 1.00 23.28 ? 196  TYR A OH  1 
ATOM   759  N N   . GLN A 1 99  ? -0.218  5.943   -16.667 1.00 15.93 ? 197  GLN A N   1 
ATOM   760  C CA  . GLN A 1 99  ? -0.244  5.674   -15.234 1.00 14.78 ? 197  GLN A CA  1 
ATOM   761  C C   . GLN A 1 99  ? 1.105   6.033   -14.620 1.00 15.60 ? 197  GLN A C   1 
ATOM   762  O O   . GLN A 1 99  ? 2.152   5.824   -15.233 1.00 14.57 ? 197  GLN A O   1 
ATOM   763  C CB  . GLN A 1 99  ? -0.582  4.195   -14.953 1.00 19.07 ? 197  GLN A CB  1 
ATOM   764  C CG  . GLN A 1 99  ? 0.508   3.182   -15.292 1.00 21.41 ? 197  GLN A CG  1 
ATOM   765  C CD  . GLN A 1 99  ? 0.575   2.824   -16.762 1.00 21.25 ? 197  GLN A CD  1 
ATOM   766  O OE1 . GLN A 1 99  ? -0.118  3.409   -17.593 1.00 20.74 ? 197  GLN A OE1 1 
ATOM   767  N NE2 . GLN A 1 99  ? 1.417   1.853   -17.091 1.00 24.91 ? 197  GLN A NE2 1 
ATOM   768  N N   . PRO A 1 100 ? 1.094   6.590   -13.401 1.00 14.52 ? 198  PRO A N   1 
ATOM   769  C CA  . PRO A 1 100 ? 2.374   6.948   -12.792 1.00 15.94 ? 198  PRO A CA  1 
ATOM   770  C C   . PRO A 1 100 ? 3.207   5.747   -12.404 1.00 12.87 ? 198  PRO A C   1 
ATOM   771  O O   . PRO A 1 100 ? 2.694   4.642   -12.216 1.00 15.60 ? 198  PRO A O   1 
ATOM   772  C CB  . PRO A 1 100 ? 1.957   7.786   -11.585 1.00 17.42 ? 198  PRO A CB  1 
ATOM   773  C CG  . PRO A 1 100 ? 0.644   7.176   -11.201 1.00 17.78 ? 198  PRO A CG  1 
ATOM   774  C CD  . PRO A 1 100 ? -0.029  7.012   -12.548 1.00 14.67 ? 198  PRO A CD  1 
ATOM   775  N N   . ASP A 1 101 ? 4.507   5.967   -12.282 1.00 13.74 ? 199  ASP A N   1 
ATOM   776  C CA  . ASP A 1 101 ? 5.407   4.901   -11.889 1.00 15.25 ? 199  ASP A CA  1 
ATOM   777  C C   . ASP A 1 101 ? 5.332   4.661   -10.388 1.00 14.18 ? 199  ASP A C   1 
ATOM   778  O O   . ASP A 1 101 ? 5.216   5.604   -9.608  1.00 16.07 ? 199  ASP A O   1 
ATOM   779  C CB  . ASP A 1 101 ? 6.854   5.254   -12.244 1.00 18.22 ? 199  ASP A CB  1 
ATOM   780  C CG  . ASP A 1 101 ? 7.076   5.381   -13.733 1.00 20.00 ? 199  ASP A CG  1 
ATOM   781  O OD1 . ASP A 1 101 ? 6.647   4.474   -14.472 1.00 24.87 ? 199  ASP A OD1 1 
ATOM   782  O OD2 . ASP A 1 101 ? 7.699   6.379   -14.159 1.00 30.19 ? 199  ASP A OD2 1 
ATOM   783  N N   . PHE A 1 102 ? 5.366   3.397   -9.983  1.00 16.12 ? 200  PHE A N   1 
ATOM   784  C CA  . PHE A 1 102 ? 5.380   3.080   -8.564  1.00 14.58 ? 200  PHE A CA  1 
ATOM   785  C C   . PHE A 1 102 ? 6.871   3.052   -8.233  1.00 17.81 ? 200  PHE A C   1 
ATOM   786  O O   . PHE A 1 102 ? 7.632   2.279   -8.816  1.00 18.29 ? 200  PHE A O   1 
ATOM   787  C CB  . PHE A 1 102 ? 4.751   1.712   -8.287  1.00 15.66 ? 200  PHE A CB  1 
ATOM   788  C CG  . PHE A 1 102 ? 3.252   1.751   -8.098  1.00 17.68 ? 200  PHE A CG  1 
ATOM   789  C CD1 . PHE A 1 102 ? 2.509   2.861   -8.492  1.00 23.61 ? 200  PHE A CD1 1 
ATOM   790  C CD2 . PHE A 1 102 ? 2.587   0.667   -7.541  1.00 23.42 ? 200  PHE A CD2 1 
ATOM   791  C CE1 . PHE A 1 102 ? 1.124   2.887   -8.332  1.00 22.54 ? 200  PHE A CE1 1 
ATOM   792  C CE2 . PHE A 1 102 ? 1.199   0.683   -7.378  1.00 26.52 ? 200  PHE A CE2 1 
ATOM   793  C CZ  . PHE A 1 102 ? 0.470   1.791   -7.772  1.00 18.95 ? 200  PHE A CZ  1 
ATOM   794  N N   . ILE A 1 103 ? 7.277   3.920   -7.313  1.00 12.31 ? 201  ILE A N   1 
ATOM   795  C CA  . ILE A 1 103 ? 8.670   4.045   -6.905  1.00 15.03 ? 201  ILE A CA  1 
ATOM   796  C C   . ILE A 1 103 ? 9.042   3.154   -5.721  1.00 15.31 ? 201  ILE A C   1 
ATOM   797  O O   . ILE A 1 103 ? 10.139  2.593   -5.667  1.00 16.06 ? 201  ILE A O   1 
ATOM   798  C CB  . ILE A 1 103 ? 8.969   5.515   -6.515  1.00 14.92 ? 201  ILE A CB  1 
ATOM   799  C CG1 . ILE A 1 103 ? 8.747   6.429   -7.717  1.00 19.77 ? 201  ILE A CG1 1 
ATOM   800  C CG2 . ILE A 1 103 ? 10.398  5.641   -5.985  1.00 17.29 ? 201  ILE A CG2 1 
ATOM   801  C CD1 . ILE A 1 103 ? 8.889   7.901   -7.392  1.00 25.11 ? 201  ILE A CD1 1 
ATOM   802  N N   . ASN A 1 104 ? 8.120   3.012   -4.780  1.00 14.42 ? 202  ASN A N   1 
ATOM   803  C CA  . ASN A 1 104 ? 8.376   2.239   -3.578  1.00 13.52 ? 202  ASN A CA  1 
ATOM   804  C C   . ASN A 1 104 ? 7.022   1.785   -3.054  1.00 12.99 ? 202  ASN A C   1 
ATOM   805  O O   . ASN A 1 104 ? 6.074   2.549   -3.074  1.00 15.44 ? 202  ASN A O   1 
ATOM   806  C CB  . ASN A 1 104 ? 9.059   3.155   -2.543  1.00 15.49 ? 202  ASN A CB  1 
ATOM   807  C CG  . ASN A 1 104 ? 9.379   2.454   -1.233  1.00 20.29 ? 202  ASN A CG  1 
ATOM   808  O OD1 . ASN A 1 104 ? 9.450   3.095   -0.174  1.00 23.00 ? 202  ASN A OD1 1 
ATOM   809  N ND2 . ASN A 1 104 ? 9.586   1.146   -1.291  1.00 19.58 ? 202  ASN A ND2 1 
ATOM   810  N N   . MET A 1 105 ? 6.928   0.538   -2.616  1.00 11.20 ? 203  MET A N   1 
ATOM   811  C CA  . MET A 1 105 ? 5.675   0.058   -2.059  1.00 12.00 ? 203  MET A CA  1 
ATOM   812  C C   . MET A 1 105 ? 5.951   -1.077  -1.089  1.00 15.21 ? 203  MET A C   1 
ATOM   813  O O   . MET A 1 105 ? 6.600   -2.064  -1.436  1.00 15.34 ? 203  MET A O   1 
ATOM   814  C CB  . MET A 1 105 ? 4.730   -0.397  -3.171  1.00 13.27 ? 203  MET A CB  1 
ATOM   815  C CG  . MET A 1 105 ? 3.375   -0.824  -2.632  1.00 13.35 ? 203  MET A CG  1 
ATOM   816  S SD  . MET A 1 105 ? 2.276   -1.388  -3.963  1.00 22.08 ? 203  MET A SD  1 
ATOM   817  C CE  . MET A 1 105 ? 0.739   -1.133  -3.175  1.00 23.40 ? 203  MET A CE  1 
ATOM   818  N N   . TYR A 1 106 ? 5.506   -0.920  0.155   1.00 12.20 ? 204  TYR A N   1 
ATOM   819  C CA  . TYR A 1 106 ? 5.728   -1.970  1.123   1.00 12.69 ? 204  TYR A CA  1 
ATOM   820  C C   . TYR A 1 106 ? 4.512   -2.147  2.009   1.00 14.01 ? 204  TYR A C   1 
ATOM   821  O O   . TYR A 1 106 ? 3.611   -1.301  2.050   1.00 13.27 ? 204  TYR A O   1 
ATOM   822  C CB  . TYR A 1 106 ? 7.005   -1.711  1.948   1.00 12.71 ? 204  TYR A CB  1 
ATOM   823  C CG  . TYR A 1 106 ? 6.981   -0.487  2.847   1.00 13.71 ? 204  TYR A CG  1 
ATOM   824  C CD1 . TYR A 1 106 ? 6.312   -0.502  4.074   1.00 14.55 ? 204  TYR A CD1 1 
ATOM   825  C CD2 . TYR A 1 106 ? 7.633   0.684   2.463   1.00 15.57 ? 204  TYR A CD2 1 
ATOM   826  C CE1 . TYR A 1 106 ? 6.293   0.627   4.902   1.00 13.35 ? 204  TYR A CE1 1 
ATOM   827  C CE2 . TYR A 1 106 ? 7.621   1.814   3.275   1.00 11.75 ? 204  TYR A CE2 1 
ATOM   828  C CZ  . TYR A 1 106 ? 6.953   1.784   4.485   1.00 15.06 ? 204  TYR A CZ  1 
ATOM   829  O OH  . TYR A 1 106 ? 6.915   2.918   5.263   1.00 20.25 ? 204  TYR A OH  1 
ATOM   830  N N   . VAL A 1 107 ? 4.489   -3.276  2.699   1.00 12.15 ? 205  VAL A N   1 
ATOM   831  C CA  . VAL A 1 107 ? 3.379   -3.620  3.561   1.00 12.58 ? 205  VAL A CA  1 
ATOM   832  C C   . VAL A 1 107 ? 3.878   -4.027  4.915   1.00 14.79 ? 205  VAL A C   1 
ATOM   833  O O   . VAL A 1 107 ? 4.756   -4.881  5.022   1.00 13.57 ? 205  VAL A O   1 
ATOM   834  C CB  . VAL A 1 107 ? 2.581   -4.800  2.971   1.00 12.18 ? 205  VAL A CB  1 
ATOM   835  C CG1 . VAL A 1 107 ? 1.402   -5.121  3.871   1.00 15.98 ? 205  VAL A CG1 1 
ATOM   836  C CG2 . VAL A 1 107 ? 2.137   -4.463  1.565   1.00 12.37 ? 205  VAL A CG2 1 
ATOM   837  N N   . ASP A 1 108 ? 3.319   -3.404  5.945   1.00 9.75  ? 206  ASP A N   1 
ATOM   838  C CA  . ASP A 1 108 ? 3.687   -3.704  7.319   1.00 12.33 ? 206  ASP A CA  1 
ATOM   839  C C   . ASP A 1 108 ? 2.551   -4.424  8.036   1.00 13.10 ? 206  ASP A C   1 
ATOM   840  O O   . ASP A 1 108 ? 1.483   -3.844  8.228   1.00 12.33 ? 206  ASP A O   1 
ATOM   841  C CB  . ASP A 1 108 ? 3.979   -2.420  8.110   1.00 10.59 ? 206  ASP A CB  1 
ATOM   842  C CG  . ASP A 1 108 ? 5.329   -1.798  7.772   1.00 12.95 ? 206  ASP A CG  1 
ATOM   843  O OD1 . ASP A 1 108 ? 6.228   -2.509  7.281   1.00 14.58 ? 206  ASP A OD1 1 
ATOM   844  O OD2 . ASP A 1 108 ? 5.486   -0.582  8.033   1.00 16.83 ? 206  ASP A OD2 1 
ATOM   845  N N   . VAL A 1 109 ? 2.788   -5.672  8.433   1.00 13.08 ? 207  VAL A N   1 
ATOM   846  C CA  . VAL A 1 109 ? 1.810   -6.454  9.188   1.00 14.42 ? 207  VAL A CA  1 
ATOM   847  C C   . VAL A 1 109 ? 2.452   -6.660  10.558  1.00 15.38 ? 207  VAL A C   1 
ATOM   848  O O   . VAL A 1 109 ? 3.606   -7.077  10.651  1.00 17.20 ? 207  VAL A O   1 
ATOM   849  C CB  . VAL A 1 109 ? 1.553   -7.821  8.545   1.00 15.12 ? 207  VAL A CB  1 
ATOM   850  C CG1 . VAL A 1 109 ? 0.562   -8.606  9.403   1.00 14.90 ? 207  VAL A CG1 1 
ATOM   851  C CG2 . VAL A 1 109 ? 1.026   -7.640  7.122   1.00 14.37 ? 207  VAL A CG2 1 
ATOM   852  N N   . PRO A 1 110 ? 1.725   -6.365  11.643  1.00 14.96 ? 208  PRO A N   1 
ATOM   853  C CA  . PRO A 1 110 ? 2.340   -6.549  12.961  1.00 19.66 ? 208  PRO A CA  1 
ATOM   854  C C   . PRO A 1 110 ? 2.942   -7.928  13.197  1.00 22.23 ? 208  PRO A C   1 
ATOM   855  O O   . PRO A 1 110 ? 2.312   -8.956  12.923  1.00 21.22 ? 208  PRO A O   1 
ATOM   856  C CB  . PRO A 1 110 ? 1.194   -6.237  13.922  1.00 20.64 ? 208  PRO A CB  1 
ATOM   857  C CG  . PRO A 1 110 ? 0.415   -5.215  13.177  1.00 17.62 ? 208  PRO A CG  1 
ATOM   858  C CD  . PRO A 1 110 ? 0.377   -5.780  11.770  1.00 18.43 ? 208  PRO A CD  1 
ATOM   859  N N   . GLY A 1 111 ? 4.175   -7.937  13.699  1.00 20.15 ? 209  GLY A N   1 
ATOM   860  C CA  . GLY A 1 111 ? 4.856   -9.185  13.984  1.00 21.40 ? 209  GLY A CA  1 
ATOM   861  C C   . GLY A 1 111 ? 5.524   -9.822  12.784  1.00 21.67 ? 209  GLY A C   1 
ATOM   862  O O   . GLY A 1 111 ? 6.106   -10.902 12.896  1.00 23.44 ? 209  GLY A O   1 
ATOM   863  N N   . GLU A 1 112 ? 5.439   -9.165  11.634  1.00 18.08 ? 210  GLU A N   1 
ATOM   864  C CA  . GLU A 1 112 ? 6.051   -9.683  10.422  1.00 17.06 ? 210  GLU A CA  1 
ATOM   865  C C   . GLU A 1 112 ? 7.069   -8.693  9.883   1.00 16.12 ? 210  GLU A C   1 
ATOM   866  O O   . GLU A 1 112 ? 6.981   -7.494  10.136  1.00 19.66 ? 210  GLU A O   1 
ATOM   867  C CB  . GLU A 1 112 ? 5.000   -9.921  9.342   1.00 15.16 ? 210  GLU A CB  1 
ATOM   868  C CG  . GLU A 1 112 ? 3.824   -10.815 9.766   1.00 16.68 ? 210  GLU A CG  1 
ATOM   869  C CD  . GLU A 1 112 ? 4.238   -12.244 10.062  1.00 25.08 ? 210  GLU A CD  1 
ATOM   870  O OE1 . GLU A 1 112 ? 5.177   -12.744 9.407   1.00 22.40 ? 210  GLU A OE1 1 
ATOM   871  O OE2 . GLU A 1 112 ? 3.605   -12.873 10.941  1.00 26.55 ? 210  GLU A OE2 1 
ATOM   872  N N   . LYS A 1 113 ? 8.025   -9.201  9.115   1.00 17.33 ? 211  LYS A N   1 
ATOM   873  C CA  . LYS A 1 113 ? 9.038   -8.342  8.532   1.00 17.65 ? 211  LYS A CA  1 
ATOM   874  C C   . LYS A 1 113 ? 8.385   -7.503  7.450   1.00 17.08 ? 211  LYS A C   1 
ATOM   875  O O   . LYS A 1 113 ? 7.509   -7.989  6.724   1.00 16.96 ? 211  LYS A O   1 
ATOM   876  C CB  . LYS A 1 113 ? 10.158  -9.185  7.917   1.00 19.32 ? 211  LYS A CB  1 
ATOM   877  C CG  . LYS A 1 113 ? 11.286  -8.359  7.319   1.00 20.73 ? 211  LYS A CG  1 
ATOM   878  C CD  . LYS A 1 113 ? 12.456  -9.244  6.934   1.00 25.58 ? 211  LYS A CD  1 
ATOM   879  C CE  . LYS A 1 113 ? 13.640  -8.403  6.477   1.00 25.84 ? 211  LYS A CE  1 
ATOM   880  N NZ  . LYS A 1 113 ? 14.820  -9.251  6.143   1.00 29.72 ? 211  LYS A NZ  1 
ATOM   881  N N   . ARG A 1 114 ? 8.796   -6.240  7.350   1.00 14.85 ? 212  ARG A N   1 
ATOM   882  C CA  . ARG A 1 114 ? 8.259   -5.357  6.327   1.00 14.67 ? 212  ARG A CA  1 
ATOM   883  C C   . ARG A 1 114 ? 8.443   -6.037  4.978   1.00 15.93 ? 212  ARG A C   1 
ATOM   884  O O   . ARG A 1 114 ? 9.537   -6.508  4.653   1.00 20.02 ? 212  ARG A O   1 
ATOM   885  C CB  . ARG A 1 114 ? 8.997   -4.015  6.349   1.00 12.92 ? 212  ARG A CB  1 
ATOM   886  C CG  . ARG A 1 114 ? 8.688   -3.122  5.181   1.00 15.66 ? 212  ARG A CG  1 
ATOM   887  C CD  . ARG A 1 114 ? 9.222   -1.727  5.458   1.00 12.55 ? 212  ARG A CD  1 
ATOM   888  N NE  . ARG A 1 114 ? 8.509   -1.097  6.567   1.00 13.61 ? 212  ARG A NE  1 
ATOM   889  C CZ  . ARG A 1 114 ? 8.836   0.087   7.079   1.00 13.34 ? 212  ARG A CZ  1 
ATOM   890  N NH1 . ARG A 1 114 ? 9.878   0.752   6.585   1.00 13.75 ? 212  ARG A NH1 1 
ATOM   891  N NH2 . ARG A 1 114 ? 8.110   0.613   8.051   1.00 14.58 ? 212  ARG A NH2 1 
ATOM   892  N N   . TYR A 1 115 ? 7.373   -6.079  4.185   1.00 12.79 ? 213  TYR A N   1 
ATOM   893  C CA  . TYR A 1 115 ? 7.403   -6.732  2.889   1.00 13.13 ? 213  TYR A CA  1 
ATOM   894  C C   . TYR A 1 115 ? 7.345   -5.753  1.727   1.00 15.04 ? 213  TYR A C   1 
ATOM   895  O O   . TYR A 1 115 ? 6.373   -5.016  1.573   1.00 16.37 ? 213  TYR A O   1 
ATOM   896  C CB  . TYR A 1 115 ? 6.226   -7.710  2.793   1.00 13.87 ? 213  TYR A CB  1 
ATOM   897  C CG  . TYR A 1 115 ? 6.312   -8.657  1.633   1.00 16.42 ? 213  TYR A CG  1 
ATOM   898  C CD1 . TYR A 1 115 ? 6.746   -9.970  1.816   1.00 21.39 ? 213  TYR A CD1 1 
ATOM   899  C CD2 . TYR A 1 115 ? 5.981   -8.242  0.346   1.00 15.77 ? 213  TYR A CD2 1 
ATOM   900  C CE1 . TYR A 1 115 ? 6.850   -10.843 0.739   1.00 22.01 ? 213  TYR A CE1 1 
ATOM   901  C CE2 . TYR A 1 115 ? 6.077   -9.110  -0.735  1.00 19.97 ? 213  TYR A CE2 1 
ATOM   902  C CZ  . TYR A 1 115 ? 6.511   -10.404 -0.531  1.00 21.30 ? 213  TYR A CZ  1 
ATOM   903  O OH  . TYR A 1 115 ? 6.611   -11.251 -1.609  1.00 22.28 ? 213  TYR A OH  1 
ATOM   904  N N   . TYR A 1 116 ? 8.383   -5.743  0.900   1.00 14.05 ? 214  TYR A N   1 
ATOM   905  C CA  . TYR A 1 116 ? 8.401   -4.843  -0.244  1.00 14.51 ? 214  TYR A CA  1 
ATOM   906  C C   . TYR A 1 116 ? 7.815   -5.455  -1.508  1.00 17.79 ? 214  TYR A C   1 
ATOM   907  O O   . TYR A 1 116 ? 8.289   -6.481  -1.995  1.00 20.67 ? 214  TYR A O   1 
ATOM   908  C CB  . TYR A 1 116 ? 9.836   -4.380  -0.538  1.00 13.61 ? 214  TYR A CB  1 
ATOM   909  C CG  . TYR A 1 116 ? 10.314  -3.285  0.385   1.00 14.58 ? 214  TYR A CG  1 
ATOM   910  C CD1 . TYR A 1 116 ? 10.239  -1.949  -0.005  1.00 15.44 ? 214  TYR A CD1 1 
ATOM   911  C CD2 . TYR A 1 116 ? 10.791  -3.577  1.663   1.00 16.95 ? 214  TYR A CD2 1 
ATOM   912  C CE1 . TYR A 1 116 ? 10.625  -0.924  0.858   1.00 14.79 ? 214  TYR A CE1 1 
ATOM   913  C CE2 . TYR A 1 116 ? 11.183  -2.557  2.538   1.00 20.18 ? 214  TYR A CE2 1 
ATOM   914  C CZ  . TYR A 1 116 ? 11.092  -1.235  2.124   1.00 16.50 ? 214  TYR A CZ  1 
ATOM   915  O OH  . TYR A 1 116 ? 11.434  -0.220  2.988   1.00 22.65 ? 214  TYR A OH  1 
ATOM   916  N N   . LEU A 1 117 ? 6.766   -4.832  -2.023  1.00 14.24 ? 215  LEU A N   1 
ATOM   917  C CA  . LEU A 1 117 ? 6.156   -5.268  -3.270  1.00 14.94 ? 215  LEU A CA  1 
ATOM   918  C C   . LEU A 1 117 ? 6.952   -4.621  -4.392  1.00 18.24 ? 215  LEU A C   1 
ATOM   919  O O   . LEU A 1 117 ? 7.147   -5.203  -5.454  1.00 18.88 ? 215  LEU A O   1 
ATOM   920  C CB  . LEU A 1 117 ? 4.695   -4.828  -3.352  1.00 19.16 ? 215  LEU A CB  1 
ATOM   921  C CG  . LEU A 1 117 ? 3.717   -5.607  -2.469  1.00 20.96 ? 215  LEU A CG  1 
ATOM   922  C CD1 . LEU A 1 117 ? 2.326   -4.982  -2.565  1.00 23.78 ? 215  LEU A CD1 1 
ATOM   923  C CD2 . LEU A 1 117 ? 3.684   -7.063  -2.906  1.00 28.01 ? 215  LEU A CD2 1 
ATOM   924  N N   . ILE A 1 118 ? 7.408   -3.398  -4.147  1.00 16.20 ? 216  ILE A N   1 
ATOM   925  C CA  . ILE A 1 118 ? 8.198   -2.681  -5.133  1.00 17.54 ? 216  ILE A CA  1 
ATOM   926  C C   . ILE A 1 118 ? 9.379   -2.075  -4.406  1.00 18.23 ? 216  ILE A C   1 
ATOM   927  O O   . ILE A 1 118 ? 9.213   -1.205  -3.550  1.00 15.65 ? 216  ILE A O   1 
ATOM   928  C CB  . ILE A 1 118 ? 7.364   -1.579  -5.819  1.00 21.76 ? 216  ILE A CB  1 
ATOM   929  C CG1 . ILE A 1 118 ? 6.229   -2.242  -6.608  1.00 25.03 ? 216  ILE A CG1 1 
ATOM   930  C CG2 . ILE A 1 118 ? 8.250   -0.733  -6.735  1.00 21.41 ? 216  ILE A CG2 1 
ATOM   931  C CD1 . ILE A 1 118 ? 5.288   -1.293  -7.284  1.00 30.43 ? 216  ILE A CD1 1 
ATOM   932  N N   . LYS A 1 119 ? 10.570  -2.575  -4.720  1.00 20.07 ? 217  LYS A N   1 
ATOM   933  C CA  . LYS A 1 119 ? 11.787  -2.071  -4.099  1.00 25.91 ? 217  LYS A CA  1 
ATOM   934  C C   . LYS A 1 119 ? 12.322  -0.927  -4.935  1.00 24.18 ? 217  LYS A C   1 
ATOM   935  O O   . LYS A 1 119 ? 12.454  -1.041  -6.154  1.00 24.28 ? 217  LYS A O   1 
ATOM   936  C CB  . LYS A 1 119 ? 12.836  -3.178  -3.991  1.00 27.61 ? 217  LYS A CB  1 
ATOM   937  C CG  . LYS A 1 119 ? 12.557  -4.176  -2.883  1.00 35.22 ? 217  LYS A CG  1 
ATOM   938  C CD  . LYS A 1 119 ? 13.649  -5.226  -2.812  1.00 39.78 ? 217  LYS A CD  1 
ATOM   939  C CE  . LYS A 1 119 ? 13.402  -6.201  -1.676  1.00 38.29 ? 217  LYS A CE  1 
ATOM   940  N NZ  . LYS A 1 119 ? 14.489  -7.217  -1.575  1.00 43.90 ? 217  LYS A NZ  1 
ATOM   941  N N   . PRO A 1 120 ? 12.643  0.197   -4.284  1.00 24.01 ? 218  PRO A N   1 
ATOM   942  C CA  . PRO A 1 120 ? 13.161  1.373   -4.983  1.00 22.27 ? 218  PRO A CA  1 
ATOM   943  C C   . PRO A 1 120 ? 14.437  1.102   -5.770  1.00 22.41 ? 218  PRO A C   1 
ATOM   944  O O   . PRO A 1 120 ? 15.220  0.210   -5.425  1.00 23.01 ? 218  PRO A O   1 
ATOM   945  C CB  . PRO A 1 120 ? 13.389  2.374   -3.851  1.00 24.07 ? 218  PRO A CB  1 
ATOM   946  C CG  . PRO A 1 120 ? 12.397  1.960   -2.813  1.00 26.83 ? 218  PRO A CG  1 
ATOM   947  C CD  . PRO A 1 120 ? 12.522  0.462   -2.840  1.00 26.76 ? 218  PRO A CD  1 
ATOM   948  N N   . LYS A 1 121 ? 14.636  1.877   -6.830  1.00 22.93 ? 219  LYS A N   1 
ATOM   949  C CA  . LYS A 1 121 ? 15.832  1.747   -7.654  1.00 24.42 ? 219  LYS A CA  1 
ATOM   950  C C   . LYS A 1 121 ? 17.027  2.108   -6.774  1.00 23.52 ? 219  LYS A C   1 
ATOM   951  O O   . LYS A 1 121 ? 18.085  1.488   -6.868  1.00 21.73 ? 219  LYS A O   1 
ATOM   952  C CB  . LYS A 1 121 ? 15.761  2.694   -8.850  1.00 26.68 ? 219  LYS A CB  1 
ATOM   953  C CG  . LYS A 1 121 ? 16.865  2.480   -9.882  1.00 32.42 ? 219  LYS A CG  1 
ATOM   954  C CD  . LYS A 1 121 ? 16.715  3.445   -11.053 1.00 37.80 ? 219  LYS A CD  1 
ATOM   955  C CE  . LYS A 1 121 ? 17.793  3.222   -12.100 1.00 40.53 ? 219  LYS A CE  1 
ATOM   956  N NZ  . LYS A 1 121 ? 17.683  4.186   -13.234 1.00 45.19 ? 219  LYS A NZ  1 
ATOM   957  N N   . LEU A 1 122 ? 16.842  3.126   -5.932  1.00 21.32 ? 220  LEU A N   1 
ATOM   958  C CA  . LEU A 1 122 ? 17.873  3.572   -4.999  1.00 25.53 ? 220  LEU A CA  1 
ATOM   959  C C   . LEU A 1 122 ? 17.722  2.680   -3.784  1.00 27.45 ? 220  LEU A C   1 
ATOM   960  O O   . LEU A 1 122 ? 16.817  2.878   -2.971  1.00 27.40 ? 220  LEU A O   1 
ATOM   961  C CB  . LEU A 1 122 ? 17.639  5.026   -4.590  1.00 29.93 ? 220  LEU A CB  1 
ATOM   962  C CG  . LEU A 1 122 ? 18.269  6.119   -5.447  1.00 34.60 ? 220  LEU A CG  1 
ATOM   963  C CD1 . LEU A 1 122 ? 17.779  7.476   -4.970  1.00 32.95 ? 220  LEU A CD1 1 
ATOM   964  C CD2 . LEU A 1 122 ? 19.789  6.033   -5.350  1.00 37.79 ? 220  LEU A CD2 1 
ATOM   965  N N   . HIS A 1 123 ? 18.615  1.707   -3.662  1.00 23.84 ? 221  HIS A N   1 
ATOM   966  C CA  . HIS A 1 123 ? 18.557  0.739   -2.578  1.00 25.23 ? 221  HIS A CA  1 
ATOM   967  C C   . HIS A 1 123 ? 19.765  0.744   -1.660  1.00 22.30 ? 221  HIS A C   1 
ATOM   968  O O   . HIS A 1 123 ? 20.843  1.209   -2.024  1.00 19.80 ? 221  HIS A O   1 
ATOM   969  C CB  . HIS A 1 123 ? 18.441  -0.668  -3.165  1.00 24.08 ? 221  HIS A CB  1 
ATOM   970  C CG  . HIS A 1 123 ? 19.595  -1.044  -4.041  1.00 23.55 ? 221  HIS A CG  1 
ATOM   971  N ND1 . HIS A 1 123 ? 19.645  -0.733  -5.383  1.00 24.35 ? 221  HIS A ND1 1 
ATOM   972  C CD2 . HIS A 1 123 ? 20.763  -1.668  -3.757  1.00 23.58 ? 221  HIS A CD2 1 
ATOM   973  C CE1 . HIS A 1 123 ? 20.792  -1.152  -5.889  1.00 28.40 ? 221  HIS A CE1 1 
ATOM   974  N NE2 . HIS A 1 123 ? 21.489  -1.723  -4.922  1.00 31.74 ? 221  HIS A NE2 1 
ATOM   975  N N   . PRO A 1 124 ? 19.593  0.223   -0.439  1.00 22.59 ? 222  PRO A N   1 
ATOM   976  C CA  . PRO A 1 124 ? 20.703  0.167   0.510   1.00 23.18 ? 222  PRO A CA  1 
ATOM   977  C C   . PRO A 1 124 ? 21.822  -0.668  -0.113  1.00 23.70 ? 222  PRO A C   1 
ATOM   978  O O   . PRO A 1 124 ? 21.555  -1.606  -0.872  1.00 24.79 ? 222  PRO A O   1 
ATOM   979  C CB  . PRO A 1 124 ? 20.075  -0.523  1.715   1.00 26.04 ? 222  PRO A CB  1 
ATOM   980  C CG  . PRO A 1 124 ? 18.694  0.044   1.707   1.00 24.47 ? 222  PRO A CG  1 
ATOM   981  C CD  . PRO A 1 124 ? 18.311  -0.043  0.239   1.00 25.25 ? 222  PRO A CD  1 
ATOM   982  N N   . VAL A 1 125 ? 23.071  -0.324  0.185   1.00 23.47 ? 223  VAL A N   1 
ATOM   983  C CA  . VAL A 1 125 ? 24.204  -1.070  -0.349  1.00 24.14 ? 223  VAL A CA  1 
ATOM   984  C C   . VAL A 1 125 ? 24.073  -2.542  0.032   1.00 27.69 ? 223  VAL A C   1 
ATOM   985  O O   . VAL A 1 125 ? 24.473  -3.426  -0.730  1.00 30.49 ? 223  VAL A O   1 
ATOM   986  C CB  . VAL A 1 125 ? 25.539  -0.507  0.170   1.00 25.67 ? 223  VAL A CB  1 
ATOM   987  C CG1 . VAL A 1 125 ? 26.694  -1.392  -0.281  1.00 32.78 ? 223  VAL A CG1 1 
ATOM   988  C CG2 . VAL A 1 125 ? 25.739  0.901   -0.365  1.00 30.88 ? 223  VAL A CG2 1 
ATOM   989  N N   . SER A 1 126 ? 23.515  -2.796  1.215   1.00 28.38 ? 224  SER A N   1 
ATOM   990  C CA  . SER A 1 126 ? 23.281  -4.164  1.678   1.00 34.50 ? 224  SER A CA  1 
ATOM   991  C C   . SER A 1 126 ? 21.893  -4.504  1.150   1.00 38.53 ? 224  SER A C   1 
ATOM   992  O O   . SER A 1 126 ? 20.915  -4.510  1.897   1.00 41.67 ? 224  SER A O   1 
ATOM   993  C CB  . SER A 1 126 ? 23.281  -4.236  3.209   1.00 35.20 ? 224  SER A CB  1 
ATOM   994  O OG  . SER A 1 126 ? 24.559  -3.937  3.742   1.00 37.69 ? 224  SER A OG  1 
ATOM   995  N N   . ASN A 1 127 ? 21.825  -4.770  -0.151  1.00 44.14 ? 225  ASN A N   1 
ATOM   996  C CA  . ASN A 1 127 ? 20.569  -5.072  -0.826  1.00 45.78 ? 225  ASN A CA  1 
ATOM   997  C C   . ASN A 1 127 ? 20.197  -6.544  -0.734  1.00 47.01 ? 225  ASN A C   1 
ATOM   998  O O   . ASN A 1 127 ? 20.066  -7.204  -1.786  1.00 50.16 ? 225  ASN A O   1 
ATOM   999  C CB  . ASN A 1 127 ? 20.670  -4.645  -2.291  1.00 44.58 ? 225  ASN A CB  1 
ATOM   1000 C CG  . ASN A 1 127 ? 19.318  -4.454  -2.933  1.00 45.37 ? 225  ASN A CG  1 
ATOM   1001 O OD1 . ASN A 1 127 ? 18.422  -3.848  -2.341  1.00 49.66 ? 225  ASN A OD1 1 
ATOM   1002 N ND2 . ASN A 1 127 ? 19.162  -4.956  -4.155  1.00 45.10 ? 225  ASN A ND2 1 
ATOM   1003 O OXT . ASN A 1 127 ? 20.037  -7.021  0.402   1.00 50.95 ? 225  ASN A OXT 1 
HETATM 1004 O O   . HOH B 2 .   ? -2.999  7.612   -10.424 1.00 17.73 ? 2001 HOH A O   1 
HETATM 1005 O O   . HOH B 2 .   ? -9.308  10.635  -7.571  1.00 32.34 ? 2002 HOH A O   1 
HETATM 1006 O O   . HOH B 2 .   ? -2.947  11.091  -7.448  1.00 23.57 ? 2003 HOH A O   1 
HETATM 1007 O O   . HOH B 2 .   ? -4.673  14.147  -3.669  1.00 31.02 ? 2004 HOH A O   1 
HETATM 1008 O O   . HOH B 2 .   ? -6.731  12.584  -6.921  1.00 27.27 ? 2005 HOH A O   1 
HETATM 1009 O O   . HOH B 2 .   ? -10.229 10.396  -4.929  1.00 42.89 ? 2006 HOH A O   1 
HETATM 1010 O O   . HOH B 2 .   ? -11.831 3.052   -5.090  1.00 33.22 ? 2007 HOH A O   1 
HETATM 1011 O O   . HOH B 2 .   ? -13.187 2.898   -8.037  1.00 36.67 ? 2008 HOH A O   1 
HETATM 1012 O O   . HOH B 2 .   ? -2.397  4.761   -11.210 1.00 18.57 ? 2009 HOH A O   1 
HETATM 1013 O O   . HOH B 2 .   ? -2.280  -3.666  -9.938  1.00 27.03 ? 2010 HOH A O   1 
HETATM 1014 O O   . HOH B 2 .   ? 4.013   1.953   -14.003 1.00 30.76 ? 2011 HOH A O   1 
HETATM 1015 O O   . HOH B 2 .   ? -9.435  -5.217  -7.328  1.00 34.84 ? 2012 HOH A O   1 
HETATM 1016 O O   . HOH B 2 .   ? 0.977   -8.722  -6.453  1.00 28.37 ? 2013 HOH A O   1 
HETATM 1017 O O   . HOH B 2 .   ? -10.774 -7.842  -5.005  1.00 41.99 ? 2014 HOH A O   1 
HETATM 1018 O O   . HOH B 2 .   ? -9.392  -10.463 -1.118  1.00 20.00 ? 2015 HOH A O   1 
HETATM 1019 O O   . HOH B 2 .   ? -6.844  -7.922  -7.137  1.00 31.89 ? 2016 HOH A O   1 
HETATM 1020 O O   . HOH B 2 .   ? -3.031  -14.602 -4.568  1.00 45.51 ? 2017 HOH A O   1 
HETATM 1021 O O   . HOH B 2 .   ? -1.289  -17.125 0.149   1.00 26.66 ? 2018 HOH A O   1 
HETATM 1022 O O   . HOH B 2 .   ? 1.595   -13.571 -5.667  1.00 35.59 ? 2019 HOH A O   1 
HETATM 1023 O O   . HOH B 2 .   ? 4.699   -14.975 3.894   1.00 42.17 ? 2020 HOH A O   1 
HETATM 1024 O O   . HOH B 2 .   ? 0.943   -13.022 10.406  1.00 26.83 ? 2021 HOH A O   1 
HETATM 1025 O O   . HOH B 2 .   ? -6.380  -18.183 8.545   1.00 35.84 ? 2022 HOH A O   1 
HETATM 1026 O O   . HOH B 2 .   ? -3.283  -14.189 14.368  1.00 42.27 ? 2023 HOH A O   1 
HETATM 1027 O O   . HOH B 2 .   ? -3.048  -17.826 4.743   1.00 31.46 ? 2024 HOH A O   1 
HETATM 1028 O O   . HOH B 2 .   ? -5.234  -20.415 4.297   1.00 36.35 ? 2025 HOH A O   1 
HETATM 1029 O O   . HOH B 2 .   ? -3.239  -17.188 2.143   1.00 36.83 ? 2026 HOH A O   1 
HETATM 1030 O O   . HOH B 2 .   ? -8.495  -20.035 -1.982  1.00 42.40 ? 2027 HOH A O   1 
HETATM 1031 O O   . HOH B 2 .   ? -11.474 -24.936 -5.447  1.00 23.76 ? 2028 HOH A O   1 
HETATM 1032 O O   . HOH B 2 .   ? -14.760 -24.428 -5.024  1.00 33.29 ? 2029 HOH A O   1 
HETATM 1033 O O   . HOH B 2 .   ? -12.133 -23.285 2.069   1.00 31.38 ? 2030 HOH A O   1 
HETATM 1034 O O   . HOH B 2 .   ? -12.466 -17.218 -4.252  1.00 37.61 ? 2031 HOH A O   1 
HETATM 1035 O O   . HOH B 2 .   ? -12.276 -10.704 5.433   1.00 23.64 ? 2032 HOH A O   1 
HETATM 1036 O O   . HOH B 2 .   ? -8.202  -14.261 8.285   1.00 18.91 ? 2033 HOH A O   1 
HETATM 1037 O O   . HOH B 2 .   ? -14.637 -13.667 2.976   1.00 25.77 ? 2034 HOH A O   1 
HETATM 1038 O O   . HOH B 2 .   ? -3.789  7.992   -13.165 1.00 24.55 ? 2035 HOH A O   1 
HETATM 1039 O O   . HOH B 2 .   ? -1.628  9.578   -9.233  1.00 32.96 ? 2036 HOH A O   1 
HETATM 1040 O O   . HOH B 2 .   ? -14.292 -5.423  1.066   1.00 36.97 ? 2037 HOH A O   1 
HETATM 1041 O O   . HOH B 2 .   ? -12.582 -8.271  -1.110  1.00 29.46 ? 2038 HOH A O   1 
HETATM 1042 O O   . HOH B 2 .   ? -14.014 -0.657  1.070   1.00 40.77 ? 2039 HOH A O   1 
HETATM 1043 O O   . HOH B 2 .   ? -3.184  -5.949  -10.059 1.00 39.79 ? 2040 HOH A O   1 
HETATM 1044 O O   . HOH B 2 .   ? -11.316 -8.833  -7.601  1.00 43.22 ? 2041 HOH A O   1 
HETATM 1045 O O   . HOH B 2 .   ? -3.585  9.214   4.720   1.00 27.18 ? 2042 HOH A O   1 
HETATM 1046 O O   . HOH B 2 .   ? -0.070  5.267   8.823   1.00 36.17 ? 2043 HOH A O   1 
HETATM 1047 O O   . HOH B 2 .   ? 1.412   8.757   7.903   1.00 39.58 ? 2044 HOH A O   1 
HETATM 1048 O O   . HOH B 2 .   ? -2.232  4.484   10.355  1.00 31.05 ? 2045 HOH A O   1 
HETATM 1049 O O   . HOH B 2 .   ? -3.257  -19.920 2.395   1.00 43.69 ? 2046 HOH A O   1 
HETATM 1050 O O   . HOH B 2 .   ? -1.763  7.846   23.590  1.00 43.81 ? 2047 HOH A O   1 
HETATM 1051 O O   . HOH B 2 .   ? -9.885  -16.235 9.607   1.00 21.43 ? 2048 HOH A O   1 
HETATM 1052 O O   . HOH B 2 .   ? -6.906  11.869  27.121  1.00 36.57 ? 2049 HOH A O   1 
HETATM 1053 O O   . HOH B 2 .   ? -9.533  4.137   23.412  1.00 41.71 ? 2050 HOH A O   1 
HETATM 1054 O O   . HOH B 2 .   ? -10.481 13.298  27.496  1.00 44.66 ? 2051 HOH A O   1 
HETATM 1055 O O   . HOH B 2 .   ? -15.349 9.670   14.384  1.00 41.41 ? 2052 HOH A O   1 
HETATM 1056 O O   . HOH B 2 .   ? -14.000 3.156   16.071  1.00 20.36 ? 2053 HOH A O   1 
HETATM 1057 O O   . HOH B 2 .   ? -8.737  4.591   19.461  1.00 32.34 ? 2054 HOH A O   1 
HETATM 1058 O O   . HOH B 2 .   ? -14.047 7.226   7.298   1.00 40.64 ? 2055 HOH A O   1 
HETATM 1059 O O   . HOH B 2 .   ? -13.005 5.453   2.020   1.00 34.29 ? 2056 HOH A O   1 
HETATM 1060 O O   . HOH B 2 .   ? -11.035 5.437   3.628   1.00 20.32 ? 2057 HOH A O   1 
HETATM 1061 O O   . HOH B 2 .   ? -5.034  14.764  11.055  1.00 46.98 ? 2058 HOH A O   1 
HETATM 1062 O O   . HOH B 2 .   ? -2.148  13.060  3.043   1.00 45.14 ? 2059 HOH A O   1 
HETATM 1063 O O   . HOH B 2 .   ? -5.872  7.942   4.050   1.00 23.50 ? 2060 HOH A O   1 
HETATM 1064 O O   . HOH B 2 .   ? -7.482  11.859  4.480   1.00 43.71 ? 2061 HOH A O   1 
HETATM 1065 O O   . HOH B 2 .   ? -10.625 10.685  -0.656  1.00 28.86 ? 2062 HOH A O   1 
HETATM 1066 O O   . HOH B 2 .   ? -11.888 7.413   0.714   1.00 33.78 ? 2063 HOH A O   1 
HETATM 1067 O O   . HOH B 2 .   ? -13.608 -15.199 12.142  1.00 34.52 ? 2064 HOH A O   1 
HETATM 1068 O O   . HOH B 2 .   ? -4.060  -0.810  13.720  1.00 38.14 ? 2065 HOH A O   1 
HETATM 1069 O O   . HOH B 2 .   ? -2.149  8.753   2.558   1.00 19.81 ? 2066 HOH A O   1 
HETATM 1070 O O   . HOH B 2 .   ? -3.274  14.967  1.276   1.00 22.10 ? 2067 HOH A O   1 
HETATM 1071 O O   . HOH B 2 .   ? -1.307  16.679  1.482   1.00 24.95 ? 2068 HOH A O   1 
HETATM 1072 O O   . HOH B 2 .   ? 10.190  7.067   1.912   1.00 47.24 ? 2069 HOH A O   1 
HETATM 1073 O O   . HOH B 2 .   ? 2.229   19.689  -2.091  1.00 36.10 ? 2070 HOH A O   1 
HETATM 1074 O O   . HOH B 2 .   ? -2.897  19.348  -2.709  1.00 48.29 ? 2071 HOH A O   1 
HETATM 1075 O O   . HOH B 2 .   ? -2.139  14.872  -3.525  1.00 35.71 ? 2072 HOH A O   1 
HETATM 1076 O O   . HOH B 2 .   ? -13.584 -8.258  12.264  1.00 40.87 ? 2073 HOH A O   1 
HETATM 1077 O O   . HOH B 2 .   ? -12.336 -7.756  14.491  1.00 37.22 ? 2074 HOH A O   1 
HETATM 1078 O O   . HOH B 2 .   ? -9.341  -7.370  14.559  1.00 31.36 ? 2075 HOH A O   1 
HETATM 1079 O O   . HOH B 2 .   ? 10.250  18.483  -0.632  1.00 15.07 ? 2076 HOH A O   1 
HETATM 1080 O O   . HOH B 2 .   ? 7.123   19.969  -1.839  1.00 19.23 ? 2077 HOH A O   1 
HETATM 1081 O O   . HOH B 2 .   ? 11.765  14.982  -1.339  1.00 24.19 ? 2078 HOH A O   1 
HETATM 1082 O O   . HOH B 2 .   ? -9.356  -7.833  16.942  1.00 37.54 ? 2079 HOH A O   1 
HETATM 1083 O O   . HOH B 2 .   ? -11.035 -15.662 12.101  1.00 31.16 ? 2080 HOH A O   1 
HETATM 1084 O O   . HOH B 2 .   ? 13.581  20.960  -5.819  1.00 28.30 ? 2081 HOH A O   1 
HETATM 1085 O O   . HOH B 2 .   ? 13.212  12.887  -10.292 1.00 34.89 ? 2082 HOH A O   1 
HETATM 1086 O O   . HOH B 2 .   ? -2.720  -3.799  13.683  1.00 26.09 ? 2083 HOH A O   1 
HETATM 1087 O O   . HOH B 2 .   ? 14.885  14.204  -3.683  1.00 33.41 ? 2084 HOH A O   1 
HETATM 1088 O O   . HOH B 2 .   ? 21.920  17.984  -1.024  1.00 45.52 ? 2085 HOH A O   1 
HETATM 1089 O O   . HOH B 2 .   ? 15.656  13.891  -6.119  1.00 39.11 ? 2086 HOH A O   1 
HETATM 1090 O O   . HOH B 2 .   ? 14.668  21.828  -8.256  1.00 40.77 ? 2087 HOH A O   1 
HETATM 1091 O O   . HOH B 2 .   ? 12.839  8.853   -6.928  1.00 37.19 ? 2088 HOH A O   1 
HETATM 1092 O O   . HOH B 2 .   ? 13.685  6.111   -3.778  1.00 38.70 ? 2089 HOH A O   1 
HETATM 1093 O O   . HOH B 2 .   ? 12.732  5.296   -0.013  1.00 41.00 ? 2090 HOH A O   1 
HETATM 1094 O O   . HOH B 2 .   ? 3.090   15.477  -20.188 1.00 40.65 ? 2091 HOH A O   1 
HETATM 1095 O O   . HOH B 2 .   ? 7.561   5.568   -26.599 1.00 50.48 ? 2092 HOH A O   1 
HETATM 1096 O O   . HOH B 2 .   ? -5.622  9.707   -13.254 1.00 46.93 ? 2093 HOH A O   1 
HETATM 1097 O O   . HOH B 2 .   ? -4.196  11.390  -11.891 1.00 32.50 ? 2094 HOH A O   1 
HETATM 1098 O O   . HOH B 2 .   ? 6.609   19.055  -9.992  1.00 40.17 ? 2095 HOH A O   1 
HETATM 1099 O O   . HOH B 2 .   ? 3.766   -1.421  -11.119 1.00 51.17 ? 2096 HOH A O   1 
HETATM 1100 O O   . HOH B 2 .   ? 12.191  12.219  -3.532  1.00 31.43 ? 2097 HOH A O   1 
HETATM 1101 O O   . HOH B 2 .   ? 8.091   7.652   3.561   1.00 38.99 ? 2098 HOH A O   1 
HETATM 1102 O O   . HOH B 2 .   ? 10.656  4.289   4.106   1.00 44.91 ? 2099 HOH A O   1 
HETATM 1103 O O   . HOH B 2 .   ? -0.266  10.278  2.669   1.00 36.27 ? 2100 HOH A O   1 
HETATM 1104 O O   . HOH B 2 .   ? 9.919   13.512  -2.868  1.00 36.22 ? 2101 HOH A O   1 
HETATM 1105 O O   . HOH B 2 .   ? 10.760  9.314   -0.631  1.00 32.96 ? 2102 HOH A O   1 
HETATM 1106 O O   . HOH B 2 .   ? 12.867  -3.460  9.634   1.00 46.07 ? 2103 HOH A O   1 
HETATM 1107 O O   . HOH B 2 .   ? 13.115  -6.626  1.852   1.00 38.35 ? 2104 HOH A O   1 
HETATM 1108 O O   . HOH B 2 .   ? -4.865  7.100   1.614   1.00 23.12 ? 2105 HOH A O   1 
HETATM 1109 O O   . HOH B 2 .   ? 7.575   6.372   8.777   1.00 24.49 ? 2106 HOH A O   1 
HETATM 1110 O O   . HOH B 2 .   ? 15.131  6.490   -8.071  1.00 44.99 ? 2107 HOH A O   1 
HETATM 1111 O O   . HOH B 2 .   ? -11.817 -8.383  6.790   1.00 21.99 ? 2108 HOH A O   1 
HETATM 1112 O O   . HOH B 2 .   ? -12.355 -8.161  9.426   1.00 33.86 ? 2109 HOH A O   1 
HETATM 1113 O O   . HOH B 2 .   ? -9.587  -7.943  11.688  1.00 24.97 ? 2110 HOH A O   1 
HETATM 1114 O O   . HOH B 2 .   ? -12.949 -3.207  9.966   1.00 22.85 ? 2111 HOH A O   1 
HETATM 1115 O O   . HOH B 2 .   ? -13.094 -5.599  11.768  1.00 35.99 ? 2112 HOH A O   1 
HETATM 1116 O O   . HOH B 2 .   ? -9.820  -13.399 14.077  1.00 40.95 ? 2113 HOH A O   1 
HETATM 1117 O O   . HOH B 2 .   ? -10.754 -9.650  14.154  1.00 33.89 ? 2114 HOH A O   1 
HETATM 1118 O O   . HOH B 2 .   ? -8.663  -10.471 15.309  1.00 42.81 ? 2115 HOH A O   1 
HETATM 1119 O O   . HOH B 2 .   ? -4.890  -12.003 14.984  1.00 41.20 ? 2116 HOH A O   1 
HETATM 1120 O O   . HOH B 2 .   ? -4.024  -18.117 11.656  1.00 38.42 ? 2117 HOH A O   1 
HETATM 1121 O O   . HOH B 2 .   ? -1.634  -7.693  15.078  1.00 27.48 ? 2118 HOH A O   1 
HETATM 1122 O O   . HOH B 2 .   ? -3.012  -6.696  13.033  1.00 19.79 ? 2119 HOH A O   1 
HETATM 1123 O O   . HOH B 2 .   ? -1.510  -2.838  11.365  1.00 27.89 ? 2120 HOH A O   1 
HETATM 1124 O O   . HOH B 2 .   ? 11.619  5.530   -2.203  1.00 24.10 ? 2121 HOH A O   1 
HETATM 1125 O O   . HOH B 2 .   ? 8.699   6.001   -0.007  1.00 15.65 ? 2122 HOH A O   1 
HETATM 1126 O O   . HOH B 2 .   ? 12.382  8.427   -4.105  1.00 35.35 ? 2123 HOH A O   1 
HETATM 1127 O O   . HOH B 2 .   ? 3.963   13.353  -18.163 1.00 32.18 ? 2124 HOH A O   1 
HETATM 1128 O O   . HOH B 2 .   ? 8.053   5.807   -16.791 1.00 40.88 ? 2125 HOH A O   1 
HETATM 1129 O O   . HOH B 2 .   ? 9.190   8.874   -16.425 1.00 42.02 ? 2126 HOH A O   1 
HETATM 1130 O O   . HOH B 2 .   ? 6.618   13.094  -21.515 1.00 34.11 ? 2127 HOH A O   1 
HETATM 1131 O O   . HOH B 2 .   ? 5.260   5.539   -24.310 1.00 29.39 ? 2128 HOH A O   1 
HETATM 1132 O O   . HOH B 2 .   ? 5.605   1.828   -21.643 1.00 35.64 ? 2129 HOH A O   1 
HETATM 1133 O O   . HOH B 2 .   ? -2.145  9.397   -14.783 1.00 24.96 ? 2130 HOH A O   1 
HETATM 1134 O O   . HOH B 2 .   ? -6.348  11.913  -17.779 1.00 33.50 ? 2131 HOH A O   1 
HETATM 1135 O O   . HOH B 2 .   ? 0.081   10.669  -13.892 1.00 33.46 ? 2132 HOH A O   1 
HETATM 1136 O O   . HOH B 2 .   ? 1.971   9.510   -15.228 1.00 18.63 ? 2133 HOH A O   1 
HETATM 1137 O O   . HOH B 2 .   ? -8.588  7.603   -16.606 1.00 32.65 ? 2134 HOH A O   1 
HETATM 1138 O O   . HOH B 2 .   ? -5.827  11.906  -14.669 1.00 34.61 ? 2135 HOH A O   1 
HETATM 1139 O O   . HOH B 2 .   ? 4.325   4.111   -15.279 1.00 20.78 ? 2136 HOH A O   1 
HETATM 1140 O O   . HOH B 2 .   ? 10.312  6.131   -12.703 1.00 46.01 ? 2137 HOH A O   1 
HETATM 1141 O O   . HOH B 2 .   ? 5.298   1.211   -11.885 1.00 23.95 ? 2138 HOH A O   1 
HETATM 1142 O O   . HOH B 2 .   ? 7.701   -0.769  -10.692 1.00 47.58 ? 2139 HOH A O   1 
HETATM 1143 O O   . HOH B 2 .   ? 8.205   5.282   4.775   1.00 27.51 ? 2140 HOH A O   1 
HETATM 1144 O O   . HOH B 2 .   ? 5.840   3.111   7.675   1.00 30.15 ? 2141 HOH A O   1 
HETATM 1145 O O   . HOH B 2 .   ? 4.172   1.121   9.375   1.00 21.68 ? 2142 HOH A O   1 
HETATM 1146 O O   . HOH B 2 .   ? 1.189   -2.393  10.548  1.00 20.76 ? 2143 HOH A O   1 
HETATM 1147 O O   . HOH B 2 .   ? 5.883   -12.406 15.030  1.00 45.52 ? 2144 HOH A O   1 
HETATM 1148 O O   . HOH B 2 .   ? 7.614   -11.996 8.335   1.00 22.80 ? 2145 HOH A O   1 
HETATM 1149 O O   . HOH B 2 .   ? 5.591   -15.159 7.116   1.00 36.87 ? 2146 HOH A O   1 
HETATM 1150 O O   . HOH B 2 .   ? 4.032   -14.709 12.849  1.00 44.43 ? 2147 HOH A O   1 
HETATM 1151 O O   . HOH B 2 .   ? 4.925   -6.925  7.024   1.00 16.21 ? 2148 HOH A O   1 
HETATM 1152 O O   . HOH B 2 .   ? 7.603   -10.495 5.628   1.00 23.89 ? 2149 HOH A O   1 
HETATM 1153 O O   . HOH B 2 .   ? 12.186  -5.737  4.416   1.00 29.19 ? 2150 HOH A O   1 
HETATM 1154 O O   . HOH B 2 .   ? 10.659  -5.075  9.501   1.00 31.54 ? 2151 HOH A O   1 
HETATM 1155 O O   . HOH B 2 .   ? 10.591  -9.160  3.910   1.00 32.79 ? 2152 HOH A O   1 
HETATM 1156 O O   . HOH B 2 .   ? 11.155  2.404   2.337   1.00 25.04 ? 2153 HOH A O   1 
HETATM 1157 O O   . HOH B 2 .   ? 10.528  -7.584  1.244   1.00 26.48 ? 2154 HOH A O   1 
HETATM 1158 O O   . HOH B 2 .   ? 12.460  -0.225  5.416   1.00 34.48 ? 2155 HOH A O   1 
HETATM 1159 O O   . HOH B 2 .   ? 8.826   -5.811  -7.692  1.00 39.34 ? 2156 HOH A O   1 
HETATM 1160 O O   . HOH B 2 .   ? 10.927  -4.374  -6.880  1.00 32.12 ? 2157 HOH A O   1 
HETATM 1161 O O   . HOH B 2 .   ? 15.562  -9.835  0.066   1.00 44.16 ? 2158 HOH A O   1 
HETATM 1162 O O   . HOH B 2 .   ? 11.756  -0.075  -8.714  1.00 35.73 ? 2159 HOH A O   1 
HETATM 1163 O O   . HOH B 2 .   ? 15.407  -0.493  -2.609  1.00 35.47 ? 2160 HOH A O   1 
HETATM 1164 O O   . HOH B 2 .   ? 19.606  6.444   -11.681 1.00 43.44 ? 2161 HOH A O   1 
HETATM 1165 O O   . HOH B 2 .   ? 12.345  3.388   -7.413  1.00 33.11 ? 2162 HOH A O   1 
HETATM 1166 O O   . HOH B 2 .   ? 14.370  4.885   -6.198  1.00 25.40 ? 2163 HOH A O   1 
HETATM 1167 O O   . HOH B 2 .   ? 20.527  -3.036  4.254   1.00 43.53 ? 2164 HOH A O   1 
HETATM 1168 O O   . HOH B 2 .   ? 25.594  -1.939  4.772   1.00 44.54 ? 2165 HOH A O   1 
HETATM 1169 O O   . HOH B 2 .   ? 17.856  -9.691  -2.204  1.00 46.24 ? 2166 HOH A O   1 
HETATM 1170 O O   . HOH B 2 .   ? 16.637  -3.807  -4.173  1.00 46.60 ? 2167 HOH A O   1 
# 
